data_6EGU
#
_entry.id   6EGU
#
_cell.length_a   64.567
_cell.length_b   195.729
_cell.length_c   65.496
_cell.angle_alpha   90.00
_cell.angle_beta   113.96
_cell.angle_gamma   90.00
#
_symmetry.space_group_name_H-M   'P 1 21 1'
#
loop_
_entity.id
_entity.type
_entity.pdbx_description
1 polymer 'RVFV ENVELOPE PROTEIN GC'
2 branched beta-L-fucopyranose-(1-6)-2-acetamido-2-deoxy-beta-D-glucopyranose
3 non-polymer 2-acetamido-2-deoxy-beta-D-glucopyranose
4 non-polymer '[(2R)-3-[oxidanyl-[2-(trimethyl-$l^{4}-azanyl)ethoxy]phosphoryl]oxy-2-propanoyloxy-propyl] propanoate'
5 water water
#
_entity_poly.entity_id   1
_entity_poly.type   'polypeptide(L)'
_entity_poly.pdbx_seq_one_letter_code
;CSELIQASSRITTCSTEGVNTKCRLSGTALIRAGSVGAEACLMLKGVKEDQTKFLKIKTVSSELSCREGQSYWTGSFSPK
CLSSRRCHLVGECHVNRCLSWRDNETSAEFSFVGESTTMRENKCFEQCGGHGCGCFNVNPSCLFVHTYLQSVRKEALRVF
NCIDWVHKLTLEITDFDGSVSTIDLGASSSRFTNWGSVSLSLDAEGISGSNSFSFIESPGKGYAIVDEPFSEIPRQGFLG
EIRCNSESSVLSAHESCLRAPNLISYKPMIDQLECTTNLIDPFVVFERGSLPQTRNDKTFAASKGNRGVQAFSKGSVQAD
LTLMFDNFEVDFVGAAVSCDAAFLNLTGCYSCNAGARVCLSITSTGTGTLSAHNKDGSLHIVLPSENGTKDQCQILHFTV
PEVEEEFMYSCDGDERPLLVKGTLIAIDPFDDRREAGGESTVVNPKSGSWNFFDWFSGLMSWFGGPLKDPTGDYKDDDDA
GPGWSHPQFEKGGGSGGGSGGGSWSHPQFEKGGGSGGGSGGGSWSHPQFEK
;
_entity_poly.pdbx_strand_id   A,B,C
#
# COMPACT_ATOMS: atom_id res chain seq x y z
N CYS A 1 -28.76 25.03 -0.24
CA CYS A 1 -28.81 24.33 1.04
C CYS A 1 -28.81 22.82 0.85
N SER A 2 -28.06 22.12 1.68
CA SER A 2 -27.99 20.66 1.63
C SER A 2 -28.61 20.05 2.88
N GLU A 3 -29.09 18.82 2.76
CA GLU A 3 -29.64 18.07 3.89
C GLU A 3 -28.50 17.36 4.61
N LEU A 4 -28.00 17.96 5.69
CA LEU A 4 -26.78 17.48 6.30
C LEU A 4 -26.96 17.03 7.75
N ILE A 5 -28.03 17.47 8.39
CA ILE A 5 -28.20 17.23 9.81
C ILE A 5 -28.51 15.77 10.12
N GLN A 6 -27.82 15.24 11.12
CA GLN A 6 -27.97 13.84 11.53
C GLN A 6 -28.69 13.75 12.87
N ALA A 7 -28.44 14.74 13.73
CA ALA A 7 -29.04 14.76 15.05
C ALA A 7 -29.12 16.18 15.62
N SER A 8 -30.06 16.38 16.53
CA SER A 8 -30.28 17.66 17.18
C SER A 8 -30.62 17.42 18.65
N SER A 9 -29.98 18.15 19.55
CA SER A 9 -30.15 17.92 20.98
C SER A 9 -29.95 19.19 21.80
N ARG A 10 -30.33 19.13 23.07
CA ARG A 10 -30.00 20.16 24.04
C ARG A 10 -28.96 19.63 25.01
N ILE A 11 -27.91 20.42 25.26
CA ILE A 11 -26.87 20.04 26.20
C ILE A 11 -26.57 21.15 27.19
N THR A 12 -26.50 20.78 28.47
CA THR A 12 -26.05 21.70 29.52
C THR A 12 -24.58 21.42 29.83
N THR A 13 -23.77 22.46 29.83
CA THR A 13 -22.34 22.33 30.11
C THR A 13 -21.98 23.15 31.34
N CYS A 14 -21.36 22.50 32.32
CA CYS A 14 -21.02 23.18 33.57
C CYS A 14 -19.51 23.29 33.79
N SER A 15 -19.09 24.45 34.27
CA SER A 15 -17.70 24.68 34.64
C SER A 15 -17.48 24.25 36.08
N THR A 16 -16.77 23.14 36.25
CA THR A 16 -16.64 22.47 37.55
C THR A 16 -16.09 23.35 38.67
N GLU A 17 -15.04 24.12 38.38
CA GLU A 17 -14.37 24.94 39.38
C GLU A 17 -15.33 25.86 40.15
N THR A 21 -18.97 27.70 39.92
CA THR A 21 -19.63 26.63 39.18
C THR A 21 -20.74 27.18 38.29
N LYS A 22 -20.37 27.63 37.08
CA LYS A 22 -21.33 28.19 36.14
C LYS A 22 -21.82 27.14 35.14
N CYS A 23 -23.04 27.32 34.66
CA CYS A 23 -23.61 26.40 33.68
C CYS A 23 -24.15 27.10 32.45
N ARG A 24 -23.84 26.57 31.28
CA ARG A 24 -24.30 27.14 30.02
C ARG A 24 -25.15 26.14 29.25
N LEU A 25 -26.30 26.59 28.76
CA LEU A 25 -27.18 25.74 27.97
C LEU A 25 -26.95 25.98 26.49
N SER A 26 -26.76 24.89 25.75
CA SER A 26 -26.52 24.99 24.31
C SER A 26 -27.40 24.03 23.52
N GLY A 27 -27.82 24.49 22.35
CA GLY A 27 -28.42 23.60 21.38
C GLY A 27 -27.29 22.95 20.61
N THR A 28 -27.49 21.70 20.22
CA THR A 28 -26.43 20.93 19.57
C THR A 28 -26.94 20.31 18.29
N ALA A 29 -26.13 20.36 17.24
CA ALA A 29 -26.49 19.74 15.97
C ALA A 29 -25.34 18.89 15.45
N LEU A 30 -25.61 17.62 15.16
CA LEU A 30 -24.62 16.76 14.53
C LEU A 30 -24.87 16.73 13.03
N ILE A 31 -23.97 17.33 12.26
CA ILE A 31 -24.15 17.36 10.82
C ILE A 31 -23.00 16.67 10.11
N ARG A 32 -23.26 16.22 8.89
CA ARG A 32 -22.20 15.63 8.09
C ARG A 32 -21.65 16.69 7.13
N ALA A 33 -20.35 16.60 6.84
CA ALA A 33 -19.73 17.48 5.87
C ALA A 33 -20.36 17.22 4.50
N GLY A 34 -20.69 15.95 4.26
CA GLY A 34 -21.38 15.55 3.05
C GLY A 34 -20.48 15.46 1.84
N SER A 35 -20.16 16.63 1.29
CA SER A 35 -19.32 16.71 0.10
C SER A 35 -18.86 18.13 -0.11
N VAL A 36 -17.85 18.31 -0.95
CA VAL A 36 -17.31 19.63 -1.22
C VAL A 36 -18.37 20.50 -1.89
N GLY A 37 -18.69 21.61 -1.26
CA GLY A 37 -19.70 22.52 -1.76
C GLY A 37 -20.99 22.46 -0.98
N ALA A 38 -21.16 21.41 -0.16
CA ALA A 38 -22.38 21.25 0.62
C ALA A 38 -22.49 22.32 1.69
N GLU A 39 -23.71 22.74 1.99
CA GLU A 39 -23.92 23.83 2.94
C GLU A 39 -25.19 23.61 3.76
N ALA A 40 -25.03 23.59 5.09
CA ALA A 40 -26.17 23.51 6.00
C ALA A 40 -26.74 24.90 6.27
N CYS A 41 -28.01 25.08 5.94
CA CYS A 41 -28.70 26.33 6.24
C CYS A 41 -29.56 26.15 7.50
N LEU A 42 -29.19 26.83 8.56
CA LEU A 42 -29.85 26.65 9.85
C LEU A 42 -30.52 27.92 10.34
N MET A 43 -31.79 27.83 10.73
CA MET A 43 -32.41 28.90 11.50
C MET A 43 -32.58 28.41 12.93
N LEU A 44 -32.16 29.24 13.88
CA LEU A 44 -32.15 28.84 15.26
C LEU A 44 -33.17 29.62 16.07
N LYS A 45 -33.73 28.98 17.09
CA LYS A 45 -34.64 29.65 18.00
C LYS A 45 -34.03 29.68 19.39
N GLY A 46 -34.33 30.74 20.13
CA GLY A 46 -33.85 30.87 21.49
C GLY A 46 -34.36 29.73 22.34
N VAL A 47 -33.57 29.33 23.32
CA VAL A 47 -33.92 28.24 24.21
C VAL A 47 -35.04 28.62 25.19
N LYS A 48 -34.88 29.77 25.83
CA LYS A 48 -35.89 30.24 26.79
C LYS A 48 -36.49 31.55 26.32
N GLU A 49 -35.73 32.28 25.50
CA GLU A 49 -36.17 33.57 25.00
C GLU A 49 -36.73 33.42 23.58
N ASP A 50 -37.58 34.37 23.18
CA ASP A 50 -38.17 34.34 21.85
C ASP A 50 -37.32 35.13 20.86
N GLN A 51 -36.31 34.48 20.30
CA GLN A 51 -35.41 35.11 19.34
C GLN A 51 -35.04 34.13 18.23
N THR A 52 -34.84 34.64 17.03
CA THR A 52 -34.37 33.81 15.93
C THR A 52 -33.02 34.30 15.42
N LYS A 53 -32.15 33.35 15.05
CA LYS A 53 -30.84 33.66 14.49
C LYS A 53 -30.60 32.82 13.24
N PHE A 54 -29.66 33.24 12.41
CA PHE A 54 -29.35 32.50 11.18
C PHE A 54 -27.87 32.12 11.09
N LEU A 55 -27.61 30.96 10.50
CA LEU A 55 -26.26 30.41 10.44
C LEU A 55 -26.10 29.46 9.26
N LYS A 56 -25.03 29.66 8.50
CA LYS A 56 -24.67 28.73 7.42
C LYS A 56 -23.28 28.17 7.66
N ILE A 57 -23.13 26.88 7.42
CA ILE A 57 -21.83 26.23 7.50
C ILE A 57 -21.56 25.43 6.23
N LYS A 58 -20.49 25.81 5.53
CA LYS A 58 -20.22 25.25 4.21
C LYS A 58 -18.87 24.53 4.14
N THR A 59 -18.87 23.34 3.56
CA THR A 59 -17.65 22.58 3.35
C THR A 59 -16.91 23.09 2.12
N VAL A 60 -15.82 23.82 2.34
CA VAL A 60 -15.07 24.39 1.23
C VAL A 60 -14.14 23.36 0.59
N SER A 61 -13.35 22.69 1.40
CA SER A 61 -12.43 21.68 0.88
C SER A 61 -12.03 20.66 1.92
N SER A 62 -11.55 19.52 1.44
CA SER A 62 -11.03 18.47 2.29
C SER A 62 -9.68 18.03 1.73
N GLU A 63 -8.62 18.28 2.48
CA GLU A 63 -7.26 18.09 1.98
C GLU A 63 -6.40 17.20 2.86
N LEU A 64 -5.59 16.36 2.22
CA LEU A 64 -4.61 15.55 2.91
C LEU A 64 -3.21 15.98 2.46
N SER A 65 -2.49 16.67 3.34
CA SER A 65 -1.14 17.13 3.03
C SER A 65 -0.13 16.01 3.18
N CYS A 66 0.70 15.83 2.16
CA CYS A 66 1.77 14.83 2.18
C CYS A 66 2.97 15.34 2.98
N ARG A 67 3.20 14.76 4.15
CA ARG A 67 4.43 15.02 4.87
C ARG A 67 5.44 13.96 4.44
N GLU A 68 6.46 14.39 3.73
CA GLU A 68 7.41 13.50 3.06
C GLU A 68 8.37 12.79 4.01
N GLY A 69 8.81 11.61 3.60
CA GLY A 69 9.87 10.91 4.29
C GLY A 69 11.11 10.91 3.43
N GLN A 70 11.69 9.73 3.21
CA GLN A 70 12.87 9.56 2.38
C GLN A 70 12.74 10.24 1.01
N SER A 71 13.86 10.77 0.53
CA SER A 71 13.86 11.48 -0.75
C SER A 71 15.23 11.39 -1.44
N TYR A 72 15.22 11.31 -2.77
CA TYR A 72 16.47 11.33 -3.53
C TYR A 72 16.27 12.00 -4.88
N TRP A 73 17.39 12.38 -5.48
CA TRP A 73 17.40 12.95 -6.83
C TRP A 73 17.87 11.92 -7.85
N THR A 74 17.27 11.94 -9.04
CA THR A 74 17.70 11.09 -10.12
C THR A 74 17.55 11.84 -11.44
N GLY A 75 17.95 11.20 -12.54
CA GLY A 75 17.88 11.82 -13.86
C GLY A 75 18.16 10.83 -14.97
N SER A 76 18.46 11.34 -16.16
CA SER A 76 18.86 10.50 -17.29
C SER A 76 20.38 10.46 -17.43
N PHE A 77 20.93 9.25 -17.56
CA PHE A 77 22.36 9.10 -17.69
C PHE A 77 22.75 8.30 -18.92
N SER A 78 24.01 8.45 -19.32
CA SER A 78 24.54 7.79 -20.50
C SER A 78 26.03 7.56 -20.33
N PRO A 79 26.53 6.42 -20.81
CA PRO A 79 27.96 6.07 -20.69
C PRO A 79 28.83 6.56 -21.85
N LYS A 80 30.06 6.91 -21.55
CA LYS A 80 31.06 7.20 -22.57
C LYS A 80 32.31 6.37 -22.30
N CYS A 81 32.85 5.75 -23.35
CA CYS A 81 33.92 4.75 -23.21
C CYS A 81 35.22 5.16 -23.88
N LEU A 82 36.32 4.89 -23.20
CA LEU A 82 37.64 4.89 -23.83
C LEU A 82 38.10 3.44 -23.91
N SER A 83 38.67 3.05 -25.06
CA SER A 83 39.18 1.69 -25.20
C SER A 83 40.56 1.65 -25.86
N SER A 84 41.34 0.64 -25.48
CA SER A 84 42.67 0.44 -26.04
C SER A 84 43.08 -1.02 -25.83
N ARG A 85 43.32 -1.72 -26.92
CA ARG A 85 43.74 -3.12 -26.84
C ARG A 85 45.24 -3.24 -27.04
N ARG A 86 45.90 -3.97 -26.16
CA ARG A 86 47.31 -4.28 -26.33
C ARG A 86 47.49 -5.78 -26.51
N CYS A 87 48.51 -6.16 -27.26
CA CYS A 87 48.88 -7.57 -27.42
C CYS A 87 49.43 -8.11 -26.10
N HIS A 88 49.47 -9.44 -25.99
CA HIS A 88 50.04 -10.07 -24.80
C HIS A 88 51.51 -9.69 -24.70
N LEU A 89 52.00 -9.54 -23.47
CA LEU A 89 53.35 -9.10 -23.15
C LEU A 89 53.62 -7.63 -23.48
N VAL A 90 52.61 -6.92 -23.96
CA VAL A 90 52.75 -5.49 -24.21
C VAL A 90 52.02 -4.68 -23.15
N GLY A 91 52.68 -3.64 -22.66
CA GLY A 91 52.09 -2.76 -21.66
C GLY A 91 51.74 -3.51 -20.38
N GLU A 92 50.50 -3.33 -19.92
CA GLU A 92 50.03 -3.98 -18.71
C GLU A 92 49.52 -5.39 -18.96
N CYS A 93 49.60 -5.84 -20.23
CA CYS A 93 49.04 -7.13 -20.61
C CYS A 93 50.01 -8.29 -20.35
N HIS A 94 50.20 -8.58 -19.08
CA HIS A 94 51.02 -9.73 -18.67
C HIS A 94 50.21 -10.66 -17.78
N VAL A 95 50.52 -11.94 -17.90
CA VAL A 95 49.95 -13.03 -17.10
C VAL A 95 48.51 -12.76 -16.64
N ASN A 96 48.34 -12.32 -15.39
CA ASN A 96 47.05 -12.32 -14.73
C ASN A 96 46.32 -10.98 -14.75
N ARG A 97 47.02 -9.96 -15.21
CA ARG A 97 46.59 -8.57 -15.01
C ARG A 97 45.17 -8.28 -15.50
N CYS A 98 44.88 -8.62 -16.75
CA CYS A 98 43.60 -8.27 -17.36
C CYS A 98 42.42 -8.90 -16.62
N LEU A 99 42.54 -10.19 -16.31
CA LEU A 99 41.47 -10.90 -15.62
C LEU A 99 41.34 -10.47 -14.16
N SER A 100 42.39 -9.85 -13.63
CA SER A 100 42.40 -9.41 -12.24
C SER A 100 42.01 -7.94 -12.07
N TRP A 101 41.59 -7.30 -13.16
CA TRP A 101 41.38 -5.86 -13.13
C TRP A 101 40.26 -5.41 -12.19
N ARG A 102 40.47 -4.28 -11.53
CA ARG A 102 39.50 -3.75 -10.58
C ARG A 102 38.79 -2.53 -11.15
N ASP A 103 37.52 -2.35 -10.79
CA ASP A 103 36.71 -1.28 -11.34
C ASP A 103 37.28 0.12 -11.07
N ASN A 104 38.11 0.25 -10.04
CA ASN A 104 38.66 1.56 -9.67
C ASN A 104 40.14 1.72 -10.05
N GLU A 105 40.65 0.77 -10.83
CA GLU A 105 42.01 0.87 -11.34
C GLU A 105 42.00 1.43 -12.76
N THR A 106 42.65 2.56 -12.96
CA THR A 106 42.71 3.16 -14.29
C THR A 106 43.94 2.66 -15.02
N SER A 107 43.74 2.22 -16.26
CA SER A 107 44.85 1.69 -17.05
C SER A 107 45.78 2.80 -17.48
N ALA A 108 47.06 2.47 -17.63
CA ALA A 108 48.05 3.43 -18.11
C ALA A 108 47.78 3.80 -19.57
N GLU A 109 46.93 3.03 -20.24
CA GLU A 109 46.49 3.35 -21.60
C GLU A 109 45.75 4.69 -21.65
N PHE A 110 45.24 5.12 -20.51
CA PHE A 110 44.41 6.32 -20.45
C PHE A 110 44.98 7.36 -19.50
N SER A 111 46.30 7.55 -19.55
CA SER A 111 46.97 8.46 -18.64
C SER A 111 46.58 9.91 -18.89
N PHE A 112 46.33 10.24 -20.16
CA PHE A 112 45.97 11.59 -20.56
C PHE A 112 44.69 12.06 -19.90
N VAL A 113 43.91 11.11 -19.40
CA VAL A 113 42.68 11.42 -18.68
C VAL A 113 42.99 11.94 -17.29
N GLY A 114 42.61 13.19 -17.02
CA GLY A 114 42.77 13.76 -15.69
C GLY A 114 41.81 13.08 -14.72
N GLU A 115 42.03 13.26 -13.43
CA GLU A 115 41.15 12.66 -12.43
C GLU A 115 39.84 13.42 -12.38
N SER A 116 38.74 12.69 -12.33
CA SER A 116 37.43 13.29 -12.27
C SER A 116 36.74 12.93 -10.96
N THR A 117 35.61 13.60 -10.70
CA THR A 117 34.80 13.32 -9.54
C THR A 117 33.47 12.76 -10.01
N THR A 118 33.52 12.06 -11.14
CA THR A 118 32.35 11.57 -11.85
C THR A 118 32.18 10.06 -11.65
N MET A 119 30.94 9.57 -11.69
CA MET A 119 30.66 8.14 -11.71
C MET A 119 31.40 7.51 -12.88
N ARG A 120 32.22 6.50 -12.58
CA ARG A 120 33.12 5.93 -13.57
C ARG A 120 33.60 4.54 -13.15
N GLU A 121 34.01 3.74 -14.12
CA GLU A 121 34.53 2.40 -13.83
C GLU A 121 35.51 1.95 -14.91
N ASN A 122 36.33 0.96 -14.58
CA ASN A 122 37.31 0.45 -15.52
C ASN A 122 37.20 -1.06 -15.70
N LYS A 123 37.41 -1.52 -16.92
CA LYS A 123 37.34 -2.94 -17.22
C LYS A 123 38.54 -3.38 -18.05
N CYS A 124 38.68 -4.69 -18.20
CA CYS A 124 39.61 -5.26 -19.16
C CYS A 124 39.08 -6.59 -19.63
N PHE A 125 39.09 -6.79 -20.95
CA PHE A 125 38.56 -8.01 -21.54
C PHE A 125 39.60 -8.68 -22.42
N GLU A 126 39.90 -9.94 -22.12
CA GLU A 126 40.81 -10.71 -22.94
C GLU A 126 40.23 -10.92 -24.33
N GLN A 127 41.00 -10.55 -25.34
CA GLN A 127 40.58 -10.76 -26.72
C GLN A 127 41.52 -11.74 -27.39
N CYS A 128 41.27 -12.01 -28.67
CA CYS A 128 42.08 -12.95 -29.43
C CYS A 128 43.51 -12.46 -29.60
N GLY A 129 44.43 -13.40 -29.77
CA GLY A 129 45.82 -13.08 -30.05
C GLY A 129 46.24 -13.59 -31.42
N GLY A 130 47.53 -13.69 -31.65
CA GLY A 130 48.04 -14.21 -32.91
C GLY A 130 47.93 -13.25 -34.07
N HIS A 131 48.37 -13.70 -35.25
CA HIS A 131 48.45 -12.86 -36.44
C HIS A 131 47.08 -12.31 -36.84
N GLY A 132 46.05 -13.13 -36.70
CA GLY A 132 44.70 -12.74 -37.08
C GLY A 132 44.18 -11.54 -36.30
N CYS A 133 44.88 -11.18 -35.23
CA CYS A 133 44.50 -10.04 -34.41
C CYS A 133 45.67 -9.08 -34.21
N GLY A 134 46.59 -9.09 -35.16
CA GLY A 134 47.67 -8.13 -35.20
C GLY A 134 48.70 -8.28 -34.10
N CYS A 135 48.93 -9.52 -33.65
CA CYS A 135 49.91 -9.80 -32.61
C CYS A 135 50.84 -10.95 -32.99
N PHE A 136 52.13 -10.80 -32.74
CA PHE A 136 53.06 -11.92 -32.90
C PHE A 136 52.81 -12.99 -31.83
N ASN A 137 52.48 -12.55 -30.62
CA ASN A 137 52.20 -13.46 -29.51
C ASN A 137 50.80 -14.06 -29.63
N VAL A 138 50.68 -15.36 -29.38
CA VAL A 138 49.43 -16.06 -29.61
C VAL A 138 48.49 -16.03 -28.41
N ASN A 139 48.99 -15.57 -27.27
CA ASN A 139 48.21 -15.54 -26.04
C ASN A 139 47.21 -14.37 -26.05
N PRO A 140 46.20 -14.39 -25.15
CA PRO A 140 45.12 -13.39 -25.20
C PRO A 140 45.61 -11.95 -25.14
N SER A 141 45.08 -11.11 -26.02
CA SER A 141 45.38 -9.67 -25.98
C SER A 141 44.46 -9.03 -24.94
N CYS A 142 44.79 -7.80 -24.53
CA CYS A 142 44.06 -7.14 -23.45
C CYS A 142 43.34 -5.88 -23.91
N LEU A 143 42.01 -5.90 -23.90
CA LEU A 143 41.23 -4.72 -24.25
C LEU A 143 40.89 -3.91 -23.00
N PHE A 144 41.60 -2.80 -22.81
CA PHE A 144 41.42 -1.95 -21.64
C PHE A 144 40.33 -0.91 -21.87
N VAL A 145 39.51 -0.71 -20.85
CA VAL A 145 38.33 0.13 -20.98
C VAL A 145 38.14 1.07 -19.79
N HIS A 146 37.99 2.35 -20.08
CA HIS A 146 37.64 3.34 -19.07
C HIS A 146 36.31 3.99 -19.41
N THR A 147 35.35 3.91 -18.49
CA THR A 147 34.01 4.43 -18.73
C THR A 147 33.60 5.45 -17.68
N TYR A 148 32.87 6.48 -18.10
CA TYR A 148 32.28 7.42 -17.15
C TYR A 148 30.87 7.79 -17.58
N LEU A 149 30.05 8.20 -16.60
CA LEU A 149 28.65 8.55 -16.86
C LEU A 149 28.48 10.04 -17.04
N GLN A 150 27.48 10.44 -17.83
CA GLN A 150 27.15 11.85 -17.98
C GLN A 150 25.64 12.04 -18.01
N SER A 151 25.19 13.19 -17.51
CA SER A 151 23.78 13.54 -17.52
C SER A 151 23.36 13.84 -18.95
N VAL A 152 22.27 13.22 -19.40
CA VAL A 152 21.81 13.40 -20.77
C VAL A 152 21.21 14.79 -20.95
N ARG A 153 20.49 15.26 -19.95
CA ARG A 153 19.96 16.60 -19.95
C ARG A 153 20.26 17.28 -18.62
N LYS A 154 20.49 18.59 -18.64
CA LYS A 154 20.90 19.30 -17.44
C LYS A 154 19.72 19.71 -16.56
N GLU A 155 18.93 18.72 -16.16
CA GLU A 155 17.85 18.90 -15.20
C GLU A 155 17.66 17.59 -14.45
N ALA A 156 17.21 17.67 -13.20
CA ALA A 156 17.04 16.48 -12.37
C ALA A 156 15.61 16.34 -11.90
N LEU A 157 15.34 15.22 -11.23
CA LEU A 157 14.03 14.93 -10.66
C LEU A 157 14.17 14.45 -9.22
N ARG A 158 13.33 14.96 -8.33
CA ARG A 158 13.35 14.54 -6.94
C ARG A 158 12.23 13.56 -6.66
N VAL A 159 12.59 12.34 -6.28
CA VAL A 159 11.61 11.29 -5.96
C VAL A 159 11.46 11.17 -4.44
N PHE A 160 10.24 11.05 -3.96
CA PHE A 160 10.00 10.96 -2.52
C PHE A 160 8.75 10.14 -2.15
N ASN A 161 8.71 9.65 -0.92
CA ASN A 161 7.50 8.99 -0.41
C ASN A 161 6.70 9.89 0.53
N CYS A 162 5.46 9.52 0.81
CA CYS A 162 4.65 10.26 1.76
C CYS A 162 4.38 9.44 3.02
N ILE A 163 4.84 9.94 4.16
CA ILE A 163 4.71 9.20 5.41
C ILE A 163 3.45 9.58 6.18
N ASP A 164 3.17 10.88 6.23
CA ASP A 164 1.97 11.38 6.90
C ASP A 164 1.03 12.04 5.90
N TRP A 165 -0.25 11.72 6.00
CA TRP A 165 -1.27 12.44 5.23
C TRP A 165 -2.12 13.23 6.22
N VAL A 166 -1.80 14.51 6.38
CA VAL A 166 -2.42 15.33 7.41
C VAL A 166 -3.70 16.00 6.92
N HIS A 167 -4.81 15.71 7.58
CA HIS A 167 -6.11 16.19 7.10
C HIS A 167 -6.40 17.62 7.55
N LYS A 168 -6.90 18.43 6.61
CA LYS A 168 -7.44 19.74 6.92
C LYS A 168 -8.83 19.88 6.32
N LEU A 169 -9.83 20.09 7.17
CA LEU A 169 -11.18 20.32 6.69
C LEU A 169 -11.48 21.81 6.75
N THR A 170 -11.60 22.44 5.58
CA THR A 170 -11.85 23.87 5.54
C THR A 170 -13.35 24.16 5.43
N LEU A 171 -13.85 24.94 6.38
CA LEU A 171 -15.26 25.30 6.45
C LEU A 171 -15.46 26.80 6.27
N GLU A 172 -16.53 27.18 5.58
CA GLU A 172 -16.92 28.58 5.51
C GLU A 172 -18.18 28.80 6.34
N ILE A 173 -18.10 29.67 7.33
CA ILE A 173 -19.21 29.86 8.24
C ILE A 173 -19.80 31.27 8.15
N THR A 174 -21.10 31.34 7.89
CA THR A 174 -21.82 32.61 7.90
C THR A 174 -22.58 32.71 9.20
N ASP A 175 -22.10 33.53 10.13
CA ASP A 175 -22.63 33.55 11.49
C ASP A 175 -23.88 34.40 11.64
N PHE A 176 -24.30 34.63 12.88
CA PHE A 176 -25.56 35.31 13.17
C PHE A 176 -25.59 36.74 12.63
N ASP A 177 -24.43 37.36 12.57
CA ASP A 177 -24.32 38.75 12.13
C ASP A 177 -24.13 38.83 10.62
N GLY A 178 -24.07 37.67 9.98
CA GLY A 178 -23.86 37.62 8.53
C GLY A 178 -22.40 37.66 8.13
N SER A 179 -21.50 37.80 9.10
CA SER A 179 -20.08 37.84 8.79
C SER A 179 -19.58 36.46 8.38
N VAL A 180 -18.67 36.44 7.40
CA VAL A 180 -18.20 35.19 6.81
C VAL A 180 -16.74 34.91 7.18
N SER A 181 -16.49 33.75 7.77
CA SER A 181 -15.13 33.39 8.13
C SER A 181 -14.77 31.99 7.64
N THR A 182 -13.47 31.74 7.53
CA THR A 182 -12.95 30.44 7.14
C THR A 182 -12.36 29.70 8.34
N ILE A 183 -12.83 28.48 8.58
CA ILE A 183 -12.35 27.70 9.72
C ILE A 183 -11.68 26.41 9.28
N ASP A 184 -10.41 26.25 9.64
CA ASP A 184 -9.65 25.04 9.33
C ASP A 184 -9.64 24.07 10.50
N LEU A 185 -10.05 22.83 10.25
CA LEU A 185 -10.13 21.82 11.31
C LEU A 185 -9.32 20.57 10.98
N GLY A 186 -8.55 20.09 11.95
CA GLY A 186 -7.82 18.84 11.81
C GLY A 186 -8.52 17.75 12.60
N ALA A 187 -7.85 16.62 12.79
CA ALA A 187 -8.44 15.50 13.50
C ALA A 187 -8.72 15.86 14.96
N SER A 188 -9.96 15.61 15.40
CA SER A 188 -10.38 15.88 16.77
C SER A 188 -10.14 17.32 17.18
N SER A 189 -10.26 18.24 16.24
CA SER A 189 -10.07 19.67 16.51
C SER A 189 -11.39 20.35 16.84
N SER A 190 -11.34 21.32 17.75
CA SER A 190 -12.53 22.07 18.13
C SER A 190 -12.24 23.58 18.17
N ARG A 191 -13.08 24.36 17.51
CA ARG A 191 -12.88 25.81 17.42
C ARG A 191 -13.98 26.61 18.14
N PHE A 192 -13.56 27.52 19.00
CA PHE A 192 -14.49 28.42 19.69
C PHE A 192 -14.95 29.53 18.75
N THR A 193 -16.26 29.73 18.67
CA THR A 193 -16.82 30.83 17.87
C THR A 193 -17.65 31.74 18.76
N ASN A 194 -18.17 32.83 18.20
CA ASN A 194 -18.93 33.80 18.98
C ASN A 194 -20.37 33.37 19.18
N TRP A 195 -20.74 32.27 18.55
CA TRP A 195 -22.07 31.72 18.68
C TRP A 195 -22.04 30.35 19.38
N GLY A 196 -20.84 29.87 19.68
CA GLY A 196 -20.68 28.58 20.32
C GLY A 196 -19.38 27.89 19.94
N SER A 197 -19.49 26.73 19.29
CA SER A 197 -18.30 26.02 18.83
C SER A 197 -18.61 25.07 17.68
N VAL A 198 -17.57 24.70 16.95
CA VAL A 198 -17.67 23.73 15.87
C VAL A 198 -16.48 22.78 15.95
N SER A 199 -16.76 21.48 15.96
CA SER A 199 -15.69 20.50 16.10
C SER A 199 -15.80 19.38 15.09
N LEU A 200 -14.65 18.94 14.60
CA LEU A 200 -14.57 17.76 13.75
C LEU A 200 -14.58 16.55 14.67
N SER A 201 -15.77 16.01 14.92
CA SER A 201 -15.95 15.02 15.98
C SER A 201 -15.66 13.59 15.54
N LEU A 202 -15.80 13.32 14.23
CA LEU A 202 -15.37 12.04 13.70
C LEU A 202 -14.82 12.19 12.27
N ASP A 203 -13.52 11.92 12.12
CA ASP A 203 -12.85 12.06 10.82
C ASP A 203 -12.61 10.68 10.18
N ALA A 204 -13.24 10.43 9.05
CA ALA A 204 -13.02 9.19 8.33
C ALA A 204 -12.34 9.43 6.98
N GLU A 205 -11.73 10.60 6.82
CA GLU A 205 -10.93 10.87 5.64
C GLU A 205 -9.56 10.23 5.77
N GLY A 206 -8.99 9.83 4.64
CA GLY A 206 -7.68 9.20 4.63
C GLY A 206 -7.40 8.52 3.31
N ILE A 207 -6.13 8.21 3.06
CA ILE A 207 -5.74 7.51 1.85
C ILE A 207 -6.02 6.01 1.99
N SER A 208 -6.91 5.49 1.16
CA SER A 208 -7.24 4.06 1.22
C SER A 208 -7.17 3.44 -0.17
N GLY A 209 -7.11 2.12 -0.22
CA GLY A 209 -6.95 1.42 -1.50
C GLY A 209 -5.95 0.29 -1.46
N SER A 210 -5.62 -0.25 -2.63
CA SER A 210 -4.78 -1.43 -2.72
C SER A 210 -3.43 -1.17 -3.39
N ASN A 211 -3.09 0.10 -3.58
CA ASN A 211 -1.85 0.45 -4.27
C ASN A 211 -0.92 1.30 -3.43
N SER A 212 0.38 1.03 -3.56
CA SER A 212 1.41 1.89 -2.98
C SER A 212 1.92 2.83 -4.05
N PHE A 213 2.22 4.06 -3.66
CA PHE A 213 2.68 5.03 -4.63
C PHE A 213 3.60 6.07 -4.02
N SER A 214 4.20 6.88 -4.90
CA SER A 214 5.14 7.91 -4.50
C SER A 214 5.08 9.05 -5.50
N PHE A 215 5.99 10.01 -5.36
CA PHE A 215 5.89 11.20 -6.19
C PHE A 215 7.23 11.70 -6.69
N ILE A 216 7.17 12.49 -7.76
CA ILE A 216 8.35 13.12 -8.35
C ILE A 216 8.15 14.64 -8.41
N GLU A 217 9.17 15.38 -8.00
CA GLU A 217 9.19 16.82 -8.22
C GLU A 217 10.10 17.17 -9.38
N SER A 218 9.56 17.89 -10.35
CA SER A 218 10.36 18.49 -11.41
C SER A 218 10.44 19.99 -11.14
N PRO A 219 11.61 20.44 -10.63
CA PRO A 219 11.86 21.83 -10.23
C PRO A 219 11.32 22.85 -11.23
N GLY A 220 10.27 23.57 -10.84
CA GLY A 220 9.68 24.61 -11.67
C GLY A 220 8.79 24.05 -12.78
N LYS A 221 8.50 22.76 -12.71
CA LYS A 221 7.71 22.10 -13.75
C LYS A 221 6.65 21.19 -13.13
N GLY A 222 6.44 21.33 -11.84
CA GLY A 222 5.37 20.61 -11.16
C GLY A 222 5.73 19.23 -10.62
N TYR A 223 4.70 18.44 -10.37
CA TYR A 223 4.85 17.13 -9.74
C TYR A 223 4.18 16.03 -10.55
N ALA A 224 4.48 14.79 -10.19
CA ALA A 224 3.86 13.64 -10.82
C ALA A 224 3.76 12.51 -9.83
N ILE A 225 2.79 11.62 -10.05
CA ILE A 225 2.62 10.46 -9.21
C ILE A 225 3.35 9.26 -9.83
N VAL A 226 3.93 8.42 -8.99
CA VAL A 226 4.47 7.15 -9.43
C VAL A 226 3.57 6.07 -8.85
N ASP A 227 2.88 5.32 -9.70
CA ASP A 227 1.91 4.32 -9.25
C ASP A 227 2.60 3.04 -8.80
N GLU A 228 3.72 3.18 -8.10
CA GLU A 228 4.44 2.05 -7.54
C GLU A 228 5.04 2.42 -6.18
N PRO A 229 5.32 1.41 -5.34
CA PRO A 229 5.96 1.70 -4.05
C PRO A 229 7.31 2.40 -4.19
N PHE A 230 7.62 3.26 -3.23
CA PHE A 230 8.89 3.97 -3.21
C PHE A 230 10.03 2.97 -3.04
N SER A 231 11.08 3.16 -3.83
CA SER A 231 12.23 2.26 -3.83
C SER A 231 13.30 2.75 -2.86
N GLU A 232 13.50 2.01 -1.77
CA GLU A 232 14.31 2.45 -0.65
C GLU A 232 15.81 2.48 -0.94
N ILE A 233 16.27 1.58 -1.81
CA ILE A 233 17.67 1.52 -2.22
C ILE A 233 17.73 1.45 -3.74
N PRO A 234 18.92 1.69 -4.34
CA PRO A 234 19.06 1.52 -5.79
C PRO A 234 18.79 0.08 -6.25
N ARG A 235 17.91 -0.10 -7.24
CA ARG A 235 17.65 -1.42 -7.80
C ARG A 235 17.47 -1.38 -9.32
N GLN A 236 18.21 -2.23 -10.03
CA GLN A 236 18.17 -2.24 -11.48
C GLN A 236 16.78 -2.56 -12.03
N GLY A 237 16.33 -1.76 -13.00
CA GLY A 237 14.98 -1.89 -13.54
C GLY A 237 13.96 -1.02 -12.82
N PHE A 238 14.40 -0.30 -11.79
CA PHE A 238 13.53 0.57 -11.04
C PHE A 238 13.96 2.04 -11.14
N LEU A 239 12.98 2.93 -11.08
CA LEU A 239 13.22 4.34 -10.85
C LEU A 239 14.17 4.50 -9.67
N GLY A 240 15.22 5.30 -9.83
CA GLY A 240 16.18 5.51 -8.76
C GLY A 240 17.28 4.47 -8.70
N GLU A 241 17.42 3.68 -9.77
CA GLU A 241 18.51 2.72 -9.88
C GLU A 241 19.84 3.48 -9.87
N ILE A 242 19.81 4.73 -10.32
CA ILE A 242 20.86 5.70 -10.06
C ILE A 242 20.24 6.86 -9.29
N ARG A 243 20.85 7.24 -8.17
CA ARG A 243 20.29 8.30 -7.33
C ARG A 243 21.39 9.11 -6.64
N CYS A 244 21.08 10.36 -6.30
CA CYS A 244 22.03 11.26 -5.64
C CYS A 244 21.35 12.01 -4.49
N ASN A 245 22.13 12.72 -3.69
CA ASN A 245 21.59 13.45 -2.54
C ASN A 245 21.31 14.90 -2.85
N SER A 246 21.54 15.30 -4.10
CA SER A 246 21.27 16.67 -4.51
C SER A 246 20.96 16.78 -6.00
N GLU A 247 20.33 17.90 -6.36
CA GLU A 247 20.02 18.22 -7.74
C GLU A 247 21.30 18.42 -8.55
N SER A 248 22.30 19.04 -7.93
CA SER A 248 23.53 19.36 -8.65
C SER A 248 24.36 18.10 -8.96
N SER A 249 24.26 17.08 -8.11
CA SER A 249 25.05 15.87 -8.29
C SER A 249 24.50 14.99 -9.41
N VAL A 250 23.19 15.11 -9.65
CA VAL A 250 22.59 14.46 -10.80
C VAL A 250 23.12 15.10 -12.08
N LEU A 251 23.12 16.43 -12.11
CA LEU A 251 23.55 17.17 -13.30
C LEU A 251 25.02 16.89 -13.64
N SER A 252 25.85 16.71 -12.64
CA SER A 252 27.28 16.46 -12.88
C SER A 252 27.63 14.97 -12.85
N ALA A 253 26.60 14.14 -12.64
CA ALA A 253 26.79 12.69 -12.50
C ALA A 253 27.90 12.39 -11.49
N HIS A 254 27.85 13.07 -10.36
CA HIS A 254 28.90 13.02 -9.35
C HIS A 254 29.15 11.62 -8.79
N GLU A 255 30.40 11.37 -8.37
CA GLU A 255 30.82 10.05 -7.91
C GLU A 255 30.14 9.65 -6.60
N SER A 256 29.55 10.63 -5.91
CA SER A 256 28.85 10.38 -4.65
C SER A 256 27.45 9.81 -4.86
N CYS A 257 27.03 9.72 -6.12
CA CYS A 257 25.76 9.10 -6.46
C CYS A 257 25.86 7.60 -6.25
N LEU A 258 24.76 6.98 -5.84
CA LEU A 258 24.69 5.53 -5.72
C LEU A 258 24.12 4.95 -6.99
N ARG A 259 24.53 3.73 -7.34
CA ARG A 259 23.88 3.03 -8.43
C ARG A 259 23.86 1.54 -8.18
N ALA A 260 22.82 0.88 -8.69
CA ALA A 260 22.69 -0.56 -8.57
C ALA A 260 23.84 -1.23 -9.29
N PRO A 261 24.15 -2.48 -8.94
CA PRO A 261 25.28 -3.18 -9.59
C PRO A 261 25.08 -3.40 -11.09
N ASN A 262 26.18 -3.33 -11.85
CA ASN A 262 26.20 -3.77 -13.25
C ASN A 262 25.23 -3.05 -14.18
N LEU A 263 25.12 -1.73 -14.05
CA LEU A 263 24.17 -0.99 -14.88
C LEU A 263 24.74 -0.70 -16.27
N ILE A 264 26.05 -0.86 -16.42
CA ILE A 264 26.68 -0.62 -17.70
C ILE A 264 27.05 -1.93 -18.38
N SER A 265 26.64 -2.09 -19.64
CA SER A 265 26.97 -3.30 -20.39
C SER A 265 28.15 -3.07 -21.32
N TYR A 266 28.89 -4.14 -21.59
CA TYR A 266 30.05 -4.06 -22.48
C TYR A 266 29.96 -5.11 -23.57
N LYS A 267 30.23 -4.69 -24.80
CA LYS A 267 30.26 -5.60 -25.94
C LYS A 267 31.61 -5.50 -26.64
N PRO A 268 32.59 -6.30 -26.18
CA PRO A 268 33.96 -6.29 -26.73
C PRO A 268 34.01 -6.84 -28.16
N MET A 269 34.62 -6.11 -29.08
CA MET A 269 34.70 -6.53 -30.48
C MET A 269 36.11 -6.35 -31.02
N ILE A 270 37.08 -7.00 -30.36
CA ILE A 270 38.51 -6.89 -30.68
C ILE A 270 39.00 -5.44 -30.56
N ASP A 271 38.94 -4.68 -31.66
CA ASP A 271 39.38 -3.28 -31.59
C ASP A 271 38.22 -2.31 -31.51
N GLN A 272 37.00 -2.83 -31.61
CA GLN A 272 35.82 -2.02 -31.36
C GLN A 272 35.19 -2.43 -30.04
N LEU A 273 34.42 -1.52 -29.45
CA LEU A 273 33.82 -1.76 -28.14
C LEU A 273 32.60 -0.88 -27.92
N GLU A 274 31.49 -1.47 -27.52
CA GLU A 274 30.32 -0.69 -27.19
C GLU A 274 30.02 -0.72 -25.70
N CYS A 275 29.88 0.47 -25.12
CA CYS A 275 29.47 0.64 -23.73
C CYS A 275 28.04 1.16 -23.66
N THR A 276 27.14 0.39 -23.07
CA THR A 276 25.73 0.77 -23.06
C THR A 276 25.07 0.69 -21.70
N THR A 277 23.97 1.42 -21.55
CA THR A 277 23.08 1.31 -20.40
C THR A 277 21.65 1.13 -20.87
N ASN A 278 20.80 0.59 -20.00
CA ASN A 278 19.39 0.37 -20.31
C ASN A 278 18.54 0.89 -19.16
N LEU A 279 18.73 2.16 -18.85
CA LEU A 279 18.19 2.76 -17.65
C LEU A 279 16.72 3.14 -17.78
N ILE A 280 16.01 3.12 -16.66
CA ILE A 280 14.69 3.72 -16.57
C ILE A 280 14.81 5.21 -16.88
N ASP A 281 13.99 5.69 -17.81
CA ASP A 281 13.94 7.12 -18.12
C ASP A 281 12.93 7.79 -17.18
N PRO A 282 13.44 8.48 -16.15
CA PRO A 282 12.55 9.04 -15.12
C PRO A 282 11.65 10.16 -15.65
N PHE A 283 12.03 10.78 -16.76
CA PHE A 283 11.23 11.83 -17.37
C PHE A 283 10.03 11.25 -18.10
N VAL A 284 10.18 10.04 -18.60
CA VAL A 284 9.06 9.31 -19.16
C VAL A 284 8.07 8.98 -18.05
N VAL A 285 8.60 8.54 -16.92
CA VAL A 285 7.77 8.22 -15.75
C VAL A 285 7.02 9.45 -15.28
N PHE A 286 7.70 10.58 -15.27
CA PHE A 286 7.11 11.82 -14.80
C PHE A 286 5.96 12.26 -15.69
N GLU A 287 6.17 12.21 -17.01
CA GLU A 287 5.16 12.70 -17.95
C GLU A 287 3.89 11.87 -17.88
N ARG A 288 4.05 10.57 -17.64
CA ARG A 288 2.90 9.67 -17.54
C ARG A 288 2.02 10.01 -16.33
N GLY A 289 2.64 10.26 -15.18
CA GLY A 289 1.89 10.49 -13.96
C GLY A 289 1.79 11.94 -13.53
N SER A 290 1.95 12.85 -14.48
CA SER A 290 1.92 14.29 -14.22
C SER A 290 0.63 14.72 -13.52
N LEU A 291 0.77 15.41 -12.39
CA LEU A 291 -0.39 15.87 -11.64
C LEU A 291 -1.09 17.00 -12.40
N PRO A 292 -2.41 17.15 -12.23
CA PRO A 292 -3.29 16.38 -11.32
C PRO A 292 -3.57 14.93 -11.76
N GLN A 293 -3.63 14.04 -10.78
CA GLN A 293 -4.02 12.63 -10.98
C GLN A 293 -5.02 12.21 -9.92
N THR A 294 -6.01 11.42 -10.33
CA THR A 294 -7.03 10.96 -9.38
C THR A 294 -6.98 9.45 -9.17
N ARG A 295 -6.87 9.04 -7.92
CA ARG A 295 -6.87 7.63 -7.53
C ARG A 295 -7.84 7.41 -6.40
N ASN A 296 -8.78 6.49 -6.58
CA ASN A 296 -9.78 6.18 -5.57
C ASN A 296 -10.48 7.41 -5.01
N ASP A 297 -10.90 8.28 -5.92
CA ASP A 297 -11.62 9.53 -5.60
C ASP A 297 -10.78 10.58 -4.88
N LYS A 298 -9.47 10.36 -4.81
CA LYS A 298 -8.56 11.35 -4.26
C LYS A 298 -7.80 12.04 -5.39
N THR A 299 -7.88 13.36 -5.44
CA THR A 299 -7.19 14.10 -6.49
C THR A 299 -5.87 14.64 -5.98
N PHE A 300 -4.77 14.13 -6.53
CA PHE A 300 -3.43 14.59 -6.16
C PHE A 300 -2.96 15.72 -7.06
N ALA A 301 -2.53 16.81 -6.44
CA ALA A 301 -2.08 17.99 -7.16
C ALA A 301 -1.08 18.77 -6.32
N ALA A 302 -0.44 19.77 -6.92
CA ALA A 302 0.50 20.60 -6.17
C ALA A 302 -0.25 21.49 -5.20
N SER A 303 0.31 21.68 -4.01
CA SER A 303 -0.30 22.55 -3.01
C SER A 303 -0.14 24.02 -3.37
N LYS A 304 -0.68 24.90 -2.53
CA LYS A 304 -0.56 26.33 -2.72
C LYS A 304 0.90 26.77 -2.65
N GLY A 305 1.40 27.35 -3.74
CA GLY A 305 2.78 27.81 -3.79
C GLY A 305 3.75 26.71 -4.19
N ASN A 306 3.23 25.58 -4.64
CA ASN A 306 4.04 24.45 -5.10
C ASN A 306 5.07 23.98 -4.07
N ARG A 307 4.66 23.94 -2.80
CA ARG A 307 5.56 23.53 -1.72
C ARG A 307 5.66 22.01 -1.64
N GLY A 308 4.57 21.32 -1.94
CA GLY A 308 4.53 19.88 -1.92
C GLY A 308 3.25 19.36 -2.56
N VAL A 309 2.92 18.10 -2.32
CA VAL A 309 1.71 17.53 -2.91
C VAL A 309 0.60 17.35 -1.88
N GLN A 310 -0.63 17.33 -2.38
CA GLN A 310 -1.81 17.15 -1.54
C GLN A 310 -2.80 16.23 -2.22
N ALA A 311 -3.64 15.59 -1.42
CA ALA A 311 -4.78 14.85 -1.95
C ALA A 311 -6.06 15.62 -1.66
N PHE A 312 -6.69 16.12 -2.70
CA PHE A 312 -7.97 16.82 -2.59
C PHE A 312 -9.12 15.87 -2.79
N SER A 313 -10.15 15.99 -1.93
CA SER A 313 -11.43 15.39 -2.22
C SER A 313 -12.26 16.41 -2.99
N LYS A 314 -12.73 16.02 -4.18
CA LYS A 314 -13.49 16.93 -5.01
C LYS A 314 -14.98 16.62 -4.94
N GLY A 315 -15.32 15.49 -4.34
CA GLY A 315 -16.70 15.09 -4.22
C GLY A 315 -17.08 14.80 -2.78
N SER A 316 -17.43 13.54 -2.53
CA SER A 316 -17.93 13.12 -1.22
C SER A 316 -16.88 13.24 -0.11
N VAL A 317 -17.33 13.65 1.06
CA VAL A 317 -16.46 13.78 2.24
C VAL A 317 -17.08 13.06 3.43
N GLN A 318 -16.27 12.26 4.12
CA GLN A 318 -16.76 11.50 5.27
C GLN A 318 -16.23 12.05 6.59
N ALA A 319 -16.93 13.06 7.10
CA ALA A 319 -16.56 13.67 8.37
C ALA A 319 -17.78 14.20 9.11
N ASP A 320 -17.86 13.90 10.40
CA ASP A 320 -18.94 14.44 11.22
C ASP A 320 -18.52 15.71 11.93
N LEU A 321 -19.43 16.68 11.95
CA LEU A 321 -19.20 17.96 12.60
C LEU A 321 -20.22 18.19 13.72
N THR A 322 -19.73 18.48 14.92
CA THR A 322 -20.61 18.79 16.05
C THR A 322 -20.69 20.29 16.26
N LEU A 323 -21.87 20.85 16.05
CA LEU A 323 -22.11 22.27 16.28
C LEU A 323 -22.78 22.49 17.63
N MET A 324 -22.34 23.52 18.34
CA MET A 324 -22.98 23.91 19.59
C MET A 324 -23.36 25.39 19.54
N PHE A 325 -24.62 25.68 19.81
CA PHE A 325 -25.09 27.07 19.78
C PHE A 325 -25.48 27.53 21.16
N ASP A 326 -24.78 28.53 21.68
CA ASP A 326 -25.10 29.11 22.99
C ASP A 326 -26.52 29.65 23.04
N ASN A 327 -27.33 29.09 23.94
CA ASN A 327 -28.69 29.59 24.19
C ASN A 327 -29.62 29.54 22.99
N PHE A 328 -29.18 28.86 21.93
CA PHE A 328 -30.01 28.69 20.74
C PHE A 328 -30.04 27.24 20.31
N GLU A 329 -31.15 26.83 19.72
CA GLU A 329 -31.30 25.47 19.20
C GLU A 329 -31.95 25.52 17.83
N VAL A 330 -31.90 24.40 17.10
CA VAL A 330 -32.40 24.35 15.74
C VAL A 330 -33.91 24.57 15.67
N ASP A 331 -34.32 25.57 14.89
CA ASP A 331 -35.72 25.77 14.59
C ASP A 331 -36.07 24.94 13.36
N PHE A 332 -35.36 25.19 12.26
CA PHE A 332 -35.45 24.33 11.10
C PHE A 332 -34.18 24.39 10.25
N VAL A 333 -34.11 23.52 9.26
CA VAL A 333 -33.00 23.52 8.31
C VAL A 333 -33.53 23.79 6.91
N GLY A 334 -32.68 24.37 6.07
CA GLY A 334 -33.06 24.66 4.69
C GLY A 334 -33.17 23.40 3.86
N ALA A 335 -34.20 23.32 3.03
CA ALA A 335 -34.40 22.17 2.17
C ALA A 335 -33.48 22.21 0.96
N ALA A 336 -33.15 21.05 0.42
CA ALA A 336 -32.41 20.95 -0.83
C ALA A 336 -33.31 21.36 -1.99
N VAL A 337 -32.69 21.81 -3.09
CA VAL A 337 -33.42 22.11 -4.32
C VAL A 337 -32.92 21.22 -5.45
N SER A 338 -33.78 21.02 -6.45
CA SER A 338 -33.42 20.18 -7.58
C SER A 338 -32.34 20.83 -8.44
N CYS A 339 -31.66 20.01 -9.22
CA CYS A 339 -30.73 20.52 -10.21
C CYS A 339 -30.94 19.82 -11.54
N ASP A 340 -30.59 20.51 -12.62
CA ASP A 340 -30.63 19.91 -13.95
C ASP A 340 -29.23 19.57 -14.40
N ALA A 341 -29.03 18.36 -14.88
CA ALA A 341 -27.71 17.92 -15.32
C ALA A 341 -27.75 17.43 -16.75
N ALA A 342 -26.81 17.92 -17.55
CA ALA A 342 -26.67 17.49 -18.94
C ALA A 342 -25.26 16.98 -19.17
N PHE A 343 -25.14 15.84 -19.84
CA PHE A 343 -23.85 15.28 -20.16
C PHE A 343 -23.15 16.14 -21.22
N LEU A 344 -21.87 16.41 -21.00
CA LEU A 344 -21.09 17.20 -21.94
C LEU A 344 -20.16 16.31 -22.75
N ASN A 345 -19.14 15.77 -22.09
CA ASN A 345 -18.17 14.90 -22.78
C ASN A 345 -17.53 13.88 -21.85
N LEU A 346 -16.86 12.90 -22.46
CA LEU A 346 -16.10 11.89 -21.73
C LEU A 346 -14.76 11.69 -22.44
N THR A 347 -13.67 12.01 -21.76
CA THR A 347 -12.37 12.03 -22.42
C THR A 347 -11.31 11.37 -21.58
N GLY A 348 -10.53 10.50 -22.20
CA GLY A 348 -9.43 9.85 -21.52
C GLY A 348 -9.18 8.47 -22.06
N CYS A 349 -8.72 7.58 -21.19
CA CYS A 349 -8.37 6.23 -21.59
C CYS A 349 -9.11 5.20 -20.75
N TYR A 350 -9.12 3.96 -21.22
CA TYR A 350 -9.67 2.85 -20.43
C TYR A 350 -8.56 1.90 -20.02
N SER A 351 -8.82 1.12 -18.98
CA SER A 351 -7.80 0.25 -18.37
C SER A 351 -6.48 0.98 -18.20
N CYS A 352 -6.53 2.09 -17.48
CA CYS A 352 -5.35 2.89 -17.16
C CYS A 352 -5.51 3.50 -15.78
N ASN A 353 -4.42 3.93 -15.18
CA ASN A 353 -4.47 4.46 -13.83
C ASN A 353 -5.11 5.85 -13.79
N ALA A 354 -4.81 6.67 -14.80
CA ALA A 354 -5.32 8.03 -14.88
C ALA A 354 -6.84 8.06 -15.04
N GLY A 355 -7.37 7.16 -15.86
CA GLY A 355 -8.80 7.04 -16.04
C GLY A 355 -9.36 7.96 -17.11
N ALA A 356 -10.66 8.23 -17.01
CA ALA A 356 -11.34 9.07 -17.97
C ALA A 356 -12.04 10.24 -17.27
N ARG A 357 -12.07 11.39 -17.93
CA ARG A 357 -12.70 12.57 -17.37
C ARG A 357 -14.12 12.76 -17.90
N VAL A 358 -15.10 12.75 -17.01
CA VAL A 358 -16.49 12.99 -17.40
C VAL A 358 -16.91 14.41 -16.99
N CYS A 359 -17.45 15.17 -17.94
CA CYS A 359 -17.88 16.53 -17.64
C CYS A 359 -19.39 16.69 -17.77
N LEU A 360 -19.97 17.37 -16.78
CA LEU A 360 -21.41 17.58 -16.70
C LEU A 360 -21.73 19.07 -16.65
N SER A 361 -22.86 19.44 -17.25
CA SER A 361 -23.40 20.77 -17.06
C SER A 361 -24.46 20.72 -15.97
N ILE A 362 -24.26 21.49 -14.91
CA ILE A 362 -25.18 21.47 -13.78
C ILE A 362 -25.87 22.82 -13.57
N THR A 363 -27.19 22.78 -13.48
CA THR A 363 -27.99 23.98 -13.27
C THR A 363 -28.85 23.81 -12.03
N SER A 364 -28.80 24.78 -11.12
CA SER A 364 -29.65 24.75 -9.93
C SER A 364 -29.97 26.16 -9.45
N THR A 365 -30.67 26.27 -8.32
CA THR A 365 -31.04 27.57 -7.79
C THR A 365 -30.50 27.79 -6.37
N GLY A 366 -29.51 26.99 -6.00
CA GLY A 366 -28.91 27.08 -4.68
C GLY A 366 -27.73 26.13 -4.58
N THR A 367 -26.88 26.33 -3.56
CA THR A 367 -25.71 25.48 -3.39
C THR A 367 -26.13 24.10 -2.89
N GLY A 368 -25.73 23.07 -3.61
CA GLY A 368 -26.04 21.71 -3.23
C GLY A 368 -25.03 20.72 -3.76
N THR A 369 -25.42 19.46 -3.81
CA THR A 369 -24.55 18.40 -4.30
C THR A 369 -25.29 17.48 -5.24
N LEU A 370 -24.77 17.32 -6.45
CA LEU A 370 -25.29 16.32 -7.37
C LEU A 370 -24.74 14.97 -6.99
N SER A 371 -25.62 13.99 -6.90
CA SER A 371 -25.21 12.62 -6.60
C SER A 371 -25.79 11.71 -7.67
N ALA A 372 -24.92 10.94 -8.33
CA ALA A 372 -25.33 10.05 -9.41
C ALA A 372 -24.71 8.65 -9.27
N HIS A 373 -25.38 7.66 -9.84
CA HIS A 373 -24.90 6.29 -9.79
C HIS A 373 -25.40 5.47 -10.98
N ASN A 374 -24.57 4.56 -11.48
CA ASN A 374 -25.04 3.60 -12.47
C ASN A 374 -25.90 2.55 -11.77
N LYS A 375 -26.58 1.72 -12.54
CA LYS A 375 -27.59 0.80 -12.00
C LYS A 375 -27.08 -0.15 -10.92
N ASP A 376 -25.96 -0.82 -11.19
CA ASP A 376 -25.43 -1.81 -10.26
C ASP A 376 -24.56 -1.15 -9.19
N GLY A 377 -24.55 0.19 -9.18
CA GLY A 377 -23.87 0.94 -8.14
C GLY A 377 -22.37 0.78 -8.09
N SER A 378 -21.77 0.38 -9.21
CA SER A 378 -20.32 0.20 -9.29
C SER A 378 -19.63 1.53 -9.58
N LEU A 379 -20.39 2.50 -10.10
CA LEU A 379 -19.86 3.83 -10.40
C LEU A 379 -20.62 4.90 -9.63
N HIS A 380 -19.88 5.92 -9.18
CA HIS A 380 -20.44 6.98 -8.34
C HIS A 380 -19.90 8.35 -8.81
N ILE A 381 -20.80 9.28 -9.08
CA ILE A 381 -20.46 10.65 -9.42
C ILE A 381 -20.98 11.62 -8.36
N VAL A 382 -20.10 12.45 -7.80
CA VAL A 382 -20.49 13.46 -6.81
C VAL A 382 -19.89 14.82 -7.17
N LEU A 383 -20.74 15.74 -7.61
CA LEU A 383 -20.29 17.05 -8.08
C LEU A 383 -21.07 18.20 -7.42
N PRO A 384 -20.43 19.37 -7.28
CA PRO A 384 -21.08 20.51 -6.63
C PRO A 384 -22.11 21.21 -7.52
N SER A 385 -23.19 21.69 -6.91
CA SER A 385 -24.18 22.50 -7.62
C SER A 385 -24.38 23.83 -6.92
N GLU A 386 -24.76 24.84 -7.68
CA GLU A 386 -24.96 26.17 -7.12
C GLU A 386 -26.07 26.89 -7.86
N ASN A 387 -26.45 28.07 -7.36
CA ASN A 387 -27.44 28.88 -8.03
C ASN A 387 -26.85 29.45 -9.32
N GLY A 388 -27.23 28.84 -10.44
CA GLY A 388 -26.70 29.21 -11.73
C GLY A 388 -26.34 27.98 -12.54
N THR A 389 -25.47 28.15 -13.52
CA THR A 389 -25.08 27.04 -14.39
C THR A 389 -23.57 26.95 -14.56
N LYS A 390 -23.00 25.85 -14.08
CA LYS A 390 -21.57 25.62 -14.20
C LYS A 390 -21.29 24.23 -14.75
N ASP A 391 -20.17 24.11 -15.45
CA ASP A 391 -19.66 22.80 -15.85
C ASP A 391 -18.87 22.21 -14.70
N GLN A 392 -19.08 20.93 -14.42
CA GLN A 392 -18.34 20.22 -13.38
C GLN A 392 -17.83 18.88 -13.91
N CYS A 393 -16.57 18.57 -13.61
CA CYS A 393 -15.94 17.34 -14.12
C CYS A 393 -15.35 16.49 -13.00
N GLN A 394 -15.21 15.19 -13.25
CA GLN A 394 -14.45 14.33 -12.36
C GLN A 394 -13.93 13.11 -13.10
N ILE A 395 -13.10 12.33 -12.42
CA ILE A 395 -12.51 11.13 -13.02
C ILE A 395 -13.32 9.88 -12.72
N LEU A 396 -13.49 9.05 -13.74
CA LEU A 396 -14.05 7.72 -13.58
C LEU A 396 -13.11 6.71 -14.23
N HIS A 397 -13.22 5.44 -13.84
CA HIS A 397 -12.39 4.41 -14.43
C HIS A 397 -13.22 3.34 -15.13
N PHE A 398 -12.97 3.19 -16.43
CA PHE A 398 -13.69 2.24 -17.26
C PHE A 398 -12.71 1.19 -17.80
N THR A 399 -13.24 0.12 -18.39
CA THR A 399 -12.39 -0.92 -18.97
C THR A 399 -12.81 -1.31 -20.39
N VAL A 400 -13.55 -0.42 -21.07
CA VAL A 400 -13.93 -0.63 -22.46
C VAL A 400 -13.69 0.64 -23.27
N PRO A 401 -13.47 0.49 -24.59
CA PRO A 401 -13.25 1.64 -25.48
C PRO A 401 -14.52 2.44 -25.76
N GLU A 402 -15.65 1.75 -25.93
CA GLU A 402 -16.91 2.43 -26.21
C GLU A 402 -17.81 2.43 -24.98
N VAL A 403 -17.79 3.54 -24.25
CA VAL A 403 -18.56 3.67 -23.02
C VAL A 403 -19.99 4.17 -23.29
N GLU A 404 -20.96 3.50 -22.69
CA GLU A 404 -22.35 3.93 -22.78
C GLU A 404 -23.11 3.48 -21.55
N GLU A 405 -23.05 4.30 -20.51
CA GLU A 405 -23.58 3.94 -19.20
C GLU A 405 -24.58 4.97 -18.71
N GLU A 406 -25.78 4.52 -18.35
CA GLU A 406 -26.79 5.44 -17.83
C GLU A 406 -26.62 5.66 -16.33
N PHE A 407 -26.72 6.92 -15.92
CA PHE A 407 -26.70 7.28 -14.51
C PHE A 407 -28.04 7.88 -14.09
N MET A 408 -28.40 7.69 -12.82
CA MET A 408 -29.52 8.41 -12.21
C MET A 408 -28.96 9.43 -11.24
N TYR A 409 -29.35 10.70 -11.39
CA TYR A 409 -28.78 11.78 -10.59
C TYR A 409 -29.85 12.59 -9.87
N SER A 410 -29.46 13.29 -8.81
CA SER A 410 -30.32 14.27 -8.14
C SER A 410 -29.53 15.13 -7.18
N CYS A 411 -30.07 16.31 -6.87
CA CYS A 411 -29.53 17.14 -5.80
C CYS A 411 -30.51 17.20 -4.63
N ASP A 412 -31.74 16.72 -4.86
CA ASP A 412 -32.81 16.79 -3.87
C ASP A 412 -33.45 15.44 -3.59
N GLY A 413 -33.03 14.40 -4.31
CA GLY A 413 -33.58 13.07 -4.12
C GLY A 413 -34.49 12.58 -5.24
N ASP A 414 -34.90 13.49 -6.12
CA ASP A 414 -35.75 13.09 -7.25
C ASP A 414 -34.89 12.73 -8.47
N GLU A 415 -34.65 11.43 -8.62
CA GLU A 415 -33.71 10.94 -9.62
C GLU A 415 -34.18 11.07 -11.06
N ARG A 416 -33.24 11.40 -11.94
CA ARG A 416 -33.48 11.54 -13.36
C ARG A 416 -32.31 10.93 -14.14
N PRO A 417 -32.57 10.43 -15.35
CA PRO A 417 -31.54 9.73 -16.13
C PRO A 417 -30.49 10.65 -16.75
N LEU A 418 -29.28 10.12 -16.91
CA LEU A 418 -28.20 10.85 -17.57
C LEU A 418 -27.26 9.83 -18.21
N LEU A 419 -26.99 10.00 -19.50
CA LEU A 419 -26.16 9.04 -20.23
C LEU A 419 -24.72 9.52 -20.40
N VAL A 420 -23.79 8.79 -19.78
CA VAL A 420 -22.37 9.01 -20.01
C VAL A 420 -21.92 8.16 -21.19
N LYS A 421 -21.66 8.82 -22.31
CA LYS A 421 -21.35 8.12 -23.55
C LYS A 421 -20.11 8.72 -24.22
N GLY A 422 -19.18 7.86 -24.62
CA GLY A 422 -17.98 8.34 -25.28
C GLY A 422 -16.99 7.26 -25.66
N THR A 423 -15.94 7.66 -26.36
CA THR A 423 -14.91 6.74 -26.81
C THR A 423 -13.60 6.99 -26.07
N LEU A 424 -13.07 5.95 -25.45
CA LEU A 424 -11.82 6.04 -24.71
C LEU A 424 -10.71 5.29 -25.45
N ILE A 425 -9.47 5.71 -25.22
CA ILE A 425 -8.34 5.10 -25.93
C ILE A 425 -7.64 4.06 -25.08
N ALA A 426 -6.95 3.13 -25.75
CA ALA A 426 -6.20 2.10 -25.10
C ALA A 426 -4.76 2.54 -24.91
N ILE A 427 -4.14 2.09 -23.82
CA ILE A 427 -2.73 2.37 -23.59
C ILE A 427 -1.92 1.09 -23.69
N ASP A 428 -1.08 1.01 -24.72
CA ASP A 428 -0.27 -0.18 -24.96
C ASP A 428 0.69 -0.41 -23.81
N PRO A 429 0.90 -1.68 -23.45
CA PRO A 429 1.93 -2.07 -22.47
C PRO A 429 3.25 -1.37 -22.79
N PHE A 430 3.89 -0.80 -21.77
CA PHE A 430 5.08 0.02 -21.98
C PHE A 430 6.28 -0.45 -21.18
N ASP A 431 7.45 0.11 -21.51
CA ASP A 431 8.72 -0.21 -20.86
C ASP A 431 9.54 1.09 -20.81
N ASP A 432 9.86 1.54 -19.60
CA ASP A 432 10.49 2.86 -19.41
C ASP A 432 12.00 2.84 -19.69
N ARG A 433 12.55 1.64 -19.81
CA ARG A 433 13.96 1.47 -20.15
C ARG A 433 14.27 2.05 -21.53
N ARG A 434 15.40 2.77 -21.62
CA ARG A 434 15.90 3.28 -22.89
C ARG A 434 17.38 2.99 -23.00
N GLU A 435 17.79 2.39 -24.11
CA GLU A 435 19.21 2.15 -24.35
C GLU A 435 19.92 3.45 -24.68
N ALA A 436 21.11 3.63 -24.11
CA ALA A 436 21.94 4.79 -24.40
C ALA A 436 23.40 4.35 -24.48
N GLY A 437 24.22 5.14 -25.15
CA GLY A 437 25.62 4.82 -25.30
C GLY A 437 25.96 4.35 -26.71
N GLY A 438 27.10 3.69 -26.86
CA GLY A 438 27.54 3.24 -28.17
C GLY A 438 29.02 2.90 -28.22
N GLU A 439 29.62 3.06 -29.39
CA GLU A 439 31.03 2.72 -29.58
C GLU A 439 31.94 3.55 -28.69
N SER A 440 33.09 2.96 -28.34
CA SER A 440 34.09 3.65 -27.56
C SER A 440 34.86 4.64 -28.41
N THR A 441 35.56 5.55 -27.74
CA THR A 441 36.62 6.31 -28.40
C THR A 441 37.89 5.49 -28.35
N VAL A 442 38.38 5.08 -29.51
CA VAL A 442 39.57 4.25 -29.58
C VAL A 442 40.82 5.10 -29.35
N VAL A 443 41.64 4.68 -28.40
CA VAL A 443 42.88 5.37 -28.10
C VAL A 443 44.04 4.68 -28.81
N ASN A 444 44.89 5.46 -29.48
CA ASN A 444 46.07 4.91 -30.11
C ASN A 444 47.10 4.52 -29.06
N PRO A 445 47.74 3.35 -29.24
CA PRO A 445 48.72 2.83 -28.27
C PRO A 445 49.88 3.78 -28.01
N LYS A 446 50.29 3.88 -26.75
CA LYS A 446 51.39 4.76 -26.37
C LYS A 446 52.48 4.01 -25.59
N CYS B 1 -11.79 17.35 32.19
CA CYS B 1 -12.93 16.94 31.39
C CYS B 1 -12.79 17.37 29.94
N SER B 2 -13.38 16.59 29.04
CA SER B 2 -13.33 16.87 27.61
C SER B 2 -14.75 17.00 27.06
N GLU B 3 -14.93 17.88 26.08
CA GLU B 3 -16.23 18.04 25.45
C GLU B 3 -16.34 17.06 24.30
N LEU B 4 -16.92 15.90 24.59
CA LEU B 4 -16.91 14.78 23.65
C LEU B 4 -18.29 14.47 23.12
N ILE B 5 -19.31 15.05 23.73
CA ILE B 5 -20.67 14.66 23.42
C ILE B 5 -21.10 15.18 22.05
N GLN B 6 -21.67 14.29 21.23
CA GLN B 6 -22.11 14.63 19.88
C GLN B 6 -23.64 14.70 19.80
N ALA B 7 -24.31 13.85 20.57
CA ALA B 7 -25.77 13.82 20.57
C ALA B 7 -26.29 13.27 21.90
N SER B 8 -27.48 13.72 22.28
CA SER B 8 -28.13 13.22 23.47
C SER B 8 -29.61 13.00 23.19
N SER B 9 -30.11 11.85 23.60
CA SER B 9 -31.48 11.46 23.29
C SER B 9 -32.10 10.60 24.36
N ARG B 10 -33.41 10.42 24.28
CA ARG B 10 -34.15 9.57 25.18
C ARG B 10 -34.74 8.42 24.39
N ILE B 11 -34.24 7.21 24.62
CA ILE B 11 -34.69 6.06 23.84
C ILE B 11 -35.37 5.00 24.71
N THR B 12 -36.53 4.54 24.26
CA THR B 12 -37.23 3.44 24.91
C THR B 12 -37.01 2.15 24.14
N THR B 13 -36.67 1.08 24.87
CA THR B 13 -36.36 -0.21 24.26
C THR B 13 -37.31 -1.29 24.79
N CYS B 14 -37.88 -2.08 23.89
CA CYS B 14 -38.87 -3.08 24.31
C CYS B 14 -38.45 -4.50 23.94
N SER B 15 -38.42 -5.37 24.95
CA SER B 15 -38.19 -6.79 24.73
C SER B 15 -39.53 -7.49 24.49
N THR B 16 -39.47 -8.75 24.09
CA THR B 16 -40.68 -9.52 23.80
C THR B 16 -40.42 -11.02 23.95
N THR B 21 -44.49 -7.93 27.03
CA THR B 21 -43.63 -6.90 26.47
C THR B 21 -43.12 -5.94 27.55
N LYS B 22 -41.86 -6.12 27.94
CA LYS B 22 -41.23 -5.24 28.92
C LYS B 22 -40.51 -4.10 28.22
N CYS B 23 -40.63 -2.89 28.76
CA CYS B 23 -39.99 -1.72 28.15
C CYS B 23 -39.10 -0.97 29.13
N ARG B 24 -37.93 -0.56 28.65
CA ARG B 24 -36.96 0.16 29.46
C ARG B 24 -36.59 1.48 28.80
N LEU B 25 -36.73 2.58 29.54
CA LEU B 25 -36.35 3.89 29.03
C LEU B 25 -34.90 4.20 29.40
N SER B 26 -34.06 4.39 28.39
CA SER B 26 -32.65 4.71 28.63
C SER B 26 -32.25 6.03 28.00
N GLY B 27 -31.55 6.85 28.77
CA GLY B 27 -30.88 8.01 28.21
C GLY B 27 -29.77 7.49 27.33
N THR B 28 -29.59 8.12 26.18
CA THR B 28 -28.59 7.66 25.22
C THR B 28 -27.69 8.81 24.79
N ALA B 29 -26.38 8.64 25.01
CA ALA B 29 -25.41 9.66 24.62
C ALA B 29 -24.45 9.15 23.57
N LEU B 30 -24.31 9.90 22.49
CA LEU B 30 -23.29 9.61 21.49
C LEU B 30 -22.08 10.49 21.74
N ILE B 31 -20.97 9.89 22.14
CA ILE B 31 -19.75 10.66 22.38
C ILE B 31 -18.62 10.22 21.46
N ARG B 32 -17.70 11.14 21.20
CA ARG B 32 -16.51 10.81 20.44
CA ARG B 32 -16.50 10.82 20.44
C ARG B 32 -15.39 10.37 21.39
N ALA B 33 -14.57 9.43 20.95
CA ALA B 33 -13.46 8.98 21.77
C ALA B 33 -12.47 10.13 21.90
N GLY B 34 -12.35 10.91 20.83
CA GLY B 34 -11.55 12.11 20.80
C GLY B 34 -10.06 11.83 20.63
N SER B 35 -9.45 11.36 21.71
CA SER B 35 -8.02 11.07 21.72
C SER B 35 -7.66 10.31 23.00
N VAL B 36 -6.43 9.82 23.05
CA VAL B 36 -5.95 9.16 24.25
C VAL B 36 -5.87 10.15 25.40
N GLY B 37 -6.55 9.85 26.50
CA GLY B 37 -6.53 10.71 27.66
C GLY B 37 -7.78 11.55 27.79
N ALA B 38 -8.54 11.64 26.69
CA ALA B 38 -9.79 12.37 26.70
C ALA B 38 -10.79 11.68 27.62
N GLU B 39 -11.51 12.48 28.40
CA GLU B 39 -12.41 11.93 29.41
C GLU B 39 -13.75 12.65 29.42
N ALA B 40 -14.83 11.90 29.17
CA ALA B 40 -16.16 12.46 29.23
C ALA B 40 -16.66 12.48 30.67
N CYS B 41 -17.02 13.67 31.16
CA CYS B 41 -17.58 13.81 32.50
C CYS B 41 -19.09 14.01 32.41
N LEU B 42 -19.85 13.01 32.83
CA LEU B 42 -21.30 13.03 32.66
C LEU B 42 -22.04 13.00 33.99
N MET B 43 -22.75 14.08 34.29
CA MET B 43 -23.67 14.08 35.41
C MET B 43 -25.05 13.70 34.88
N LEU B 44 -25.65 12.69 35.50
CA LEU B 44 -26.93 12.18 35.03
C LEU B 44 -28.07 12.56 35.97
N LYS B 45 -29.27 12.65 35.42
CA LYS B 45 -30.46 12.90 36.22
C LYS B 45 -31.38 11.69 36.15
N GLY B 46 -31.96 11.32 37.29
CA GLY B 46 -32.90 10.22 37.33
C GLY B 46 -34.09 10.52 36.44
N VAL B 47 -34.28 9.68 35.42
CA VAL B 47 -35.42 9.81 34.53
C VAL B 47 -36.71 9.62 35.32
N LYS B 48 -36.74 8.56 36.12
CA LYS B 48 -37.88 8.27 36.97
C LYS B 48 -37.79 9.02 38.28
N GLU B 49 -36.73 8.76 39.03
CA GLU B 49 -36.59 9.26 40.39
C GLU B 49 -36.10 10.71 40.46
N ASP B 50 -35.43 11.03 41.56
CA ASP B 50 -34.88 12.36 41.77
C ASP B 50 -33.45 12.24 42.29
N GLN B 51 -32.61 11.55 41.53
CA GLN B 51 -31.23 11.34 41.92
C GLN B 51 -30.28 11.90 40.88
N THR B 52 -29.12 12.35 41.34
CA THR B 52 -28.04 12.75 40.46
C THR B 52 -26.91 11.73 40.55
N LYS B 53 -26.43 11.30 39.39
CA LYS B 53 -25.45 10.23 39.29
C LYS B 53 -24.31 10.70 38.40
N PHE B 54 -23.07 10.55 38.87
CA PHE B 54 -21.92 10.98 38.08
C PHE B 54 -21.22 9.80 37.44
N LEU B 55 -20.65 10.03 36.26
CA LEU B 55 -20.06 8.97 35.46
C LEU B 55 -18.96 9.54 34.57
N LYS B 56 -17.82 8.87 34.53
CA LYS B 56 -16.71 9.33 33.69
C LYS B 56 -16.21 8.21 32.78
N ILE B 57 -15.93 8.57 31.52
CA ILE B 57 -15.45 7.60 30.56
C ILE B 57 -14.23 8.14 29.84
N LYS B 58 -13.12 7.44 30.01
CA LYS B 58 -11.83 7.91 29.52
C LYS B 58 -11.23 6.95 28.51
N THR B 59 -10.70 7.47 27.42
CA THR B 59 -10.00 6.64 26.45
C THR B 59 -8.56 6.48 26.91
N VAL B 60 -8.14 5.22 27.09
CA VAL B 60 -6.84 4.92 27.64
C VAL B 60 -5.83 4.63 26.55
N SER B 61 -6.27 3.88 25.54
CA SER B 61 -5.40 3.53 24.41
C SER B 61 -6.22 2.98 23.26
N SER B 62 -5.65 3.01 22.06
CA SER B 62 -6.31 2.48 20.89
C SER B 62 -5.31 1.73 20.02
N GLU B 63 -5.40 0.41 20.06
CA GLU B 63 -4.37 -0.45 19.48
C GLU B 63 -4.87 -1.25 18.29
N LEU B 64 -4.02 -1.38 17.27
CA LEU B 64 -4.26 -2.28 16.16
C LEU B 64 -3.26 -3.43 16.24
N SER B 65 -3.76 -4.65 16.43
CA SER B 65 -2.88 -5.81 16.55
C SER B 65 -2.58 -6.42 15.18
N CYS B 66 -1.30 -6.65 14.90
CA CYS B 66 -0.89 -7.25 13.65
C CYS B 66 -1.04 -8.76 13.68
N ARG B 67 -2.03 -9.28 12.98
CA ARG B 67 -2.11 -10.73 12.77
C ARG B 67 -1.29 -11.06 11.54
N GLU B 68 -0.23 -11.82 11.73
CA GLU B 68 0.76 -12.03 10.69
C GLU B 68 0.29 -12.99 9.60
N GLY B 69 0.87 -12.84 8.41
CA GLY B 69 0.67 -13.79 7.34
C GLY B 69 1.97 -14.54 7.08
N GLN B 70 2.39 -14.55 5.82
CA GLN B 70 3.61 -15.26 5.40
C GLN B 70 4.83 -14.81 6.19
N SER B 71 5.74 -15.75 6.45
CA SER B 71 6.92 -15.48 7.26
C SER B 71 8.10 -16.31 6.76
N TYR B 72 9.30 -15.76 6.89
CA TYR B 72 10.51 -16.53 6.58
C TYR B 72 11.66 -16.06 7.46
N TRP B 73 12.73 -16.85 7.50
CA TRP B 73 13.94 -16.47 8.22
C TRP B 73 15.07 -16.14 7.24
N THR B 74 15.92 -15.20 7.61
CA THR B 74 17.07 -14.86 6.79
C THR B 74 18.23 -14.41 7.65
N GLY B 75 19.33 -14.04 7.01
CA GLY B 75 20.53 -13.65 7.75
C GLY B 75 21.59 -13.05 6.86
N SER B 76 22.82 -13.03 7.37
CA SER B 76 23.95 -12.44 6.68
C SER B 76 24.86 -13.54 6.14
N PHE B 77 24.74 -13.85 4.84
CA PHE B 77 25.45 -14.98 4.26
C PHE B 77 26.73 -14.60 3.51
N SER B 78 27.65 -15.55 3.42
CA SER B 78 28.96 -15.34 2.86
C SER B 78 29.46 -16.61 2.14
N PRO B 79 30.18 -16.44 1.01
CA PRO B 79 30.69 -17.59 0.25
C PRO B 79 32.14 -17.96 0.57
N LYS B 80 32.43 -19.25 0.52
CA LYS B 80 33.80 -19.76 0.63
C LYS B 80 33.99 -20.83 -0.43
N CYS B 81 35.04 -20.71 -1.23
CA CYS B 81 35.22 -21.67 -2.32
C CYS B 81 36.59 -22.34 -2.37
N LEU B 82 36.63 -23.49 -3.03
CA LEU B 82 37.86 -24.19 -3.36
C LEU B 82 38.03 -24.14 -4.86
N SER B 83 39.27 -24.00 -5.32
CA SER B 83 39.53 -23.97 -6.76
C SER B 83 40.74 -24.82 -7.11
N SER B 84 40.73 -25.36 -8.32
CA SER B 84 41.85 -26.14 -8.84
C SER B 84 41.85 -26.10 -10.36
N ARG B 85 42.91 -25.56 -10.94
CA ARG B 85 43.03 -25.52 -12.39
C ARG B 85 43.79 -26.73 -12.92
N ARG B 86 43.24 -27.35 -13.96
CA ARG B 86 43.92 -28.46 -14.62
C ARG B 86 44.11 -28.16 -16.09
N CYS B 87 45.23 -28.62 -16.64
CA CYS B 87 45.51 -28.41 -18.05
C CYS B 87 44.58 -29.25 -18.90
N HIS B 88 44.46 -28.89 -20.17
CA HIS B 88 43.65 -29.65 -21.10
C HIS B 88 44.25 -31.04 -21.29
N LEU B 89 43.38 -32.04 -21.49
CA LEU B 89 43.76 -33.45 -21.60
C LEU B 89 44.29 -34.01 -20.26
N VAL B 90 44.04 -33.28 -19.18
CA VAL B 90 44.42 -33.72 -17.85
C VAL B 90 43.19 -33.80 -16.95
N GLY B 91 43.02 -34.92 -16.26
CA GLY B 91 41.89 -35.09 -15.37
C GLY B 91 40.57 -34.95 -16.09
N GLU B 92 39.67 -34.13 -15.55
CA GLU B 92 38.35 -33.96 -16.13
C GLU B 92 38.35 -32.98 -17.30
N CYS B 93 39.46 -32.27 -17.49
CA CYS B 93 39.51 -31.20 -18.49
C CYS B 93 39.59 -31.77 -19.91
N HIS B 94 38.47 -32.31 -20.39
CA HIS B 94 38.42 -32.84 -21.74
C HIS B 94 37.26 -32.26 -22.53
N VAL B 95 37.47 -32.17 -23.84
CA VAL B 95 36.48 -31.78 -24.85
C VAL B 95 35.40 -30.79 -24.38
N ASN B 96 34.37 -31.28 -23.71
CA ASN B 96 33.16 -30.51 -23.49
C ASN B 96 32.84 -30.29 -22.03
N ARG B 97 33.61 -30.95 -21.16
CA ARG B 97 33.26 -31.11 -19.75
C ARG B 97 33.12 -29.80 -18.99
N CYS B 98 34.07 -28.90 -19.18
CA CYS B 98 34.08 -27.64 -18.42
C CYS B 98 32.89 -26.75 -18.78
N LEU B 99 32.59 -26.64 -20.07
CA LEU B 99 31.47 -25.83 -20.52
C LEU B 99 30.13 -26.49 -20.19
N SER B 100 30.17 -27.78 -19.92
CA SER B 100 28.95 -28.53 -19.66
C SER B 100 28.71 -28.76 -18.17
N TRP B 101 29.55 -28.18 -17.33
CA TRP B 101 29.51 -28.46 -15.90
C TRP B 101 28.18 -28.04 -15.26
N ARG B 102 27.68 -28.91 -14.37
CA ARG B 102 26.42 -28.67 -13.67
C ARG B 102 26.68 -28.20 -12.24
N ASP B 103 25.79 -27.35 -11.73
CA ASP B 103 25.95 -26.75 -10.40
C ASP B 103 26.03 -27.77 -9.27
N ASN B 104 25.33 -28.90 -9.41
CA ASN B 104 25.25 -29.85 -8.31
C ASN B 104 26.28 -30.97 -8.39
N GLU B 105 27.22 -30.86 -9.34
CA GLU B 105 28.25 -31.88 -9.52
C GLU B 105 29.59 -31.43 -8.94
N THR B 106 30.06 -32.15 -7.92
CA THR B 106 31.36 -31.85 -7.33
C THR B 106 32.49 -32.44 -8.17
N SER B 107 33.45 -31.60 -8.50
CA SER B 107 34.62 -32.01 -9.28
C SER B 107 35.47 -33.02 -8.50
N ALA B 108 36.13 -33.92 -9.23
CA ALA B 108 37.05 -34.87 -8.61
C ALA B 108 38.25 -34.14 -8.02
N GLU B 109 38.44 -32.90 -8.40
CA GLU B 109 39.49 -32.08 -7.82
C GLU B 109 39.26 -31.92 -6.33
N PHE B 110 37.99 -31.99 -5.93
CA PHE B 110 37.63 -31.84 -4.52
C PHE B 110 36.99 -33.13 -4.00
N SER B 111 37.59 -34.26 -4.35
CA SER B 111 37.13 -35.57 -3.91
C SER B 111 37.31 -35.78 -2.42
N PHE B 112 38.09 -34.90 -1.78
CA PHE B 112 38.36 -34.98 -0.35
C PHE B 112 37.27 -34.30 0.47
N VAL B 113 36.43 -33.53 -0.22
CA VAL B 113 35.31 -32.86 0.42
C VAL B 113 34.21 -33.87 0.75
N GLY B 114 33.84 -33.93 2.02
CA GLY B 114 32.84 -34.89 2.45
C GLY B 114 31.43 -34.56 1.97
N GLU B 115 30.46 -35.25 2.52
CA GLU B 115 29.06 -34.98 2.20
C GLU B 115 28.61 -33.70 2.88
N SER B 116 27.63 -33.03 2.27
CA SER B 116 27.19 -31.74 2.77
C SER B 116 25.68 -31.61 2.74
N THR B 117 25.14 -30.85 3.70
CA THR B 117 23.74 -30.47 3.68
C THR B 117 23.63 -28.94 3.68
N THR B 118 24.71 -28.28 3.27
CA THR B 118 24.80 -26.83 3.22
C THR B 118 24.55 -26.31 1.79
N MET B 119 24.01 -25.10 1.66
CA MET B 119 23.84 -24.46 0.37
C MET B 119 25.18 -24.45 -0.36
N ARG B 120 25.20 -24.96 -1.57
CA ARG B 120 26.44 -25.07 -2.32
C ARG B 120 26.18 -25.09 -3.81
N GLU B 121 27.23 -24.85 -4.59
CA GLU B 121 27.15 -24.99 -6.04
C GLU B 121 28.54 -25.22 -6.62
N ASN B 122 28.59 -25.63 -7.87
CA ASN B 122 29.86 -25.94 -8.54
C ASN B 122 29.92 -25.32 -9.91
N LYS B 123 31.10 -24.82 -10.27
CA LYS B 123 31.29 -24.21 -11.58
C LYS B 123 32.58 -24.72 -12.21
N CYS B 124 32.69 -24.55 -13.53
CA CYS B 124 33.96 -24.75 -14.21
C CYS B 124 34.13 -23.66 -15.25
N PHE B 125 35.26 -22.96 -15.16
CA PHE B 125 35.55 -21.88 -16.06
C PHE B 125 36.79 -22.20 -16.85
N GLU B 126 36.71 -22.10 -18.17
CA GLU B 126 37.88 -22.30 -19.01
C GLU B 126 38.85 -21.16 -18.84
N GLN B 127 40.14 -21.48 -18.87
CA GLN B 127 41.19 -20.49 -18.75
C GLN B 127 42.25 -20.68 -19.83
N CYS B 128 43.24 -19.80 -19.85
CA CYS B 128 44.27 -19.82 -20.88
C CYS B 128 45.11 -21.09 -20.81
N GLY B 129 45.49 -21.59 -21.99
CA GLY B 129 46.34 -22.76 -22.09
C GLY B 129 47.71 -22.37 -22.60
N GLY B 130 48.45 -23.36 -23.09
CA GLY B 130 49.76 -23.13 -23.66
C GLY B 130 50.84 -22.94 -22.61
N HIS B 131 52.05 -22.72 -23.09
CA HIS B 131 53.24 -22.61 -22.26
C HIS B 131 53.15 -21.49 -21.23
N GLY B 132 52.57 -20.36 -21.65
CA GLY B 132 52.46 -19.19 -20.78
C GLY B 132 51.57 -19.38 -19.58
N CYS B 133 50.79 -20.47 -19.56
CA CYS B 133 49.89 -20.73 -18.46
C CYS B 133 50.16 -22.09 -17.82
N GLY B 134 51.41 -22.51 -17.89
CA GLY B 134 51.86 -23.73 -17.24
C GLY B 134 51.30 -25.02 -17.81
N CYS B 135 50.91 -25.01 -19.08
CA CYS B 135 50.40 -26.22 -19.69
C CYS B 135 51.12 -26.52 -21.01
N PHE B 136 51.40 -27.80 -21.25
CA PHE B 136 51.99 -28.19 -22.52
C PHE B 136 50.95 -28.05 -23.62
N ASN B 137 49.76 -28.57 -23.35
CA ASN B 137 48.65 -28.48 -24.28
C ASN B 137 48.19 -27.03 -24.46
N VAL B 138 47.93 -26.64 -25.71
CA VAL B 138 47.58 -25.25 -26.02
C VAL B 138 46.09 -24.97 -25.88
N ASN B 139 45.29 -26.02 -25.76
CA ASN B 139 43.85 -25.86 -25.61
C ASN B 139 43.50 -25.29 -24.24
N PRO B 140 42.29 -24.74 -24.08
CA PRO B 140 41.86 -24.15 -22.81
C PRO B 140 41.98 -25.08 -21.60
N SER B 141 42.54 -24.55 -20.52
CA SER B 141 42.60 -25.27 -19.25
C SER B 141 41.27 -25.15 -18.51
N CYS B 142 41.16 -25.86 -17.39
CA CYS B 142 39.90 -25.91 -16.65
C CYS B 142 40.10 -25.50 -15.19
N LEU B 143 39.48 -24.40 -14.80
CA LEU B 143 39.44 -24.00 -13.39
C LEU B 143 38.14 -24.47 -12.77
N PHE B 144 38.22 -25.53 -11.98
CA PHE B 144 37.05 -26.05 -11.27
C PHE B 144 36.88 -25.34 -9.95
N VAL B 145 35.62 -25.15 -9.56
CA VAL B 145 35.28 -24.43 -8.32
C VAL B 145 34.18 -25.13 -7.54
N HIS B 146 34.40 -25.31 -6.24
CA HIS B 146 33.35 -25.75 -5.33
C HIS B 146 33.09 -24.67 -4.29
N THR B 147 31.85 -24.22 -4.22
CA THR B 147 31.48 -23.09 -3.37
C THR B 147 30.34 -23.45 -2.42
N TYR B 148 30.47 -23.10 -1.16
CA TYR B 148 29.35 -23.22 -0.23
C TYR B 148 29.14 -21.91 0.52
N LEU B 149 27.95 -21.74 1.09
CA LEU B 149 27.64 -20.53 1.83
C LEU B 149 27.67 -20.78 3.33
N GLN B 150 27.94 -19.73 4.08
CA GLN B 150 27.97 -19.82 5.53
C GLN B 150 27.36 -18.56 6.14
N SER B 151 26.98 -18.66 7.41
CA SER B 151 26.47 -17.52 8.13
C SER B 151 27.61 -16.80 8.84
N VAL B 152 27.77 -15.52 8.51
CA VAL B 152 28.72 -14.66 9.20
C VAL B 152 28.42 -14.64 10.69
N ARG B 153 27.27 -14.06 11.04
CA ARG B 153 26.83 -14.00 12.43
C ARG B 153 26.18 -15.30 12.87
N LYS B 154 26.09 -15.49 14.17
CA LYS B 154 25.43 -16.65 14.74
C LYS B 154 23.99 -16.30 15.15
N GLU B 155 23.38 -15.37 14.42
CA GLU B 155 22.01 -14.96 14.69
C GLU B 155 21.20 -14.77 13.40
N ALA B 156 19.88 -14.89 13.51
CA ALA B 156 18.99 -14.82 12.36
C ALA B 156 17.89 -13.78 12.57
N LEU B 157 17.15 -13.49 11.50
CA LEU B 157 16.03 -12.53 11.54
C LEU B 157 14.79 -13.11 10.85
N ARG B 158 13.63 -12.98 11.49
CA ARG B 158 12.38 -13.45 10.90
C ARG B 158 11.58 -12.28 10.31
N VAL B 159 11.46 -12.26 8.99
CA VAL B 159 10.71 -11.24 8.26
C VAL B 159 9.27 -11.72 8.03
N PHE B 160 8.30 -10.83 8.19
CA PHE B 160 6.89 -11.22 8.03
C PHE B 160 6.03 -10.02 7.65
N ASN B 161 4.84 -10.29 7.11
CA ASN B 161 3.87 -9.26 6.82
C ASN B 161 2.71 -9.28 7.81
N CYS B 162 1.83 -8.28 7.73
CA CYS B 162 0.64 -8.24 8.57
C CYS B 162 -0.60 -8.27 7.70
N ILE B 163 -1.46 -9.26 7.95
CA ILE B 163 -2.66 -9.44 7.12
C ILE B 163 -3.87 -8.75 7.72
N ASP B 164 -4.06 -8.92 9.03
CA ASP B 164 -5.14 -8.26 9.75
C ASP B 164 -4.62 -7.25 10.75
N TRP B 165 -5.31 -6.13 10.86
CA TRP B 165 -5.05 -5.19 11.94
C TRP B 165 -6.32 -5.10 12.79
N VAL B 166 -6.28 -5.73 13.96
CA VAL B 166 -7.48 -5.87 14.79
C VAL B 166 -7.50 -4.81 15.88
N HIS B 167 -8.57 -4.02 15.88
CA HIS B 167 -8.66 -2.86 16.77
C HIS B 167 -9.09 -3.23 18.18
N LYS B 168 -8.37 -2.67 19.15
CA LYS B 168 -8.80 -2.74 20.55
C LYS B 168 -8.85 -1.32 21.12
N LEU B 169 -10.04 -0.91 21.56
CA LEU B 169 -10.18 0.36 22.24
C LEU B 169 -10.35 0.13 23.74
N THR B 170 -9.40 0.61 24.52
CA THR B 170 -9.41 0.40 25.96
C THR B 170 -9.94 1.63 26.69
N LEU B 171 -10.97 1.41 27.51
CA LEU B 171 -11.63 2.50 28.20
C LEU B 171 -11.52 2.38 29.71
N GLU B 172 -11.35 3.52 30.37
CA GLU B 172 -11.38 3.58 31.82
C GLU B 172 -12.69 4.20 32.27
N ILE B 173 -13.50 3.43 32.98
CA ILE B 173 -14.83 3.91 33.32
C ILE B 173 -14.99 4.09 34.83
N THR B 174 -15.45 5.28 35.20
CA THR B 174 -15.65 5.63 36.61
C THR B 174 -17.12 5.61 36.96
N ASP B 175 -17.49 4.73 37.89
CA ASP B 175 -18.88 4.56 38.30
C ASP B 175 -19.32 5.68 39.24
N PHE B 176 -20.58 5.65 39.65
CA PHE B 176 -21.15 6.69 40.52
C PHE B 176 -20.43 6.77 41.87
N ASP B 177 -20.03 5.63 42.41
CA ASP B 177 -19.39 5.59 43.72
C ASP B 177 -17.90 5.92 43.65
N GLY B 178 -17.39 6.06 42.43
CA GLY B 178 -15.98 6.35 42.22
C GLY B 178 -15.17 5.12 41.88
N SER B 179 -15.85 3.98 41.74
CA SER B 179 -15.20 2.73 41.31
C SER B 179 -14.74 2.82 39.86
N VAL B 180 -13.53 2.34 39.59
CA VAL B 180 -12.98 2.41 38.25
C VAL B 180 -12.74 1.03 37.65
N SER B 181 -13.31 0.79 36.48
CA SER B 181 -13.09 -0.44 35.75
C SER B 181 -12.50 -0.16 34.38
N THR B 182 -11.90 -1.18 33.77
CA THR B 182 -11.33 -1.06 32.44
C THR B 182 -12.05 -2.00 31.48
N ILE B 183 -12.50 -1.44 30.36
CA ILE B 183 -13.21 -2.19 29.34
C ILE B 183 -12.42 -2.21 28.04
N ASP B 184 -12.41 -3.36 27.37
CA ASP B 184 -11.86 -3.45 26.02
C ASP B 184 -12.97 -3.69 25.02
N LEU B 185 -12.98 -2.92 23.94
CA LEU B 185 -14.00 -3.05 22.92
C LEU B 185 -13.37 -3.22 21.54
N GLY B 186 -13.88 -4.19 20.78
CA GLY B 186 -13.49 -4.33 19.39
C GLY B 186 -14.55 -3.71 18.49
N ALA B 187 -14.43 -3.95 17.19
CA ALA B 187 -15.37 -3.40 16.22
C ALA B 187 -16.80 -3.88 16.48
N SER B 188 -17.74 -2.94 16.45
CA SER B 188 -19.17 -3.21 16.61
C SER B 188 -19.48 -4.05 17.85
N SER B 189 -18.74 -3.81 18.92
CA SER B 189 -18.94 -4.52 20.18
C SER B 189 -19.60 -3.62 21.21
N SER B 190 -20.37 -4.24 22.09
CA SER B 190 -20.97 -3.55 23.23
C SER B 190 -20.55 -4.23 24.51
N ARG B 191 -20.72 -3.56 25.64
CA ARG B 191 -20.43 -4.15 26.93
C ARG B 191 -21.39 -3.61 27.99
N PHE B 192 -22.06 -4.51 28.70
CA PHE B 192 -22.94 -4.14 29.79
C PHE B 192 -22.17 -3.63 31.01
N THR B 193 -22.65 -2.53 31.57
CA THR B 193 -22.10 -2.03 32.83
C THR B 193 -23.18 -2.12 33.90
N ASN B 194 -22.84 -1.77 35.14
CA ASN B 194 -23.87 -1.78 36.17
C ASN B 194 -24.79 -0.57 36.05
N TRP B 195 -24.43 0.36 35.15
CA TRP B 195 -25.26 1.55 34.93
C TRP B 195 -25.89 1.59 33.55
N GLY B 196 -25.62 0.57 32.74
CA GLY B 196 -26.16 0.51 31.39
C GLY B 196 -25.27 -0.24 30.43
N SER B 197 -24.85 0.43 29.35
CA SER B 197 -23.93 -0.19 28.40
C SER B 197 -23.11 0.84 27.63
N VAL B 198 -21.90 0.44 27.25
CA VAL B 198 -21.06 1.22 26.35
C VAL B 198 -20.79 0.37 25.13
N SER B 199 -20.89 0.97 23.94
CA SER B 199 -20.61 0.23 22.73
C SER B 199 -19.80 1.05 21.74
N LEU B 200 -18.87 0.39 21.07
CA LEU B 200 -18.15 1.00 19.96
C LEU B 200 -19.06 0.92 18.75
N SER B 201 -19.77 2.02 18.49
CA SER B 201 -20.85 2.04 17.52
C SER B 201 -20.40 2.39 16.11
N LEU B 202 -19.25 3.06 16.02
CA LEU B 202 -18.69 3.44 14.74
C LEU B 202 -17.19 3.61 14.84
N ASP B 203 -16.45 2.78 14.10
CA ASP B 203 -15.00 2.71 14.20
C ASP B 203 -14.34 3.14 12.89
N ALA B 204 -13.55 4.21 12.94
CA ALA B 204 -12.82 4.67 11.77
C ALA B 204 -11.31 4.52 11.95
N GLU B 205 -10.92 3.68 12.91
CA GLU B 205 -9.50 3.40 13.12
C GLU B 205 -9.00 2.34 12.15
N GLY B 206 -7.82 2.57 11.59
CA GLY B 206 -7.25 1.64 10.63
C GLY B 206 -5.92 2.11 10.09
N ILE B 207 -5.21 1.21 9.39
CA ILE B 207 -3.96 1.56 8.76
C ILE B 207 -4.23 2.17 7.39
N SER B 208 -3.94 3.46 7.25
CA SER B 208 -4.14 4.15 5.98
C SER B 208 -2.85 4.80 5.51
N GLY B 209 -2.80 5.16 4.23
CA GLY B 209 -1.61 5.79 3.68
C GLY B 209 -1.20 5.28 2.32
N SER B 210 -0.04 5.72 1.87
CA SER B 210 0.40 5.48 0.51
C SER B 210 1.55 4.47 0.43
N ASN B 211 1.94 3.95 1.59
CA ASN B 211 3.06 3.01 1.66
C ASN B 211 2.65 1.62 2.13
N SER B 212 3.28 0.60 1.57
CA SER B 212 3.15 -0.74 2.10
CA SER B 212 3.14 -0.75 2.10
C SER B 212 4.39 -1.08 2.90
N PHE B 213 4.24 -1.94 3.91
CA PHE B 213 5.38 -2.26 4.75
C PHE B 213 5.29 -3.63 5.40
N SER B 214 6.39 -4.03 6.02
CA SER B 214 6.50 -5.31 6.68
C SER B 214 7.32 -5.17 7.95
N PHE B 215 7.56 -6.28 8.64
CA PHE B 215 8.28 -6.23 9.89
C PHE B 215 9.33 -7.32 10.00
N ILE B 216 10.27 -7.12 10.92
CA ILE B 216 11.28 -8.11 11.23
C ILE B 216 11.35 -8.34 12.73
N GLU B 217 11.40 -9.60 13.12
CA GLU B 217 11.66 -9.95 14.51
C GLU B 217 13.11 -10.39 14.70
N SER B 218 13.77 -9.80 15.70
CA SER B 218 15.07 -10.29 16.14
C SER B 218 14.91 -10.96 17.50
N PRO B 219 15.03 -12.29 17.55
CA PRO B 219 14.76 -13.11 18.74
C PRO B 219 15.40 -12.57 20.02
N GLY B 220 14.59 -12.05 20.93
CA GLY B 220 15.05 -11.51 22.19
C GLY B 220 15.60 -10.09 22.13
N LYS B 221 15.53 -9.48 20.95
CA LYS B 221 16.07 -8.14 20.77
C LYS B 221 15.06 -7.16 20.18
N GLY B 222 13.80 -7.57 20.12
CA GLY B 222 12.74 -6.68 19.65
C GLY B 222 12.40 -6.78 18.17
N TYR B 223 11.67 -5.78 17.67
CA TYR B 223 11.20 -5.77 16.29
C TYR B 223 11.66 -4.55 15.51
N ALA B 224 11.55 -4.61 14.18
CA ALA B 224 11.79 -3.46 13.32
C ALA B 224 10.74 -3.38 12.22
N ILE B 225 10.53 -2.19 11.68
CA ILE B 225 9.65 -2.02 10.52
C ILE B 225 10.47 -2.02 9.25
N VAL B 226 9.86 -2.48 8.16
CA VAL B 226 10.51 -2.44 6.85
C VAL B 226 9.65 -1.60 5.92
N ASP B 227 10.15 -0.42 5.55
CA ASP B 227 9.35 0.55 4.82
C ASP B 227 9.22 0.19 3.34
N GLU B 228 8.90 -1.07 3.09
CA GLU B 228 8.76 -1.59 1.73
C GLU B 228 7.80 -2.79 1.76
N PRO B 229 7.15 -3.07 0.63
CA PRO B 229 6.26 -4.23 0.58
C PRO B 229 7.00 -5.56 0.87
N PHE B 230 6.33 -6.45 1.59
CA PHE B 230 6.82 -7.79 1.86
C PHE B 230 7.14 -8.53 0.55
N SER B 231 8.32 -9.15 0.47
CA SER B 231 8.75 -9.86 -0.73
C SER B 231 8.33 -11.34 -0.69
N GLU B 232 7.40 -11.70 -1.56
CA GLU B 232 6.75 -13.00 -1.48
C GLU B 232 7.65 -14.20 -1.86
N ILE B 233 8.58 -13.96 -2.78
CA ILE B 233 9.54 -14.98 -3.21
C ILE B 233 10.95 -14.39 -3.18
N PRO B 234 11.99 -15.24 -3.18
CA PRO B 234 13.36 -14.71 -3.22
C PRO B 234 13.63 -13.86 -4.45
N ARG B 235 14.11 -12.63 -4.26
CA ARG B 235 14.47 -11.77 -5.39
C ARG B 235 15.79 -11.03 -5.12
N GLN B 236 16.73 -11.18 -6.05
CA GLN B 236 18.04 -10.54 -5.94
C GLN B 236 17.94 -9.04 -5.73
N GLY B 237 18.60 -8.55 -4.67
CA GLY B 237 18.59 -7.14 -4.37
C GLY B 237 17.51 -6.75 -3.39
N PHE B 238 16.71 -7.72 -2.97
CA PHE B 238 15.70 -7.49 -1.94
C PHE B 238 16.04 -8.27 -0.68
N LEU B 239 15.59 -7.74 0.46
CA LEU B 239 15.56 -8.48 1.71
C LEU B 239 14.94 -9.85 1.46
N GLY B 240 15.62 -10.90 1.92
CA GLY B 240 15.10 -12.25 1.75
C GLY B 240 15.44 -12.88 0.41
N GLU B 241 16.41 -12.31 -0.29
CA GLU B 241 16.94 -12.93 -1.51
C GLU B 241 17.50 -14.33 -1.20
N ILE B 242 17.87 -14.54 0.06
CA ILE B 242 18.10 -15.86 0.59
C ILE B 242 17.20 -16.02 1.81
N ARG B 243 16.44 -17.10 1.88
CA ARG B 243 15.51 -17.28 2.98
C ARG B 243 15.34 -18.74 3.36
N CYS B 244 15.07 -18.99 4.65
CA CYS B 244 14.90 -20.34 5.18
C CYS B 244 13.61 -20.43 5.97
N ASN B 245 13.23 -21.65 6.35
CA ASN B 245 11.96 -21.85 7.07
C ASN B 245 12.15 -21.89 8.58
N SER B 246 13.39 -21.80 9.03
CA SER B 246 13.70 -21.83 10.45
C SER B 246 14.90 -20.96 10.78
N GLU B 247 15.09 -20.72 12.08
CA GLU B 247 16.24 -19.98 12.56
C GLU B 247 17.50 -20.81 12.45
N SER B 248 17.41 -22.09 12.82
CA SER B 248 18.57 -22.98 12.83
C SER B 248 19.10 -23.18 11.42
N SER B 249 18.22 -23.11 10.44
CA SER B 249 18.61 -23.29 9.04
C SER B 249 19.42 -22.12 8.52
N VAL B 250 19.16 -20.93 9.05
CA VAL B 250 19.90 -19.75 8.64
C VAL B 250 21.33 -19.86 9.13
N LEU B 251 21.49 -20.28 10.39
CA LEU B 251 22.80 -20.37 11.01
C LEU B 251 23.68 -21.44 10.35
N SER B 252 23.08 -22.55 9.93
CA SER B 252 23.85 -23.60 9.27
C SER B 252 23.90 -23.38 7.76
N ALA B 253 23.18 -22.35 7.30
CA ALA B 253 23.05 -22.07 5.88
C ALA B 253 22.63 -23.34 5.15
N HIS B 254 21.61 -23.99 5.72
CA HIS B 254 21.14 -25.29 5.26
C HIS B 254 20.71 -25.27 3.80
N GLU B 255 20.83 -26.43 3.14
CA GLU B 255 20.51 -26.55 1.72
C GLU B 255 19.01 -26.41 1.43
N SER B 256 18.18 -26.44 2.47
CA SER B 256 16.74 -26.29 2.28
C SER B 256 16.35 -24.81 2.11
N CYS B 257 17.27 -23.92 2.44
CA CYS B 257 17.06 -22.49 2.21
C CYS B 257 16.90 -22.21 0.73
N LEU B 258 16.08 -21.22 0.40
CA LEU B 258 15.90 -20.81 -1.00
C LEU B 258 16.85 -19.67 -1.34
N ARG B 259 17.26 -19.61 -2.60
CA ARG B 259 18.09 -18.52 -3.10
C ARG B 259 17.54 -18.00 -4.42
N ALA B 260 17.54 -16.69 -4.59
CA ALA B 260 17.34 -16.12 -5.92
C ALA B 260 18.50 -16.57 -6.81
N PRO B 261 18.32 -16.54 -8.13
CA PRO B 261 19.37 -17.01 -9.04
C PRO B 261 20.65 -16.17 -9.00
N ASN B 262 21.79 -16.84 -9.20
CA ASN B 262 23.05 -16.18 -9.51
C ASN B 262 23.51 -15.16 -8.47
N LEU B 263 23.34 -15.49 -7.20
CA LEU B 263 23.75 -14.59 -6.13
C LEU B 263 25.27 -14.65 -5.88
N ILE B 264 25.92 -15.71 -6.33
CA ILE B 264 27.37 -15.82 -6.18
C ILE B 264 28.09 -15.42 -7.47
N SER B 265 29.05 -14.51 -7.34
CA SER B 265 29.83 -14.03 -8.47
C SER B 265 31.23 -14.62 -8.47
N TYR B 266 31.76 -14.85 -9.66
CA TYR B 266 33.05 -15.49 -9.81
C TYR B 266 33.98 -14.65 -10.67
N LYS B 267 35.25 -14.58 -10.26
CA LYS B 267 36.25 -13.83 -11.00
C LYS B 267 37.51 -14.68 -11.19
N PRO B 268 37.52 -15.54 -12.22
CA PRO B 268 38.62 -16.46 -12.47
C PRO B 268 39.90 -15.73 -12.89
N MET B 269 41.02 -16.06 -12.25
CA MET B 269 42.27 -15.39 -12.56
C MET B 269 43.40 -16.41 -12.74
N ILE B 270 43.25 -17.25 -13.75
CA ILE B 270 44.17 -18.36 -14.04
C ILE B 270 44.25 -19.32 -12.84
N ASP B 271 45.14 -19.06 -11.89
CA ASP B 271 45.28 -19.93 -10.73
C ASP B 271 44.69 -19.30 -9.48
N GLN B 272 44.38 -18.02 -9.55
CA GLN B 272 43.65 -17.36 -8.48
C GLN B 272 42.18 -17.29 -8.84
N LEU B 273 41.33 -17.13 -7.83
CA LEU B 273 39.89 -17.06 -8.05
C LEU B 273 39.18 -16.42 -6.86
N GLU B 274 38.28 -15.48 -7.14
CA GLU B 274 37.47 -14.90 -6.09
C GLU B 274 35.99 -15.23 -6.28
N CYS B 275 35.38 -15.76 -5.22
CA CYS B 275 33.94 -15.93 -5.17
C CYS B 275 33.36 -14.93 -4.18
N THR B 276 32.44 -14.10 -4.66
CA THR B 276 31.90 -13.02 -3.85
C THR B 276 30.37 -12.98 -3.88
N THR B 277 29.80 -12.44 -2.81
CA THR B 277 28.38 -12.10 -2.80
C THR B 277 28.22 -10.63 -2.46
N ASN B 278 27.11 -10.04 -2.90
CA ASN B 278 26.82 -8.64 -2.62
C ASN B 278 25.39 -8.51 -2.12
N LEU B 279 25.14 -9.10 -0.95
CA LEU B 279 23.79 -9.26 -0.45
C LEU B 279 23.32 -8.12 0.45
N ILE B 280 22.00 -7.94 0.49
CA ILE B 280 21.38 -7.05 1.46
C ILE B 280 21.72 -7.50 2.87
N ASP B 281 22.21 -6.57 3.69
CA ASP B 281 22.46 -6.84 5.10
C ASP B 281 21.19 -6.57 5.91
N PRO B 282 20.45 -7.63 6.28
CA PRO B 282 19.18 -7.49 6.98
C PRO B 282 19.33 -6.88 8.37
N PHE B 283 20.52 -7.01 8.94
CA PHE B 283 20.78 -6.43 10.26
C PHE B 283 20.86 -4.92 10.15
N VAL B 284 21.40 -4.42 9.04
CA VAL B 284 21.40 -2.98 8.80
C VAL B 284 19.97 -2.50 8.59
N VAL B 285 19.20 -3.27 7.83
CA VAL B 285 17.79 -2.97 7.63
C VAL B 285 17.08 -2.92 8.99
N PHE B 286 17.38 -3.90 9.84
CA PHE B 286 16.78 -3.96 11.16
C PHE B 286 17.08 -2.70 11.97
N GLU B 287 18.36 -2.34 12.06
CA GLU B 287 18.76 -1.19 12.85
C GLU B 287 18.11 0.11 12.38
N ARG B 288 17.93 0.26 11.07
CA ARG B 288 17.34 1.47 10.53
C ARG B 288 15.88 1.61 10.94
N GLY B 289 15.16 0.49 11.01
CA GLY B 289 13.75 0.53 11.32
C GLY B 289 13.35 0.00 12.69
N SER B 290 14.29 -0.07 13.63
CA SER B 290 14.00 -0.65 14.94
C SER B 290 12.88 0.10 15.65
N LEU B 291 11.90 -0.64 16.14
CA LEU B 291 10.74 -0.07 16.79
C LEU B 291 11.13 0.50 18.16
N PRO B 292 10.41 1.51 18.65
CA PRO B 292 9.23 2.15 18.04
C PRO B 292 9.52 2.98 16.79
N GLN B 293 8.57 2.97 15.85
CA GLN B 293 8.62 3.77 14.65
C GLN B 293 7.23 4.29 14.36
N THR B 294 7.12 5.55 13.95
CA THR B 294 5.82 6.13 13.72
C THR B 294 5.61 6.48 12.25
N ARG B 295 4.47 6.06 11.71
CA ARG B 295 4.13 6.33 10.31
C ARG B 295 2.66 6.73 10.25
N ASN B 296 2.40 7.89 9.65
CA ASN B 296 1.03 8.40 9.50
C ASN B 296 0.29 8.42 10.84
N ASP B 297 0.98 8.92 11.87
CA ASP B 297 0.45 9.04 13.22
C ASP B 297 0.12 7.70 13.88
N LYS B 298 0.60 6.61 13.29
CA LYS B 298 0.53 5.31 13.93
C LYS B 298 1.88 4.94 14.51
N THR B 299 1.91 4.66 15.81
CA THR B 299 3.14 4.27 16.46
C THR B 299 3.21 2.76 16.51
N PHE B 300 4.19 2.18 15.82
CA PHE B 300 4.35 0.73 15.79
C PHE B 300 5.36 0.33 16.86
N ALA B 301 4.99 -0.67 17.65
CA ALA B 301 5.84 -1.13 18.75
C ALA B 301 5.53 -2.59 19.08
N ALA B 302 6.38 -3.19 19.90
CA ALA B 302 6.15 -4.56 20.34
C ALA B 302 4.96 -4.62 21.29
N SER B 303 4.12 -5.63 21.11
CA SER B 303 3.00 -5.84 22.02
C SER B 303 3.55 -6.30 23.36
N LYS B 304 2.79 -6.10 24.42
CA LYS B 304 3.27 -6.47 25.75
C LYS B 304 3.44 -7.98 25.87
N GLY B 305 4.58 -8.39 26.42
CA GLY B 305 4.97 -9.78 26.42
C GLY B 305 5.97 -10.00 25.29
N ASN B 306 6.23 -8.94 24.53
CA ASN B 306 7.12 -8.98 23.37
C ASN B 306 6.69 -10.07 22.39
N ARG B 307 5.40 -10.10 22.07
CA ARG B 307 4.83 -11.13 21.23
C ARG B 307 4.06 -10.55 20.05
N GLY B 308 4.79 -10.14 19.02
CA GLY B 308 4.17 -9.54 17.85
C GLY B 308 4.11 -8.03 17.95
N VAL B 309 3.73 -7.38 16.87
CA VAL B 309 3.75 -5.93 16.85
C VAL B 309 2.35 -5.33 16.90
N GLN B 310 2.27 -4.09 17.36
CA GLN B 310 1.01 -3.38 17.45
C GLN B 310 1.15 -1.94 16.95
N ALA B 311 0.05 -1.37 16.49
CA ALA B 311 0.03 0.05 16.15
C ALA B 311 -0.81 0.81 17.17
N PHE B 312 -0.20 1.78 17.83
CA PHE B 312 -0.89 2.60 18.82
C PHE B 312 -1.26 3.96 18.25
N SER B 313 -2.51 4.36 18.41
CA SER B 313 -2.88 5.74 18.13
C SER B 313 -2.67 6.55 19.42
N LYS B 314 -1.50 7.16 19.55
CA LYS B 314 -1.11 7.81 20.80
C LYS B 314 -1.71 9.19 20.98
N GLY B 315 -2.30 9.74 19.92
CA GLY B 315 -2.93 11.04 20.02
C GLY B 315 -4.40 10.95 19.65
N SER B 316 -4.74 11.51 18.50
CA SER B 316 -6.10 11.49 17.98
C SER B 316 -6.63 10.07 17.78
N VAL B 317 -7.90 9.88 18.10
CA VAL B 317 -8.59 8.60 17.93
C VAL B 317 -9.96 8.82 17.31
N GLN B 318 -10.24 8.14 16.19
CA GLN B 318 -11.49 8.30 15.46
C GLN B 318 -12.45 7.14 15.71
N ALA B 319 -13.28 7.28 16.74
CA ALA B 319 -14.25 6.24 17.08
C ALA B 319 -15.42 6.83 17.85
N ASP B 320 -16.63 6.39 17.51
CA ASP B 320 -17.83 6.83 18.22
C ASP B 320 -18.27 5.81 19.25
N LEU B 321 -18.52 6.29 20.47
CA LEU B 321 -19.06 5.46 21.53
C LEU B 321 -20.51 5.82 21.79
N THR B 322 -21.36 4.80 21.87
CA THR B 322 -22.77 5.02 22.19
C THR B 322 -23.03 4.56 23.61
N LEU B 323 -23.45 5.50 24.45
CA LEU B 323 -23.70 5.22 25.86
C LEU B 323 -25.18 5.12 26.16
N MET B 324 -25.56 4.07 26.88
CA MET B 324 -26.92 3.95 27.36
C MET B 324 -26.91 3.91 28.88
N PHE B 325 -27.79 4.69 29.49
CA PHE B 325 -27.94 4.73 30.94
C PHE B 325 -29.32 4.21 31.33
N ASP B 326 -29.36 3.17 32.15
CA ASP B 326 -30.63 2.64 32.63
C ASP B 326 -31.33 3.64 33.52
N ASN B 327 -32.54 4.05 33.12
CA ASN B 327 -33.40 4.94 33.90
C ASN B 327 -32.76 6.27 34.25
N PHE B 328 -31.76 6.66 33.47
CA PHE B 328 -31.06 7.93 33.68
C PHE B 328 -30.78 8.59 32.33
N GLU B 329 -30.81 9.92 32.34
CA GLU B 329 -30.47 10.70 31.16
C GLU B 329 -29.48 11.78 31.52
N VAL B 330 -28.88 12.37 30.51
CA VAL B 330 -27.84 13.36 30.72
C VAL B 330 -28.43 14.64 31.35
N ASP B 331 -27.89 15.00 32.51
CA ASP B 331 -28.22 16.26 33.16
C ASP B 331 -27.33 17.35 32.56
N PHE B 332 -26.03 17.22 32.81
CA PHE B 332 -25.06 18.13 32.20
C PHE B 332 -23.70 17.45 32.02
N VAL B 333 -22.83 18.08 31.21
CA VAL B 333 -21.50 17.54 31.00
C VAL B 333 -20.45 18.53 31.50
N GLY B 334 -19.31 18.00 31.93
CA GLY B 334 -18.21 18.83 32.41
C GLY B 334 -17.55 19.62 31.29
N ALA B 335 -17.31 20.89 31.56
CA ALA B 335 -16.68 21.77 30.57
C ALA B 335 -15.21 21.44 30.38
N ALA B 336 -14.70 21.72 29.19
CA ALA B 336 -13.27 21.63 28.95
C ALA B 336 -12.57 22.78 29.67
N VAL B 337 -11.33 22.55 30.09
CA VAL B 337 -10.54 23.61 30.68
C VAL B 337 -9.39 23.95 29.74
N SER B 338 -8.96 25.21 29.77
CA SER B 338 -7.87 25.65 28.91
C SER B 338 -6.54 25.12 29.44
N CYS B 339 -5.52 25.19 28.61
CA CYS B 339 -4.18 24.78 29.01
C CYS B 339 -3.14 25.73 28.44
N ASP B 340 -1.96 25.73 29.04
CA ASP B 340 -0.83 26.49 28.53
C ASP B 340 0.18 25.52 27.95
N ALA B 341 0.67 25.81 26.76
CA ALA B 341 1.63 24.94 26.10
C ALA B 341 2.86 25.72 25.69
N ALA B 342 4.03 25.12 25.93
CA ALA B 342 5.29 25.74 25.56
C ALA B 342 6.20 24.71 24.88
N PHE B 343 6.92 25.15 23.85
CA PHE B 343 7.85 24.28 23.14
C PHE B 343 9.02 23.87 24.03
N LEU B 344 9.35 22.59 24.03
CA LEU B 344 10.52 22.09 24.75
C LEU B 344 11.69 21.85 23.80
N ASN B 345 11.65 20.75 23.07
CA ASN B 345 12.72 20.42 22.15
C ASN B 345 12.21 19.78 20.85
N LEU B 346 13.13 19.61 19.91
CA LEU B 346 12.83 18.97 18.63
C LEU B 346 14.05 18.15 18.23
N THR B 347 13.85 16.86 18.06
CA THR B 347 14.98 15.96 17.81
C THR B 347 14.67 14.97 16.72
N GLY B 348 15.61 14.83 15.79
CA GLY B 348 15.49 13.81 14.77
C GLY B 348 16.03 14.27 13.43
N CYS B 349 15.48 13.72 12.37
CA CYS B 349 15.95 14.00 11.04
C CYS B 349 14.84 14.59 10.18
N TYR B 350 15.22 15.10 9.01
CA TYR B 350 14.26 15.60 8.05
C TYR B 350 14.37 14.77 6.78
N SER B 351 13.30 14.76 5.98
CA SER B 351 13.21 13.91 4.80
C SER B 351 13.66 12.49 5.13
N CYS B 352 13.02 11.89 6.13
CA CYS B 352 13.33 10.53 6.58
C CYS B 352 12.06 9.86 7.09
N ASN B 353 11.98 8.54 6.97
CA ASN B 353 10.79 7.82 7.40
C ASN B 353 10.53 7.92 8.90
N ALA B 354 11.59 7.95 9.70
CA ALA B 354 11.46 7.95 11.14
C ALA B 354 10.89 9.28 11.67
N GLY B 355 11.19 10.37 10.99
CA GLY B 355 10.70 11.68 11.36
C GLY B 355 11.44 12.34 12.50
N ALA B 356 10.82 13.36 13.09
CA ALA B 356 11.40 14.07 14.22
C ALA B 356 10.43 14.12 15.39
N ARG B 357 10.97 14.04 16.60
CA ARG B 357 10.13 14.12 17.79
C ARG B 357 10.05 15.54 18.33
N VAL B 358 8.83 16.03 18.49
CA VAL B 358 8.59 17.31 19.14
C VAL B 358 8.06 17.05 20.54
N CYS B 359 8.55 17.82 21.51
CA CYS B 359 8.05 17.74 22.88
C CYS B 359 7.54 19.09 23.36
N LEU B 360 6.39 19.08 24.03
CA LEU B 360 5.82 20.31 24.57
C LEU B 360 5.71 20.25 26.09
N SER B 361 5.78 21.41 26.73
CA SER B 361 5.42 21.53 28.14
C SER B 361 3.95 21.94 28.25
N ILE B 362 3.11 21.05 28.78
CA ILE B 362 1.68 21.31 28.84
C ILE B 362 1.17 21.45 30.28
N THR B 363 0.59 22.61 30.59
CA THR B 363 0.06 22.85 31.92
C THR B 363 -1.45 23.11 31.88
N SER B 364 -2.21 22.42 32.73
CA SER B 364 -3.64 22.66 32.81
C SER B 364 -4.19 22.40 34.21
N THR B 365 -5.52 22.35 34.34
CA THR B 365 -6.17 22.13 35.62
C THR B 365 -7.12 20.94 35.60
N GLY B 366 -7.08 20.17 34.51
CA GLY B 366 -7.91 18.99 34.38
C GLY B 366 -7.49 18.13 33.21
N THR B 367 -8.07 16.93 33.12
CA THR B 367 -7.76 16.04 32.01
C THR B 367 -8.46 16.52 30.75
N GLY B 368 -7.71 16.59 29.65
CA GLY B 368 -8.25 17.00 28.37
C GLY B 368 -7.31 16.72 27.22
N THR B 369 -7.63 17.31 26.07
CA THR B 369 -6.85 17.11 24.85
C THR B 369 -6.31 18.41 24.29
N LEU B 370 -5.01 18.43 24.01
CA LEU B 370 -4.40 19.56 23.33
C LEU B 370 -4.37 19.33 21.83
N SER B 371 -4.93 20.28 21.08
CA SER B 371 -4.90 20.20 19.62
C SER B 371 -4.17 21.39 19.01
N ALA B 372 -3.31 21.14 18.05
CA ALA B 372 -2.54 22.21 17.42
C ALA B 372 -2.40 22.06 15.90
N HIS B 373 -2.15 23.18 15.24
CA HIS B 373 -1.98 23.21 13.78
C HIS B 373 -1.07 24.37 13.41
N ASN B 374 -0.27 24.19 12.36
CA ASN B 374 0.48 25.31 11.80
C ASN B 374 -0.45 26.12 10.89
N LYS B 375 0.06 27.20 10.33
CA LYS B 375 -0.78 28.12 9.56
C LYS B 375 -1.54 27.45 8.41
N ASP B 376 -0.85 26.69 7.55
CA ASP B 376 -1.53 26.10 6.40
C ASP B 376 -2.18 24.76 6.72
N GLY B 377 -2.06 24.31 7.96
CA GLY B 377 -2.73 23.10 8.41
C GLY B 377 -2.11 21.81 7.91
N SER B 378 -0.86 21.86 7.48
CA SER B 378 -0.19 20.67 6.97
C SER B 378 0.45 19.87 8.10
N LEU B 379 0.55 20.49 9.27
CA LEU B 379 1.07 19.81 10.46
C LEU B 379 0.02 19.80 11.56
N HIS B 380 -0.08 18.68 12.25
CA HIS B 380 -1.10 18.52 13.30
C HIS B 380 -0.49 17.87 14.52
N ILE B 381 -0.83 18.40 15.70
CA ILE B 381 -0.36 17.85 16.96
C ILE B 381 -1.55 17.57 17.86
N VAL B 382 -1.59 16.36 18.40
CA VAL B 382 -2.61 16.00 19.38
C VAL B 382 -1.94 15.37 20.59
N LEU B 383 -2.10 15.99 21.75
CA LEU B 383 -1.42 15.55 22.95
C LEU B 383 -2.32 15.69 24.18
N PRO B 384 -2.23 14.73 25.10
CA PRO B 384 -3.07 14.75 26.31
C PRO B 384 -2.67 15.87 27.28
N SER B 385 -3.67 16.53 27.86
CA SER B 385 -3.40 17.53 28.89
C SER B 385 -3.94 17.02 30.21
N GLU B 386 -3.27 17.40 31.29
CA GLU B 386 -3.68 16.96 32.62
C GLU B 386 -3.65 18.12 33.61
N ASN B 387 -4.16 17.87 34.80
CA ASN B 387 -4.05 18.84 35.88
C ASN B 387 -2.61 18.88 36.39
N GLY B 388 -1.97 20.04 36.23
CA GLY B 388 -0.57 20.18 36.59
C GLY B 388 0.28 20.35 35.34
N THR B 389 1.57 20.06 35.47
CA THR B 389 2.50 20.20 34.36
C THR B 389 3.17 18.87 34.01
N LYS B 390 3.07 18.48 32.74
CA LYS B 390 3.70 17.26 32.27
C LYS B 390 4.24 17.46 30.85
N ASP B 391 5.31 16.75 30.51
CA ASP B 391 5.87 16.78 29.17
C ASP B 391 5.14 15.80 28.26
N GLN B 392 4.88 16.21 27.02
CA GLN B 392 4.24 15.34 26.05
C GLN B 392 4.94 15.43 24.70
N CYS B 393 5.09 14.30 24.03
CA CYS B 393 5.81 14.27 22.76
C CYS B 393 5.05 13.54 21.66
N GLN B 394 5.40 13.84 20.41
CA GLN B 394 4.86 13.12 19.26
C GLN B 394 5.75 13.32 18.04
N ILE B 395 5.58 12.44 17.06
CA ILE B 395 6.40 12.48 15.86
C ILE B 395 5.79 13.39 14.79
N LEU B 396 6.64 14.21 14.19
CA LEU B 396 6.25 15.00 13.02
C LEU B 396 7.26 14.73 11.91
N HIS B 397 6.87 14.97 10.67
CA HIS B 397 7.79 14.80 9.54
C HIS B 397 8.06 16.12 8.82
N PHE B 398 9.34 16.45 8.68
CA PHE B 398 9.77 17.69 8.03
C PHE B 398 10.69 17.41 6.84
N THR B 399 10.94 18.45 6.05
CA THR B 399 11.75 18.33 4.85
C THR B 399 12.85 19.40 4.77
N VAL B 400 13.11 20.09 5.88
CA VAL B 400 14.19 21.06 5.95
C VAL B 400 15.02 20.85 7.21
N PRO B 401 16.32 21.22 7.17
CA PRO B 401 17.18 21.07 8.35
C PRO B 401 16.88 22.07 9.46
N GLU B 402 16.45 23.27 9.09
CA GLU B 402 16.13 24.31 10.08
C GLU B 402 14.64 24.54 10.17
N VAL B 403 14.04 24.03 11.26
CA VAL B 403 12.61 24.16 11.46
C VAL B 403 12.27 25.38 12.29
N GLU B 404 11.34 26.18 11.79
CA GLU B 404 10.78 27.29 12.56
C GLU B 404 9.32 27.46 12.14
N GLU B 405 8.43 26.96 12.98
CA GLU B 405 7.02 26.87 12.60
C GLU B 405 6.10 27.19 13.77
N GLU B 406 5.31 28.26 13.62
CA GLU B 406 4.36 28.63 14.66
C GLU B 406 3.12 27.74 14.64
N PHE B 407 2.72 27.28 15.82
CA PHE B 407 1.52 26.47 15.96
C PHE B 407 0.50 27.22 16.80
N MET B 408 -0.79 27.06 16.48
CA MET B 408 -1.86 27.58 17.32
C MET B 408 -2.49 26.42 18.08
N TYR B 409 -2.53 26.52 19.40
CA TYR B 409 -2.99 25.40 20.23
C TYR B 409 -4.14 25.80 21.15
N SER B 410 -4.89 24.80 21.59
CA SER B 410 -5.90 24.99 22.61
C SER B 410 -6.29 23.65 23.21
N CYS B 411 -6.83 23.68 24.43
CA CYS B 411 -7.49 22.51 24.97
C CYS B 411 -8.98 22.78 25.05
N ASP B 412 -9.34 24.06 25.05
CA ASP B 412 -10.73 24.47 25.22
C ASP B 412 -11.30 25.10 23.95
N GLY B 413 -10.45 25.30 22.96
CA GLY B 413 -10.90 25.84 21.69
C GLY B 413 -10.46 27.28 21.44
N ASP B 414 -9.97 27.94 22.48
CA ASP B 414 -9.43 29.28 22.35
C ASP B 414 -7.93 29.20 22.06
N GLU B 415 -7.57 29.52 20.82
CA GLU B 415 -6.22 29.24 20.33
C GLU B 415 -5.17 30.25 20.80
N ARG B 416 -3.97 29.76 21.03
CA ARG B 416 -2.82 30.61 21.34
C ARG B 416 -1.60 30.11 20.56
N PRO B 417 -0.66 31.01 20.26
CA PRO B 417 0.54 30.65 19.48
C PRO B 417 1.60 29.88 20.27
N LEU B 418 2.46 29.20 19.54
CA LEU B 418 3.52 28.38 20.07
C LEU B 418 4.54 28.17 18.95
N LEU B 419 5.84 28.27 19.24
CA LEU B 419 6.84 28.14 18.18
C LEU B 419 7.67 26.86 18.28
N VAL B 420 7.52 25.99 17.29
CA VAL B 420 8.35 24.80 17.18
C VAL B 420 9.60 25.15 16.37
N LYS B 421 10.76 25.09 17.00
CA LYS B 421 12.00 25.46 16.34
C LYS B 421 13.16 24.56 16.76
N GLY B 422 13.88 24.03 15.78
CA GLY B 422 15.01 23.16 16.05
C GLY B 422 15.73 22.74 14.78
N THR B 423 16.87 22.09 14.96
CA THR B 423 17.67 21.62 13.84
C THR B 423 17.56 20.10 13.67
N LEU B 424 17.24 19.66 12.45
CA LEU B 424 17.16 18.24 12.11
C LEU B 424 18.33 17.81 11.24
N ILE B 425 18.77 16.56 11.37
CA ILE B 425 19.90 16.06 10.59
C ILE B 425 19.46 15.40 9.28
N ALA B 426 20.37 15.32 8.32
CA ALA B 426 20.07 14.69 7.06
C ALA B 426 20.44 13.22 7.09
N ILE B 427 19.78 12.42 6.27
CA ILE B 427 20.16 11.03 6.09
C ILE B 427 20.52 10.81 4.62
N ASP B 428 21.80 10.57 4.37
CA ASP B 428 22.29 10.36 3.01
C ASP B 428 21.67 9.12 2.40
N PRO B 429 21.49 9.13 1.07
CA PRO B 429 21.06 7.94 0.33
C PRO B 429 21.98 6.77 0.66
N PHE B 430 21.41 5.59 0.85
CA PHE B 430 22.13 4.43 1.35
C PHE B 430 21.90 3.20 0.48
N ASP B 431 22.74 2.19 0.66
CA ASP B 431 22.64 0.94 -0.07
C ASP B 431 22.92 -0.18 0.92
N ASP B 432 21.95 -1.09 1.09
CA ASP B 432 22.09 -2.13 2.11
C ASP B 432 22.95 -3.29 1.62
N ARG B 433 23.41 -3.23 0.38
CA ARG B 433 24.30 -4.27 -0.15
C ARG B 433 25.67 -4.22 0.51
N ARG B 434 26.16 -5.38 0.92
CA ARG B 434 27.49 -5.52 1.50
C ARG B 434 28.27 -6.59 0.75
N GLU B 435 29.45 -6.22 0.25
CA GLU B 435 30.32 -7.18 -0.42
C GLU B 435 30.85 -8.22 0.59
N ALA B 436 30.86 -9.48 0.19
CA ALA B 436 31.40 -10.53 1.05
C ALA B 436 32.12 -11.57 0.20
N GLY B 437 32.98 -12.37 0.84
CA GLY B 437 33.74 -13.38 0.14
C GLY B 437 35.11 -12.87 -0.24
N GLY B 438 35.87 -13.69 -0.95
CA GLY B 438 37.22 -13.32 -1.33
C GLY B 438 37.89 -14.42 -2.12
N GLU B 439 39.21 -14.50 -2.00
CA GLU B 439 39.98 -15.49 -2.73
C GLU B 439 39.60 -16.91 -2.29
N SER B 440 39.86 -17.87 -3.17
CA SER B 440 39.56 -19.26 -2.90
C SER B 440 40.71 -19.92 -2.15
N THR B 441 40.43 -21.08 -1.57
CA THR B 441 41.49 -21.97 -1.12
C THR B 441 41.91 -22.79 -2.32
N VAL B 442 43.16 -22.65 -2.74
CA VAL B 442 43.65 -23.30 -3.95
C VAL B 442 44.12 -24.73 -3.66
N VAL B 443 43.57 -25.69 -4.38
CA VAL B 443 43.95 -27.10 -4.22
C VAL B 443 45.27 -27.39 -4.95
N ASN B 444 46.24 -27.92 -4.19
CA ASN B 444 47.56 -28.24 -4.71
C ASN B 444 48.25 -27.06 -5.38
N CYS C 1 -33.84 -8.57 16.78
CA CYS C 1 -33.57 -7.16 16.54
C CYS C 1 -32.18 -6.77 17.03
N SER C 2 -31.58 -5.79 16.37
CA SER C 2 -30.29 -5.28 16.80
C SER C 2 -30.45 -3.91 17.48
N GLU C 3 -29.50 -3.59 18.35
CA GLU C 3 -29.51 -2.31 19.06
C GLU C 3 -28.68 -1.27 18.31
N LEU C 4 -29.27 -0.65 17.30
CA LEU C 4 -28.51 0.18 16.38
C LEU C 4 -28.72 1.68 16.58
N ILE C 5 -29.66 2.04 17.43
CA ILE C 5 -30.03 3.44 17.60
C ILE C 5 -28.87 4.25 18.22
N GLN C 6 -28.55 5.38 17.61
CA GLN C 6 -27.48 6.23 18.13
C GLN C 6 -28.00 7.62 18.53
N ALA C 7 -29.02 8.10 17.84
CA ALA C 7 -29.68 9.35 18.21
C ALA C 7 -31.11 9.39 17.68
N SER C 8 -31.89 10.34 18.16
CA SER C 8 -33.29 10.46 17.76
C SER C 8 -33.84 11.84 18.13
N SER C 9 -34.52 12.48 17.19
N SER C 9 -34.54 12.47 17.19
CA SER C 9 -35.05 13.82 17.39
CA SER C 9 -35.13 13.79 17.44
C SER C 9 -36.01 14.23 16.28
C SER C 9 -36.06 14.20 16.30
N ARG C 10 -36.67 15.38 16.47
CA ARG C 10 -37.53 15.95 15.44
C ARG C 10 -36.75 16.99 14.66
N ILE C 11 -36.92 16.98 13.35
CA ILE C 11 -36.29 17.98 12.51
C ILE C 11 -37.35 18.61 11.61
N THR C 12 -37.34 19.94 11.53
CA THR C 12 -38.20 20.63 10.59
C THR C 12 -37.39 21.08 9.39
N THR C 13 -37.90 20.79 8.21
CA THR C 13 -37.22 21.18 6.98
C THR C 13 -38.08 22.16 6.19
N CYS C 14 -37.46 23.26 5.75
CA CYS C 14 -38.19 24.33 5.05
C CYS C 14 -37.46 24.81 3.80
N SER C 15 -38.23 25.19 2.79
CA SER C 15 -37.64 25.79 1.60
C SER C 15 -37.27 27.24 1.92
N THR C 16 -36.05 27.62 1.55
CA THR C 16 -35.54 28.94 1.90
C THR C 16 -35.18 29.78 0.69
N GLU C 17 -35.74 29.45 -0.47
CA GLU C 17 -35.45 30.16 -1.70
C GLU C 17 -36.46 31.29 -1.95
N GLY C 18 -37.55 31.27 -1.20
CA GLY C 18 -38.56 32.31 -1.27
C GLY C 18 -39.72 32.01 -2.19
N VAL C 19 -39.72 30.82 -2.78
CA VAL C 19 -40.76 30.45 -3.74
C VAL C 19 -41.92 29.72 -3.06
N ASN C 20 -41.75 28.41 -2.87
CA ASN C 20 -42.78 27.58 -2.25
C ASN C 20 -42.44 27.25 -0.80
N THR C 21 -43.07 27.96 0.13
CA THR C 21 -42.85 27.73 1.55
C THR C 21 -43.57 26.47 2.02
N LYS C 22 -42.85 25.34 2.01
CA LYS C 22 -43.40 24.10 2.53
C LYS C 22 -42.51 23.55 3.62
N CYS C 23 -42.96 23.69 4.87
CA CYS C 23 -42.24 23.15 6.00
C CYS C 23 -42.77 21.77 6.35
N ARG C 24 -41.90 20.77 6.30
CA ARG C 24 -42.28 19.42 6.64
C ARG C 24 -41.65 19.03 7.97
N LEU C 25 -42.43 18.40 8.83
CA LEU C 25 -41.96 17.97 10.14
C LEU C 25 -41.64 16.48 10.10
N SER C 26 -40.38 16.14 10.33
CA SER C 26 -39.96 14.74 10.31
C SER C 26 -39.38 14.30 11.65
N GLY C 27 -39.55 13.03 11.97
CA GLY C 27 -38.76 12.41 13.02
C GLY C 27 -37.45 11.99 12.38
N THR C 28 -36.39 11.92 13.18
CA THR C 28 -35.08 11.62 12.66
C THR C 28 -34.37 10.62 13.56
N ALA C 29 -33.79 9.60 12.94
CA ALA C 29 -33.07 8.59 13.69
C ALA C 29 -31.73 8.32 13.05
N LEU C 30 -30.68 8.52 13.83
CA LEU C 30 -29.34 8.16 13.41
C LEU C 30 -29.03 6.76 13.93
N ILE C 31 -28.80 5.82 13.01
CA ILE C 31 -28.49 4.46 13.41
C ILE C 31 -27.15 3.99 12.86
N ARG C 32 -26.53 3.05 13.56
CA ARG C 32 -25.30 2.44 13.07
C ARG C 32 -25.67 1.24 12.22
N ALA C 33 -24.85 0.96 11.19
CA ALA C 33 -25.08 -0.20 10.35
C ALA C 33 -24.77 -1.47 11.13
N GLY C 34 -23.75 -1.40 11.98
CA GLY C 34 -23.42 -2.48 12.90
C GLY C 34 -22.67 -3.64 12.25
N SER C 35 -23.39 -4.45 11.48
CA SER C 35 -22.78 -5.56 10.76
C SER C 35 -23.78 -6.16 9.79
N VAL C 36 -23.31 -7.07 8.95
CA VAL C 36 -24.19 -7.78 8.04
C VAL C 36 -25.22 -8.57 8.85
N GLY C 37 -26.49 -8.37 8.53
CA GLY C 37 -27.56 -9.04 9.23
C GLY C 37 -28.12 -8.23 10.39
N ALA C 38 -27.45 -7.14 10.76
CA ALA C 38 -27.95 -6.28 11.82
C ALA C 38 -29.24 -5.59 11.38
N GLU C 39 -30.23 -5.58 12.24
CA GLU C 39 -31.55 -5.07 11.86
C GLU C 39 -32.18 -4.20 12.94
N ALA C 40 -32.32 -2.92 12.67
CA ALA C 40 -33.05 -2.02 13.56
C ALA C 40 -34.54 -2.29 13.47
N CYS C 41 -35.16 -2.54 14.62
CA CYS C 41 -36.61 -2.67 14.68
C CYS C 41 -37.19 -1.39 15.31
N LEU C 42 -37.90 -0.61 14.50
CA LEU C 42 -38.36 0.71 14.94
C LEU C 42 -39.88 0.81 15.02
N MET C 43 -40.40 1.04 16.21
CA MET C 43 -41.81 1.36 16.32
C MET C 43 -41.97 2.87 16.30
N LEU C 44 -42.71 3.37 15.32
CA LEU C 44 -42.86 4.80 15.12
C LEU C 44 -44.24 5.24 15.59
N LYS C 45 -44.34 6.51 16.01
CA LYS C 45 -45.65 7.08 16.29
C LYS C 45 -45.86 8.37 15.50
N GLY C 46 -47.11 8.64 15.17
CA GLY C 46 -47.47 9.82 14.41
C GLY C 46 -47.08 11.12 15.11
N VAL C 47 -46.75 12.11 14.30
CA VAL C 47 -46.30 13.39 14.80
C VAL C 47 -47.43 14.42 14.69
N LYS C 48 -48.29 14.24 13.69
CA LYS C 48 -49.46 15.10 13.54
C LYS C 48 -50.76 14.41 13.95
N GLU C 49 -50.77 13.08 13.84
CA GLU C 49 -51.95 12.28 14.16
C GLU C 49 -51.64 11.14 15.13
N ASP C 50 -52.68 10.59 15.74
CA ASP C 50 -52.53 9.43 16.61
C ASP C 50 -52.41 8.16 15.77
N GLN C 51 -51.19 7.82 15.37
CA GLN C 51 -50.94 6.64 14.56
C GLN C 51 -49.63 5.96 14.96
N THR C 52 -49.58 4.65 14.77
CA THR C 52 -48.34 3.91 14.96
C THR C 52 -48.06 3.03 13.74
N LYS C 53 -46.78 2.73 13.50
CA LYS C 53 -46.41 1.79 12.45
C LYS C 53 -45.00 1.25 12.67
N PHE C 54 -44.80 -0.01 12.27
CA PHE C 54 -43.54 -0.69 12.49
C PHE C 54 -42.65 -0.64 11.25
N LEU C 55 -41.36 -0.44 11.46
CA LEU C 55 -40.41 -0.28 10.39
C LEU C 55 -39.13 -1.04 10.73
N LYS C 56 -38.57 -1.76 9.76
CA LYS C 56 -37.34 -2.49 9.97
C LYS C 56 -36.29 -2.15 8.91
N ILE C 57 -35.04 -2.09 9.34
CA ILE C 57 -33.94 -1.78 8.44
C ILE C 57 -32.78 -2.72 8.71
N LYS C 58 -32.42 -3.48 7.70
CA LYS C 58 -31.47 -4.57 7.83
C LYS C 58 -30.30 -4.38 6.88
N THR C 59 -29.08 -4.43 7.40
CA THR C 59 -27.89 -4.37 6.54
C THR C 59 -27.64 -5.72 5.89
N VAL C 60 -27.78 -5.77 4.57
CA VAL C 60 -27.69 -7.01 3.80
C VAL C 60 -26.27 -7.31 3.32
N SER C 61 -25.60 -6.28 2.78
CA SER C 61 -24.21 -6.43 2.38
C SER C 61 -23.52 -5.07 2.25
N SER C 62 -22.20 -5.10 2.32
CA SER C 62 -21.36 -3.93 2.14
C SER C 62 -20.25 -4.27 1.16
N GLU C 63 -20.35 -3.75 -0.06
CA GLU C 63 -19.46 -4.13 -1.14
C GLU C 63 -18.62 -2.96 -1.63
N LEU C 64 -17.35 -3.24 -1.89
CA LEU C 64 -16.47 -2.32 -2.59
C LEU C 64 -16.16 -2.89 -3.97
N SER C 65 -16.55 -2.18 -5.02
CA SER C 65 -16.35 -2.66 -6.39
C SER C 65 -15.02 -2.18 -6.95
N CYS C 66 -14.24 -3.10 -7.50
CA CYS C 66 -12.96 -2.74 -8.07
C CYS C 66 -13.10 -2.16 -9.45
N ARG C 67 -12.76 -0.88 -9.58
CA ARG C 67 -12.62 -0.29 -10.90
C ARG C 67 -11.16 -0.44 -11.31
N GLU C 68 -10.93 -1.25 -12.34
CA GLU C 68 -9.59 -1.61 -12.74
C GLU C 68 -8.84 -0.45 -13.36
N GLY C 69 -7.52 -0.43 -13.15
CA GLY C 69 -6.65 0.45 -13.89
C GLY C 69 -5.89 -0.35 -14.92
N GLN C 70 -4.57 -0.16 -14.96
CA GLN C 70 -3.70 -0.84 -15.93
C GLN C 70 -3.87 -2.35 -15.91
N SER C 71 -3.77 -2.96 -17.09
CA SER C 71 -3.98 -4.39 -17.24
C SER C 71 -3.07 -4.99 -18.31
N TYR C 72 -2.67 -6.24 -18.12
CA TYR C 72 -1.91 -6.92 -19.15
C TYR C 72 -2.18 -8.42 -19.14
N TRP C 73 -1.82 -9.08 -20.24
CA TRP C 73 -1.94 -10.52 -20.35
C TRP C 73 -0.56 -11.19 -20.26
N THR C 74 -0.51 -12.33 -19.59
CA THR C 74 0.74 -13.09 -19.50
C THR C 74 0.46 -14.60 -19.51
N GLY C 75 1.54 -15.39 -19.45
CA GLY C 75 1.43 -16.84 -19.52
C GLY C 75 2.76 -17.52 -19.25
N SER C 76 2.82 -18.83 -19.45
CA SER C 76 4.05 -19.59 -19.27
C SER C 76 4.76 -19.80 -20.60
N PHE C 77 5.95 -19.24 -20.74
CA PHE C 77 6.68 -19.29 -22.00
C PHE C 77 7.89 -20.20 -21.92
N SER C 78 8.32 -20.68 -23.09
CA SER C 78 9.39 -21.64 -23.18
C SER C 78 10.28 -21.33 -24.39
N PRO C 79 11.60 -21.50 -24.25
CA PRO C 79 12.55 -21.24 -25.33
C PRO C 79 12.83 -22.45 -26.22
N LYS C 80 12.90 -22.22 -27.52
CA LYS C 80 13.33 -23.24 -28.46
C LYS C 80 14.37 -22.62 -29.38
N CYS C 81 15.45 -23.34 -29.66
CA CYS C 81 16.53 -22.76 -30.44
C CYS C 81 17.17 -23.71 -31.44
N LEU C 82 17.79 -23.11 -32.44
CA LEU C 82 18.62 -23.82 -33.40
C LEU C 82 20.05 -23.35 -33.18
N SER C 83 21.01 -24.25 -33.38
CA SER C 83 22.41 -23.87 -33.24
C SER C 83 23.25 -24.44 -34.38
N SER C 84 24.31 -23.72 -34.73
CA SER C 84 25.20 -24.10 -35.80
C SER C 84 26.56 -23.44 -35.60
N ARG C 85 27.58 -24.24 -35.33
CA ARG C 85 28.93 -23.71 -35.14
C ARG C 85 29.73 -23.81 -36.43
N ARG C 86 30.39 -22.72 -36.81
CA ARG C 86 31.32 -22.71 -37.92
C ARG C 86 32.71 -22.35 -37.41
N CYS C 87 33.73 -23.01 -37.96
CA CYS C 87 35.11 -22.70 -37.60
C CYS C 87 35.50 -21.30 -38.04
N HIS C 88 36.54 -20.75 -37.44
CA HIS C 88 37.02 -19.45 -37.85
C HIS C 88 37.46 -19.51 -39.31
N LEU C 89 37.22 -18.41 -40.02
CA LEU C 89 37.50 -18.25 -41.45
C LEU C 89 36.47 -18.96 -42.33
N VAL C 90 35.42 -19.50 -41.71
CA VAL C 90 34.36 -20.18 -42.45
C VAL C 90 33.03 -19.46 -42.32
N GLY C 91 32.34 -19.29 -43.45
CA GLY C 91 31.03 -18.66 -43.45
C GLY C 91 31.06 -17.27 -42.89
N GLU C 92 30.20 -17.00 -41.91
CA GLU C 92 30.13 -15.69 -41.28
C GLU C 92 31.20 -15.52 -40.20
N CYS C 93 31.87 -16.60 -39.84
CA CYS C 93 32.83 -16.59 -38.74
C CYS C 93 34.15 -15.93 -39.11
N HIS C 94 34.12 -14.61 -39.35
CA HIS C 94 35.32 -13.85 -39.68
C HIS C 94 35.52 -12.70 -38.71
N VAL C 95 36.76 -12.20 -38.64
CA VAL C 95 37.17 -11.08 -37.77
C VAL C 95 36.37 -10.97 -36.46
N ASN C 96 35.76 -9.81 -36.21
CA ASN C 96 34.98 -9.62 -34.99
C ASN C 96 33.48 -9.82 -35.21
N ARG C 97 33.11 -10.56 -36.24
CA ARG C 97 31.71 -10.74 -36.59
C ARG C 97 30.89 -11.34 -35.46
N CYS C 98 31.42 -12.39 -34.85
CA CYS C 98 30.67 -13.12 -33.82
C CYS C 98 30.42 -12.27 -32.58
N LEU C 99 31.43 -11.50 -32.20
CA LEU C 99 31.33 -10.64 -31.03
C LEU C 99 30.42 -9.44 -31.31
N SER C 100 30.22 -9.15 -32.58
CA SER C 100 29.45 -7.98 -32.99
C SER C 100 27.98 -8.29 -33.24
N TRP C 101 27.59 -9.54 -33.01
CA TRP C 101 26.26 -10.00 -33.42
C TRP C 101 25.14 -9.27 -32.70
N ARG C 102 24.10 -8.89 -33.46
CA ARG C 102 22.96 -8.18 -32.91
C ARG C 102 21.78 -9.13 -32.75
N ASP C 103 20.99 -8.91 -31.69
CA ASP C 103 19.87 -9.77 -31.38
C ASP C 103 18.90 -9.99 -32.54
N ASN C 104 18.74 -8.99 -33.41
CA ASN C 104 17.75 -9.08 -34.49
C ASN C 104 18.33 -9.46 -35.85
N GLU C 105 19.58 -9.94 -35.86
CA GLU C 105 20.18 -10.44 -37.09
C GLU C 105 20.11 -11.97 -37.15
N THR C 106 19.36 -12.49 -38.11
CA THR C 106 19.31 -13.93 -38.31
C THR C 106 20.57 -14.36 -39.07
N SER C 107 21.20 -15.42 -38.60
CA SER C 107 22.39 -15.94 -39.26
C SER C 107 22.01 -16.66 -40.56
N ALA C 108 22.95 -16.66 -41.52
CA ALA C 108 22.75 -17.36 -42.78
C ALA C 108 22.67 -18.88 -42.55
N GLU C 109 23.25 -19.33 -41.44
CA GLU C 109 23.15 -20.72 -41.02
C GLU C 109 21.70 -21.18 -40.93
N PHE C 110 20.81 -20.24 -40.62
CA PHE C 110 19.40 -20.56 -40.44
C PHE C 110 18.53 -19.80 -41.44
N SER C 111 18.90 -19.87 -42.71
CA SER C 111 18.14 -19.19 -43.75
C SER C 111 16.83 -19.92 -44.00
N PHE C 112 16.79 -21.19 -43.63
CA PHE C 112 15.65 -22.06 -43.91
C PHE C 112 14.40 -21.70 -43.10
N VAL C 113 14.56 -21.04 -41.96
CA VAL C 113 13.40 -20.68 -41.16
C VAL C 113 12.57 -19.63 -41.88
N GLY C 114 11.25 -19.81 -41.85
CA GLY C 114 10.34 -18.93 -42.55
C GLY C 114 10.15 -17.60 -41.86
N GLU C 115 9.23 -16.80 -42.38
CA GLU C 115 8.89 -15.50 -41.78
C GLU C 115 8.28 -15.72 -40.40
N SER C 116 8.56 -14.81 -39.48
CA SER C 116 8.14 -14.98 -38.10
C SER C 116 7.54 -13.71 -37.49
N THR C 117 6.45 -13.88 -36.76
CA THR C 117 5.87 -12.79 -35.98
C THR C 117 5.91 -13.15 -34.50
N THR C 118 6.87 -13.99 -34.14
CA THR C 118 6.99 -14.54 -32.80
C THR C 118 8.14 -13.87 -32.05
N MET C 119 8.02 -13.80 -30.73
CA MET C 119 9.15 -13.37 -29.89
C MET C 119 10.37 -14.24 -30.17
N ARG C 120 11.47 -13.59 -30.52
CA ARG C 120 12.67 -14.29 -30.94
C ARG C 120 13.93 -13.45 -30.80
N GLU C 121 15.08 -14.11 -30.82
CA GLU C 121 16.36 -13.42 -30.75
C GLU C 121 17.49 -14.28 -31.30
N ASN C 122 18.59 -13.62 -31.66
CA ASN C 122 19.75 -14.29 -32.21
C ASN C 122 21.01 -13.94 -31.43
N LYS C 123 21.88 -14.93 -31.26
CA LYS C 123 23.14 -14.75 -30.55
C LYS C 123 24.29 -15.39 -31.31
N CYS C 124 25.51 -14.98 -30.98
CA CYS C 124 26.69 -15.73 -31.41
C CYS C 124 27.68 -15.85 -30.28
N PHE C 125 28.08 -17.08 -29.98
CA PHE C 125 29.05 -17.33 -28.93
C PHE C 125 30.34 -17.90 -29.51
N GLU C 126 31.44 -17.25 -29.16
CA GLU C 126 32.75 -17.73 -29.54
C GLU C 126 33.06 -19.04 -28.83
N GLN C 127 33.55 -20.01 -29.59
CA GLN C 127 33.92 -21.30 -29.02
C GLN C 127 35.37 -21.61 -29.37
N CYS C 128 35.83 -22.79 -28.95
CA CYS C 128 37.24 -23.16 -29.11
C CYS C 128 37.65 -23.31 -30.56
N GLY C 129 38.95 -23.12 -30.82
CA GLY C 129 39.49 -23.28 -32.15
C GLY C 129 40.53 -24.38 -32.20
N GLY C 130 41.17 -24.53 -33.34
CA GLY C 130 42.22 -25.53 -33.48
C GLY C 130 41.68 -26.90 -33.83
N HIS C 131 42.59 -27.83 -34.11
CA HIS C 131 42.22 -29.15 -34.61
C HIS C 131 41.43 -29.94 -33.58
N GLY C 132 41.64 -29.64 -32.31
CA GLY C 132 40.93 -30.31 -31.23
C GLY C 132 39.44 -30.01 -31.23
N CYS C 133 39.06 -28.92 -31.90
CA CYS C 133 37.65 -28.57 -32.03
C CYS C 133 37.20 -28.66 -33.49
N GLY C 134 37.97 -29.40 -34.28
CA GLY C 134 37.61 -29.68 -35.67
C GLY C 134 37.84 -28.53 -36.63
N CYS C 135 38.82 -27.67 -36.31
CA CYS C 135 39.08 -26.48 -37.11
C CYS C 135 40.56 -26.32 -37.45
N PHE C 136 40.84 -25.76 -38.62
CA PHE C 136 42.23 -25.57 -39.04
C PHE C 136 42.89 -24.38 -38.35
N ASN C 137 42.10 -23.35 -38.03
CA ASN C 137 42.62 -22.12 -37.44
C ASN C 137 42.30 -22.03 -35.94
N VAL C 138 43.21 -21.43 -35.18
CA VAL C 138 43.13 -21.42 -33.71
C VAL C 138 42.26 -20.31 -33.13
N ASN C 139 41.92 -19.31 -33.94
CA ASN C 139 41.02 -18.26 -33.50
C ASN C 139 39.63 -18.86 -33.26
N PRO C 140 38.84 -18.24 -32.36
CA PRO C 140 37.57 -18.82 -31.90
C PRO C 140 36.61 -19.18 -33.02
N SER C 141 36.02 -20.37 -32.92
CA SER C 141 34.93 -20.75 -33.80
C SER C 141 33.66 -19.99 -33.40
N CYS C 142 32.68 -19.95 -34.29
CA CYS C 142 31.46 -19.19 -34.06
C CYS C 142 30.22 -20.07 -33.95
N LEU C 143 29.66 -20.16 -32.74
CA LEU C 143 28.41 -20.88 -32.52
C LEU C 143 27.21 -19.94 -32.69
N PHE C 144 26.53 -20.06 -33.83
CA PHE C 144 25.38 -19.19 -34.12
C PHE C 144 24.10 -19.79 -33.55
N VAL C 145 23.27 -18.93 -32.96
CA VAL C 145 22.06 -19.38 -32.29
C VAL C 145 20.83 -18.54 -32.64
N HIS C 146 19.79 -19.21 -33.11
CA HIS C 146 18.49 -18.57 -33.31
C HIS C 146 17.47 -19.16 -32.33
N THR C 147 16.83 -18.28 -31.57
CA THR C 147 15.92 -18.70 -30.50
C THR C 147 14.58 -17.99 -30.61
N TYR C 148 13.49 -18.76 -30.47
CA TYR C 148 12.16 -18.19 -30.38
C TYR C 148 11.43 -18.72 -29.14
N LEU C 149 10.45 -17.96 -28.66
CA LEU C 149 9.64 -18.38 -27.52
C LEU C 149 8.32 -19.00 -27.98
N GLN C 150 7.74 -19.84 -27.13
CA GLN C 150 6.42 -20.39 -27.41
C GLN C 150 5.66 -20.50 -26.11
N SER C 151 4.34 -20.48 -26.20
CA SER C 151 3.52 -20.67 -25.01
C SER C 151 3.26 -22.15 -24.81
N VAL C 152 3.52 -22.63 -23.60
CA VAL C 152 3.33 -24.03 -23.25
C VAL C 152 1.86 -24.43 -23.34
N ARG C 153 1.03 -23.85 -22.48
CA ARG C 153 -0.39 -24.15 -22.45
C ARG C 153 -1.21 -23.17 -23.28
N LYS C 154 -2.37 -23.61 -23.76
CA LYS C 154 -3.21 -22.79 -24.62
C LYS C 154 -4.13 -21.88 -23.80
N GLU C 155 -3.67 -21.50 -22.61
CA GLU C 155 -4.40 -20.58 -21.77
C GLU C 155 -3.57 -19.33 -21.53
N ALA C 156 -4.21 -18.29 -21.00
CA ALA C 156 -3.53 -17.04 -20.70
C ALA C 156 -4.17 -16.39 -19.48
N LEU C 157 -3.45 -15.46 -18.85
CA LEU C 157 -3.97 -14.79 -17.66
C LEU C 157 -3.87 -13.28 -17.79
N ARG C 158 -4.90 -12.58 -17.31
CA ARG C 158 -4.91 -11.12 -17.33
C ARG C 158 -4.66 -10.57 -15.93
N VAL C 159 -3.58 -9.80 -15.80
CA VAL C 159 -3.20 -9.22 -14.53
C VAL C 159 -3.59 -7.76 -14.52
N PHE C 160 -4.19 -7.29 -13.43
CA PHE C 160 -4.66 -5.92 -13.36
C PHE C 160 -4.64 -5.39 -11.94
N ASN C 161 -4.63 -4.06 -11.81
CA ASN C 161 -4.71 -3.45 -10.51
C ASN C 161 -6.10 -2.83 -10.33
N CYS C 162 -6.37 -2.35 -9.12
CA CYS C 162 -7.63 -1.67 -8.84
C CYS C 162 -7.37 -0.23 -8.40
N ILE C 163 -7.92 0.74 -9.13
CA ILE C 163 -7.67 2.14 -8.81
C ILE C 163 -8.75 2.69 -7.89
N ASP C 164 -10.00 2.39 -8.20
CA ASP C 164 -11.12 2.83 -7.38
C ASP C 164 -11.84 1.66 -6.73
N TRP C 165 -12.24 1.84 -5.48
CA TRP C 165 -13.08 0.88 -4.78
C TRP C 165 -14.40 1.54 -4.40
N VAL C 166 -15.42 1.38 -5.23
CA VAL C 166 -16.67 2.12 -5.04
C VAL C 166 -17.60 1.38 -4.10
N HIS C 167 -17.91 2.01 -2.96
CA HIS C 167 -18.72 1.38 -1.92
C HIS C 167 -20.19 1.30 -2.32
N LYS C 168 -20.82 0.18 -1.98
CA LYS C 168 -22.27 0.06 -2.09
C LYS C 168 -22.83 -0.63 -0.85
N LEU C 169 -23.71 0.06 -0.12
CA LEU C 169 -24.35 -0.52 1.05
C LEU C 169 -25.77 -0.93 0.70
N THR C 170 -26.05 -2.22 0.77
CA THR C 170 -27.37 -2.73 0.44
C THR C 170 -28.18 -2.96 1.71
N LEU C 171 -29.42 -2.51 1.69
CA LEU C 171 -30.31 -2.63 2.85
C LEU C 171 -31.62 -3.32 2.48
N GLU C 172 -32.14 -4.13 3.40
CA GLU C 172 -33.51 -4.62 3.31
C GLU C 172 -34.39 -3.81 4.25
N ILE C 173 -35.43 -3.21 3.72
CA ILE C 173 -36.30 -2.36 4.51
C ILE C 173 -37.74 -2.88 4.51
N THR C 174 -38.24 -3.25 5.70
CA THR C 174 -39.60 -3.74 5.84
C THR C 174 -40.53 -2.62 6.28
N ASP C 175 -41.48 -2.27 5.42
CA ASP C 175 -42.39 -1.18 5.69
C ASP C 175 -43.46 -1.58 6.71
N PHE C 176 -44.46 -0.72 6.90
CA PHE C 176 -45.56 -1.01 7.82
C PHE C 176 -46.39 -2.19 7.31
N ASP C 177 -46.38 -2.37 6.00
CA ASP C 177 -47.05 -3.48 5.34
C ASP C 177 -46.53 -4.84 5.80
N GLY C 178 -45.21 -4.91 5.92
CA GLY C 178 -44.52 -6.19 5.99
C GLY C 178 -43.81 -6.37 4.66
N SER C 179 -44.08 -5.44 3.73
CA SER C 179 -43.47 -5.46 2.41
C SER C 179 -41.99 -5.07 2.47
N VAL C 180 -41.15 -5.88 1.83
CA VAL C 180 -39.72 -5.67 1.89
C VAL C 180 -39.19 -5.13 0.56
N SER C 181 -38.37 -4.09 0.64
CA SER C 181 -37.70 -3.57 -0.55
C SER C 181 -36.19 -3.56 -0.34
N THR C 182 -35.45 -3.64 -1.44
CA THR C 182 -34.00 -3.60 -1.40
C THR C 182 -33.49 -2.26 -1.91
N ILE C 183 -32.66 -1.58 -1.12
CA ILE C 183 -32.10 -0.31 -1.56
C ILE C 183 -30.57 -0.29 -1.50
N ASP C 184 -29.97 0.43 -2.44
CA ASP C 184 -28.52 0.54 -2.52
C ASP C 184 -28.06 1.98 -2.27
N LEU C 185 -27.09 2.12 -1.37
CA LEU C 185 -26.55 3.44 -1.07
C LEU C 185 -25.06 3.50 -1.38
N GLY C 186 -24.65 4.60 -2.00
CA GLY C 186 -23.24 4.91 -2.16
C GLY C 186 -22.85 5.94 -1.12
N ALA C 187 -21.60 6.40 -1.18
CA ALA C 187 -21.12 7.37 -0.21
C ALA C 187 -21.89 8.69 -0.28
N SER C 188 -22.32 9.17 0.88
CA SER C 188 -23.09 10.41 0.99
C SER C 188 -24.34 10.41 0.11
N SER C 189 -25.00 9.28 0.00
CA SER C 189 -26.18 9.17 -0.84
C SER C 189 -27.46 9.15 -0.03
N SER C 190 -28.58 9.48 -0.69
CA SER C 190 -29.91 9.44 -0.10
C SER C 190 -30.85 8.70 -1.02
N ARG C 191 -31.77 7.93 -0.44
CA ARG C 191 -32.85 7.33 -1.21
C ARG C 191 -34.19 7.65 -0.57
N PHE C 192 -35.12 8.14 -1.38
CA PHE C 192 -36.47 8.36 -0.90
C PHE C 192 -37.21 7.04 -0.80
N THR C 193 -38.01 6.91 0.25
CA THR C 193 -38.94 5.80 0.41
C THR C 193 -40.34 6.38 0.54
N ASN C 194 -41.35 5.54 0.72
CA ASN C 194 -42.70 6.04 0.84
C ASN C 194 -43.01 6.58 2.24
N TRP C 195 -42.14 6.27 3.20
CA TRP C 195 -42.30 6.74 4.56
C TRP C 195 -41.32 7.86 4.91
N GLY C 196 -40.45 8.19 3.96
CA GLY C 196 -39.44 9.22 4.18
C GLY C 196 -38.20 9.02 3.34
N SER C 197 -37.06 8.83 4.00
CA SER C 197 -35.78 8.70 3.32
C SER C 197 -34.72 8.10 4.22
N VAL C 198 -33.81 7.36 3.61
CA VAL C 198 -32.66 6.82 4.31
C VAL C 198 -31.41 7.32 3.58
N SER C 199 -30.42 7.76 4.32
CA SER C 199 -29.20 8.27 3.71
C SER C 199 -27.96 7.74 4.43
N LEU C 200 -26.93 7.43 3.66
CA LEU C 200 -25.67 6.98 4.23
C LEU C 200 -24.88 8.21 4.61
N SER C 201 -25.02 8.63 5.86
CA SER C 201 -24.55 9.94 6.28
C SER C 201 -23.07 9.96 6.67
N LEU C 202 -22.55 8.81 7.09
CA LEU C 202 -21.10 8.69 7.33
C LEU C 202 -20.60 7.31 6.97
N ASP C 203 -19.60 7.26 6.10
CA ASP C 203 -19.11 6.01 5.53
C ASP C 203 -17.65 5.78 5.92
N ALA C 204 -17.42 4.85 6.84
CA ALA C 204 -16.06 4.56 7.29
C ALA C 204 -15.54 3.23 6.70
N GLU C 205 -16.15 2.79 5.60
CA GLU C 205 -15.70 1.59 4.90
C GLU C 205 -14.62 1.90 3.86
N GLY C 206 -13.66 0.99 3.72
CA GLY C 206 -12.61 1.15 2.74
C GLY C 206 -11.54 0.09 2.87
N ILE C 207 -10.66 0.02 1.88
CA ILE C 207 -9.54 -0.90 1.89
C ILE C 207 -8.40 -0.33 2.74
N SER C 208 -8.19 -0.91 3.92
CA SER C 208 -7.07 -0.46 4.75
C SER C 208 -6.12 -1.61 5.00
N GLY C 209 -4.89 -1.29 5.42
CA GLY C 209 -3.92 -2.31 5.73
C GLY C 209 -2.50 -1.89 5.38
N SER C 210 -1.58 -2.84 5.48
CA SER C 210 -0.17 -2.54 5.25
C SER C 210 0.36 -3.19 3.97
N ASN C 211 -0.54 -3.77 3.18
CA ASN C 211 -0.14 -4.46 1.96
C ASN C 211 -0.73 -3.84 0.70
N SER C 212 0.01 -3.92 -0.39
CA SER C 212 -0.49 -3.57 -1.72
C SER C 212 -0.74 -4.85 -2.48
N PHE C 213 -1.80 -4.87 -3.28
CA PHE C 213 -2.11 -6.09 -4.01
C PHE C 213 -2.73 -5.83 -5.37
N SER C 214 -2.83 -6.88 -6.16
CA SER C 214 -3.45 -6.80 -7.48
C SER C 214 -4.22 -8.07 -7.76
N PHE C 215 -4.67 -8.25 -8.99
CA PHE C 215 -5.51 -9.40 -9.29
C PHE C 215 -5.21 -10.03 -10.65
N ILE C 216 -5.63 -11.28 -10.80
CA ILE C 216 -5.48 -12.01 -12.04
C ILE C 216 -6.83 -12.59 -12.48
N GLU C 217 -7.20 -12.36 -13.74
CA GLU C 217 -8.35 -13.04 -14.29
C GLU C 217 -7.94 -14.24 -15.14
N SER C 218 -8.50 -15.41 -14.82
CA SER C 218 -8.37 -16.59 -15.66
C SER C 218 -9.68 -16.78 -16.41
N PRO C 219 -9.71 -16.43 -17.71
CA PRO C 219 -10.91 -16.40 -18.55
C PRO C 219 -11.83 -17.61 -18.39
N GLY C 220 -13.03 -17.37 -17.86
CA GLY C 220 -14.02 -18.42 -17.66
C GLY C 220 -13.70 -19.35 -16.51
N LYS C 221 -12.72 -18.97 -15.69
CA LYS C 221 -12.29 -19.83 -14.59
C LYS C 221 -12.06 -19.04 -13.30
N GLY C 222 -12.61 -17.84 -13.23
CA GLY C 222 -12.56 -17.03 -12.02
C GLY C 222 -11.38 -16.08 -11.90
N TYR C 223 -11.16 -15.57 -10.69
CA TYR C 223 -10.10 -14.62 -10.42
C TYR C 223 -9.18 -15.09 -9.30
N ALA C 224 -8.07 -14.38 -9.12
CA ALA C 224 -7.17 -14.63 -8.01
C ALA C 224 -6.59 -13.33 -7.48
N ILE C 225 -6.18 -13.33 -6.23
CA ILE C 225 -5.51 -12.19 -5.64
C ILE C 225 -4.00 -12.44 -5.68
N VAL C 226 -3.24 -11.36 -5.86
CA VAL C 226 -1.79 -11.41 -5.83
C VAL C 226 -1.34 -10.53 -4.67
N ASP C 227 -0.71 -11.13 -3.66
CA ASP C 227 -0.37 -10.40 -2.43
C ASP C 227 0.90 -9.55 -2.59
N GLU C 228 1.01 -8.86 -3.71
CA GLU C 228 2.14 -7.99 -4.00
C GLU C 228 1.67 -6.83 -4.87
N PRO C 229 2.41 -5.71 -4.85
CA PRO C 229 2.04 -4.58 -5.71
C PRO C 229 2.09 -4.94 -7.19
N PHE C 230 1.21 -4.31 -7.96
CA PHE C 230 1.21 -4.41 -9.41
C PHE C 230 2.54 -3.91 -9.97
N SER C 231 3.13 -4.65 -10.90
CA SER C 231 4.37 -4.19 -11.53
C SER C 231 4.04 -3.48 -12.84
N GLU C 232 4.42 -2.21 -12.90
CA GLU C 232 3.98 -1.32 -13.98
C GLU C 232 4.65 -1.65 -15.32
N ILE C 233 5.84 -2.25 -15.25
CA ILE C 233 6.63 -2.58 -16.45
C ILE C 233 7.26 -3.97 -16.29
N PRO C 234 7.67 -4.61 -17.41
CA PRO C 234 8.29 -5.94 -17.27
C PRO C 234 9.57 -5.92 -16.45
N ARG C 235 9.61 -6.73 -15.39
CA ARG C 235 10.81 -6.85 -14.56
C ARG C 235 11.12 -8.32 -14.25
N GLN C 236 12.35 -8.73 -14.51
CA GLN C 236 12.77 -10.11 -14.28
C GLN C 236 12.59 -10.55 -12.83
N GLY C 237 11.95 -11.70 -12.65
CA GLY C 237 11.68 -12.24 -11.33
C GLY C 237 10.33 -11.82 -10.78
N PHE C 238 9.58 -11.09 -11.58
CA PHE C 238 8.23 -10.65 -11.20
C PHE C 238 7.16 -11.19 -12.14
N LEU C 239 5.95 -11.34 -11.63
CA LEU C 239 4.78 -11.55 -12.48
C LEU C 239 4.77 -10.48 -13.57
N GLY C 240 4.60 -10.89 -14.82
CA GLY C 240 4.56 -9.93 -15.91
C GLY C 240 5.91 -9.61 -16.52
N GLU C 241 6.94 -10.37 -16.15
CA GLU C 241 8.25 -10.25 -16.79
C GLU C 241 8.12 -10.42 -18.31
N ILE C 242 7.09 -11.15 -18.73
CA ILE C 242 6.65 -11.15 -20.11
C ILE C 242 5.18 -10.81 -20.13
N ARG C 243 4.81 -9.79 -20.91
CA ARG C 243 3.41 -9.36 -20.93
C ARG C 243 2.96 -8.97 -22.33
N CYS C 244 1.65 -9.11 -22.57
CA CYS C 244 1.06 -8.88 -23.89
C CYS C 244 -0.20 -8.05 -23.74
N ASN C 245 -0.70 -7.49 -24.84
CA ASN C 245 -1.91 -6.67 -24.79
C ASN C 245 -3.18 -7.46 -25.14
N SER C 246 -3.05 -8.76 -25.33
CA SER C 246 -4.22 -9.58 -25.65
C SER C 246 -3.99 -11.04 -25.28
N GLU C 247 -5.10 -11.76 -25.10
CA GLU C 247 -5.05 -13.18 -24.80
C GLU C 247 -4.36 -13.97 -25.89
N SER C 248 -4.70 -13.67 -27.14
CA SER C 248 -4.18 -14.43 -28.28
C SER C 248 -2.69 -14.17 -28.48
N SER C 249 -2.22 -12.98 -28.09
CA SER C 249 -0.80 -12.68 -28.21
C SER C 249 0.02 -13.50 -27.23
N VAL C 250 -0.57 -13.84 -26.08
CA VAL C 250 0.09 -14.76 -25.15
C VAL C 250 0.22 -16.15 -25.78
N LEU C 251 -0.88 -16.66 -26.33
CA LEU C 251 -0.92 -18.01 -26.90
C LEU C 251 0.08 -18.18 -28.05
N SER C 252 0.21 -17.16 -28.88
CA SER C 252 1.08 -17.20 -30.04
C SER C 252 2.50 -16.72 -29.74
N ALA C 253 2.73 -16.28 -28.50
CA ALA C 253 4.00 -15.67 -28.11
C ALA C 253 4.39 -14.58 -29.11
N HIS C 254 3.43 -13.71 -29.41
CA HIS C 254 3.57 -12.69 -30.44
C HIS C 254 4.68 -11.69 -30.13
N GLU C 255 5.28 -11.16 -31.18
CA GLU C 255 6.44 -10.28 -31.06
C GLU C 255 6.08 -8.94 -30.42
N SER C 256 4.79 -8.59 -30.45
CA SER C 256 4.31 -7.35 -29.84
C SER C 256 4.39 -7.40 -28.32
N CYS C 257 4.47 -8.61 -27.77
CA CYS C 257 4.64 -8.79 -26.34
C CYS C 257 5.94 -8.12 -25.88
N LEU C 258 5.95 -7.63 -24.65
CA LEU C 258 7.16 -7.05 -24.06
C LEU C 258 7.80 -8.06 -23.13
N ARG C 259 9.13 -7.98 -22.99
CA ARG C 259 9.80 -8.78 -21.96
C ARG C 259 11.00 -8.04 -21.38
N ALA C 260 11.36 -8.42 -20.15
CA ALA C 260 12.47 -7.83 -19.44
C ALA C 260 13.79 -8.31 -20.06
N PRO C 261 14.88 -7.55 -19.87
CA PRO C 261 16.14 -7.93 -20.49
C PRO C 261 16.68 -9.29 -20.03
N ASN C 262 17.31 -10.00 -20.95
CA ASN C 262 18.08 -11.21 -20.64
C ASN C 262 17.31 -12.30 -19.91
N LEU C 263 16.08 -12.56 -20.34
CA LEU C 263 15.27 -13.62 -19.76
C LEU C 263 15.66 -15.01 -20.28
N ILE C 264 16.42 -15.04 -21.37
CA ILE C 264 16.88 -16.30 -21.95
C ILE C 264 18.36 -16.51 -21.67
N SER C 265 18.66 -17.59 -20.95
CA SER C 265 20.04 -17.93 -20.62
C SER C 265 20.60 -18.95 -21.60
N TYR C 266 21.90 -18.90 -21.80
CA TYR C 266 22.56 -19.75 -22.79
C TYR C 266 23.76 -20.49 -22.20
N LYS C 267 23.87 -21.77 -22.54
CA LYS C 267 24.96 -22.61 -22.06
C LYS C 267 25.68 -23.27 -23.25
N PRO C 268 26.66 -22.55 -23.83
CA PRO C 268 27.44 -22.99 -24.99
C PRO C 268 28.32 -24.18 -24.66
N MET C 269 28.22 -25.25 -25.44
CA MET C 269 29.02 -26.45 -25.19
C MET C 269 29.60 -26.99 -26.50
N ILE C 270 30.43 -26.16 -27.13
CA ILE C 270 31.05 -26.44 -28.43
C ILE C 270 30.01 -26.68 -29.52
N ASP C 271 29.54 -27.92 -29.70
CA ASP C 271 28.53 -28.18 -30.71
C ASP C 271 27.19 -28.52 -30.06
N GLN C 272 27.17 -28.50 -28.74
CA GLN C 272 25.93 -28.61 -28.00
C GLN C 272 25.58 -27.24 -27.43
N LEU C 273 24.29 -26.98 -27.29
CA LEU C 273 23.85 -25.72 -26.72
C LEU C 273 22.53 -25.87 -26.02
N GLU C 274 22.40 -25.28 -24.85
CA GLU C 274 21.13 -25.25 -24.14
C GLU C 274 20.61 -23.83 -24.01
N CYS C 275 19.38 -23.63 -24.46
CA CYS C 275 18.68 -22.36 -24.25
C CYS C 275 17.57 -22.59 -23.23
N THR C 276 17.63 -21.85 -22.13
CA THR C 276 16.69 -22.04 -21.04
C THR C 276 16.06 -20.74 -20.56
N THR C 277 14.92 -20.88 -19.90
CA THR C 277 14.29 -19.77 -19.18
C THR C 277 14.00 -20.22 -17.75
N ASN C 278 13.98 -19.27 -16.84
CA ASN C 278 13.61 -19.55 -15.45
C ASN C 278 12.54 -18.56 -15.02
N LEU C 279 11.40 -18.64 -15.71
CA LEU C 279 10.34 -17.65 -15.56
C LEU C 279 9.35 -17.96 -14.44
N ILE C 280 8.81 -16.90 -13.84
CA ILE C 280 7.68 -17.03 -12.91
C ILE C 280 6.53 -17.78 -13.57
N ASP C 281 5.99 -18.76 -12.86
CA ASP C 281 4.82 -19.48 -13.35
C ASP C 281 3.55 -18.80 -12.82
N PRO C 282 2.87 -18.05 -13.70
CA PRO C 282 1.72 -17.24 -13.31
C PRO C 282 0.51 -18.11 -12.94
N PHE C 283 0.52 -19.37 -13.38
CA PHE C 283 -0.53 -20.30 -13.03
C PHE C 283 -0.35 -20.82 -11.62
N VAL C 284 0.89 -20.82 -11.14
CA VAL C 284 1.17 -21.18 -9.76
C VAL C 284 0.71 -20.02 -8.86
N VAL C 285 1.05 -18.80 -9.28
CA VAL C 285 0.58 -17.59 -8.59
C VAL C 285 -0.94 -17.57 -8.48
N PHE C 286 -1.62 -17.89 -9.59
CA PHE C 286 -3.08 -17.90 -9.61
C PHE C 286 -3.66 -18.86 -8.58
N GLU C 287 -3.14 -20.09 -8.57
CA GLU C 287 -3.67 -21.13 -7.70
C GLU C 287 -3.52 -20.77 -6.23
N ARG C 288 -2.40 -20.14 -5.87
CA ARG C 288 -2.14 -19.78 -4.50
C ARG C 288 -3.11 -18.72 -3.98
N GLY C 289 -3.55 -17.82 -4.87
CA GLY C 289 -4.39 -16.72 -4.47
C GLY C 289 -5.83 -16.79 -5.00
N SER C 290 -6.26 -18.00 -5.36
CA SER C 290 -7.58 -18.20 -5.94
C SER C 290 -8.69 -17.64 -5.06
N LEU C 291 -9.52 -16.77 -5.63
CA LEU C 291 -10.65 -16.21 -4.88
C LEU C 291 -11.66 -17.30 -4.57
N PRO C 292 -12.40 -17.16 -3.45
CA PRO C 292 -12.35 -16.07 -2.47
C PRO C 292 -11.11 -16.07 -1.59
N GLN C 293 -10.65 -14.87 -1.25
CA GLN C 293 -9.52 -14.68 -0.34
C GLN C 293 -9.86 -13.54 0.62
N THR C 294 -9.55 -13.73 1.91
CA THR C 294 -9.86 -12.72 2.92
C THR C 294 -8.60 -12.04 3.43
N ARG C 295 -8.57 -10.72 3.34
CA ARG C 295 -7.46 -9.93 3.87
C ARG C 295 -8.00 -8.78 4.72
N ASN C 296 -7.49 -8.64 5.94
CA ASN C 296 -7.94 -7.60 6.87
C ASN C 296 -9.47 -7.51 6.93
N ASP C 297 -10.11 -8.67 7.13
CA ASP C 297 -11.56 -8.78 7.26
C ASP C 297 -12.31 -8.38 5.97
N LYS C 298 -11.58 -8.29 4.86
CA LYS C 298 -12.22 -8.03 3.57
C LYS C 298 -12.21 -9.31 2.71
N THR C 299 -13.40 -9.78 2.35
CA THR C 299 -13.49 -10.96 1.51
C THR C 299 -13.53 -10.58 0.04
N PHE C 300 -12.49 -10.98 -0.69
CA PHE C 300 -12.39 -10.68 -2.11
C PHE C 300 -12.99 -11.82 -2.92
N ALA C 301 -13.91 -11.50 -3.82
CA ALA C 301 -14.59 -12.51 -4.62
C ALA C 301 -15.01 -11.94 -5.95
N ALA C 302 -15.35 -12.83 -6.89
CA ALA C 302 -15.87 -12.41 -8.18
C ALA C 302 -17.20 -11.68 -8.00
N SER C 303 -17.49 -10.75 -8.90
CA SER C 303 -18.68 -9.91 -8.81
C SER C 303 -19.97 -10.68 -9.13
N LYS C 304 -19.95 -11.44 -10.22
CA LYS C 304 -21.13 -12.20 -10.67
C LYS C 304 -22.34 -11.31 -10.88
N ARG C 307 -18.41 -8.71 -15.29
CA ARG C 307 -17.95 -9.29 -14.04
C ARG C 307 -17.00 -8.34 -13.31
N GLY C 308 -15.85 -8.85 -12.90
CA GLY C 308 -14.89 -8.09 -12.12
C GLY C 308 -14.83 -8.57 -10.68
N VAL C 309 -13.97 -7.96 -9.86
CA VAL C 309 -13.84 -8.41 -8.48
C VAL C 309 -14.41 -7.39 -7.49
N GLN C 310 -14.84 -7.90 -6.34
CA GLN C 310 -15.40 -7.08 -5.27
C GLN C 310 -14.80 -7.44 -3.92
N ALA C 311 -14.88 -6.51 -2.98
CA ALA C 311 -14.53 -6.79 -1.59
C ALA C 311 -15.78 -6.71 -0.72
N PHE C 312 -16.12 -7.81 -0.07
CA PHE C 312 -17.28 -7.87 0.81
C PHE C 312 -16.87 -7.74 2.28
N SER C 313 -17.59 -6.90 3.02
CA SER C 313 -17.48 -6.88 4.48
C SER C 313 -18.55 -7.79 5.05
N LYS C 314 -18.18 -9.00 5.43
CA LYS C 314 -19.16 -10.02 5.87
C LYS C 314 -19.40 -10.02 7.38
N GLY C 315 -18.57 -9.30 8.13
CA GLY C 315 -18.77 -9.16 9.56
C GLY C 315 -19.15 -7.74 9.91
N SER C 316 -18.29 -7.09 10.69
CA SER C 316 -18.44 -5.67 11.01
C SER C 316 -18.61 -4.77 9.79
N VAL C 317 -19.48 -3.77 9.91
CA VAL C 317 -19.64 -2.74 8.90
C VAL C 317 -19.67 -1.38 9.60
N GLN C 318 -18.80 -0.47 9.19
CA GLN C 318 -18.67 0.82 9.86
C GLN C 318 -19.28 1.96 9.04
N ALA C 319 -20.56 2.21 9.31
CA ALA C 319 -21.30 3.25 8.62
C ALA C 319 -22.43 3.75 9.48
N ASP C 320 -22.74 5.03 9.35
CA ASP C 320 -23.90 5.61 10.02
C ASP C 320 -24.98 5.90 9.00
N LEU C 321 -26.22 5.62 9.37
CA LEU C 321 -27.35 5.88 8.50
C LEU C 321 -28.29 6.88 9.17
N THR C 322 -28.77 7.84 8.39
CA THR C 322 -29.70 8.84 8.90
C THR C 322 -31.09 8.58 8.34
N LEU C 323 -32.05 8.37 9.22
CA LEU C 323 -33.41 8.08 8.81
C LEU C 323 -34.31 9.28 9.06
N MET C 324 -35.14 9.59 8.09
CA MET C 324 -36.18 10.60 8.27
C MET C 324 -37.53 9.97 8.00
N PHE C 325 -38.49 10.21 8.90
CA PHE C 325 -39.84 9.68 8.71
C PHE C 325 -40.83 10.82 8.54
N ASP C 326 -41.50 10.87 7.40
CA ASP C 326 -42.52 11.90 7.15
C ASP C 326 -43.61 11.79 8.20
N ASN C 327 -43.81 12.87 8.97
CA ASN C 327 -44.87 12.94 9.97
C ASN C 327 -44.84 11.83 11.02
N PHE C 328 -43.67 11.21 11.19
CA PHE C 328 -43.52 10.15 12.18
C PHE C 328 -42.20 10.28 12.92
N GLU C 329 -42.18 9.83 14.16
CA GLU C 329 -40.95 9.81 14.96
C GLU C 329 -40.83 8.49 15.69
N VAL C 330 -39.64 8.20 16.20
CA VAL C 330 -39.39 6.96 16.92
C VAL C 330 -40.16 6.92 18.24
N ASP C 331 -40.92 5.85 18.44
CA ASP C 331 -41.65 5.65 19.68
C ASP C 331 -40.82 4.75 20.59
N PHE C 332 -40.48 3.55 20.12
CA PHE C 332 -39.53 2.69 20.81
C PHE C 332 -38.83 1.74 19.83
N VAL C 333 -37.84 1.00 20.32
CA VAL C 333 -37.07 0.08 19.49
C VAL C 333 -37.01 -1.33 20.08
N GLY C 334 -36.86 -2.33 19.21
CA GLY C 334 -36.77 -3.71 19.65
C GLY C 334 -35.44 -4.04 20.31
N ALA C 335 -35.50 -4.75 21.42
CA ALA C 335 -34.29 -5.09 22.18
C ALA C 335 -33.51 -6.22 21.53
N ALA C 336 -32.20 -6.22 21.75
CA ALA C 336 -31.35 -7.32 21.31
C ALA C 336 -31.60 -8.53 22.21
N VAL C 337 -31.34 -9.72 21.69
CA VAL C 337 -31.53 -10.94 22.46
C VAL C 337 -30.21 -11.67 22.69
N SER C 338 -30.18 -12.52 23.71
CA SER C 338 -29.01 -13.35 24.01
C SER C 338 -28.81 -14.38 22.91
N CYS C 339 -27.56 -14.84 22.76
CA CYS C 339 -27.30 -16.01 21.94
C CYS C 339 -26.30 -16.92 22.64
N ASP C 340 -26.32 -18.20 22.28
CA ASP C 340 -25.32 -19.14 22.78
C ASP C 340 -24.50 -19.64 21.60
N ALA C 341 -23.19 -19.71 21.77
CA ALA C 341 -22.31 -20.13 20.68
C ALA C 341 -21.55 -21.41 21.02
N ALA C 342 -21.41 -22.28 20.03
CA ALA C 342 -20.64 -23.52 20.21
C ALA C 342 -19.59 -23.66 19.10
N PHE C 343 -18.34 -23.86 19.51
CA PHE C 343 -17.22 -23.97 18.58
C PHE C 343 -17.27 -25.27 17.78
N LEU C 344 -17.47 -25.14 16.46
CA LEU C 344 -17.51 -26.31 15.58
C LEU C 344 -16.11 -26.79 15.22
N ASN C 345 -15.47 -26.12 14.27
CA ASN C 345 -14.17 -26.56 13.79
C ASN C 345 -13.25 -25.40 13.37
N LEU C 346 -11.99 -25.72 13.09
CA LEU C 346 -11.00 -24.73 12.67
C LEU C 346 -10.03 -25.31 11.65
N THR C 347 -10.19 -24.92 10.39
CA THR C 347 -9.42 -25.50 9.28
C THR C 347 -8.66 -24.45 8.48
N GLY C 348 -7.39 -24.74 8.19
CA GLY C 348 -6.60 -23.84 7.37
C GLY C 348 -5.11 -23.93 7.69
N CYS C 349 -4.39 -22.85 7.40
CA CYS C 349 -2.96 -22.81 7.66
C CYS C 349 -2.58 -21.68 8.60
N TYR C 350 -1.37 -21.75 9.15
CA TYR C 350 -0.85 -20.68 9.98
C TYR C 350 0.31 -19.98 9.28
N SER C 351 0.56 -18.74 9.68
CA SER C 351 1.58 -17.89 9.05
C SER C 351 1.44 -17.88 7.54
N CYS C 352 0.25 -17.51 7.08
CA CYS C 352 -0.09 -17.54 5.66
C CYS C 352 -1.12 -16.48 5.36
N ASN C 353 -1.09 -15.98 4.13
CA ASN C 353 -2.00 -14.90 3.74
C ASN C 353 -3.46 -15.37 3.69
N ALA C 354 -3.67 -16.63 3.32
CA ALA C 354 -5.03 -17.18 3.25
C ALA C 354 -5.69 -17.29 4.63
N GLY C 355 -4.88 -17.52 5.66
CA GLY C 355 -5.40 -17.62 7.01
C GLY C 355 -6.11 -18.93 7.30
N ALA C 356 -6.98 -18.92 8.32
CA ALA C 356 -7.71 -20.11 8.73
C ALA C 356 -9.19 -19.80 8.95
N ARG C 357 -10.04 -20.76 8.65
CA ARG C 357 -11.48 -20.55 8.75
C ARG C 357 -12.06 -21.19 10.00
N VAL C 358 -12.58 -20.37 10.91
CA VAL C 358 -13.25 -20.87 12.10
C VAL C 358 -14.75 -20.91 11.87
N CYS C 359 -15.40 -21.95 12.38
CA CYS C 359 -16.85 -22.06 12.25
C CYS C 359 -17.47 -22.29 13.61
N LEU C 360 -18.56 -21.58 13.86
CA LEU C 360 -19.31 -21.71 15.10
C LEU C 360 -20.74 -22.11 14.79
N SER C 361 -21.41 -22.70 15.78
CA SER C 361 -22.86 -22.87 15.71
C SER C 361 -23.49 -21.90 16.70
N ILE C 362 -24.32 -21.01 16.19
CA ILE C 362 -24.85 -19.92 17.00
C ILE C 362 -26.36 -20.04 17.24
N THR C 363 -26.73 -20.33 18.49
CA THR C 363 -28.14 -20.47 18.85
C THR C 363 -28.67 -19.16 19.42
N SER C 364 -29.76 -18.65 18.86
CA SER C 364 -30.39 -17.42 19.33
C SER C 364 -31.90 -17.46 19.20
N THR C 365 -32.56 -16.40 19.67
CA THR C 365 -34.01 -16.32 19.64
C THR C 365 -34.49 -15.24 18.66
N GLY C 366 -33.55 -14.59 17.98
CA GLY C 366 -33.88 -13.52 17.05
C GLY C 366 -32.68 -13.04 16.25
N THR C 367 -32.92 -12.14 15.30
CA THR C 367 -31.87 -11.63 14.43
C THR C 367 -31.00 -10.61 15.16
N GLY C 368 -29.69 -10.74 15.02
CA GLY C 368 -28.75 -9.86 15.68
C GLY C 368 -27.34 -9.95 15.15
N THR C 369 -26.37 -9.97 16.07
CA THR C 369 -24.96 -10.04 15.73
C THR C 369 -24.13 -10.59 16.89
N LEU C 370 -23.31 -11.59 16.60
CA LEU C 370 -22.39 -12.13 17.60
C LEU C 370 -21.04 -11.45 17.53
N SER C 371 -20.53 -11.03 18.68
CA SER C 371 -19.20 -10.45 18.76
C SER C 371 -18.35 -11.17 19.81
N ALA C 372 -17.10 -11.47 19.46
CA ALA C 372 -16.22 -12.18 20.38
C ALA C 372 -14.79 -11.66 20.32
N HIS C 373 -14.04 -11.95 21.37
CA HIS C 373 -12.65 -11.49 21.48
C HIS C 373 -11.86 -12.42 22.38
N ASN C 374 -10.60 -12.65 22.04
CA ASN C 374 -9.73 -13.43 22.91
C ASN C 374 -9.22 -12.55 24.06
N LYS C 375 -8.43 -13.14 24.94
CA LYS C 375 -7.98 -12.47 26.17
C LYS C 375 -7.35 -11.09 25.93
N ASP C 376 -6.41 -11.02 25.01
CA ASP C 376 -5.66 -9.79 24.79
C ASP C 376 -6.29 -8.93 23.69
N GLY C 377 -7.43 -9.38 23.18
CA GLY C 377 -8.16 -8.64 22.15
C GLY C 377 -7.45 -8.52 20.82
N SER C 378 -6.56 -9.45 20.52
CA SER C 378 -5.82 -9.45 19.25
C SER C 378 -6.62 -10.17 18.16
N LEU C 379 -7.61 -10.94 18.59
CA LEU C 379 -8.50 -11.63 17.68
C LEU C 379 -9.94 -11.19 17.89
N HIS C 380 -10.63 -10.92 16.80
CA HIS C 380 -12.00 -10.45 16.84
C HIS C 380 -12.89 -11.31 15.95
N ILE C 381 -14.09 -11.64 16.44
CA ILE C 381 -15.06 -12.40 15.66
C ILE C 381 -16.41 -11.67 15.59
N VAL C 382 -16.87 -11.39 14.38
CA VAL C 382 -18.20 -10.85 14.17
C VAL C 382 -18.99 -11.69 13.16
N LEU C 383 -20.06 -12.31 13.63
CA LEU C 383 -20.87 -13.20 12.82
C LEU C 383 -22.37 -12.94 13.04
N PRO C 384 -23.18 -13.04 11.96
CA PRO C 384 -24.62 -12.83 12.05
C PRO C 384 -25.32 -13.86 12.93
N SER C 385 -26.30 -13.44 13.72
CA SER C 385 -27.09 -14.36 14.53
C SER C 385 -28.54 -14.32 14.10
N GLU C 386 -29.22 -15.46 14.22
CA GLU C 386 -30.61 -15.57 13.81
C GLU C 386 -31.41 -16.41 14.81
N ASN C 387 -32.73 -16.28 14.75
CA ASN C 387 -33.62 -17.09 15.57
C ASN C 387 -33.41 -18.57 15.27
N GLY C 388 -32.79 -19.29 16.21
CA GLY C 388 -32.55 -20.71 16.03
C GLY C 388 -31.08 -21.08 16.09
N THR C 389 -30.76 -22.32 15.71
CA THR C 389 -29.38 -22.79 15.71
C THR C 389 -28.82 -22.92 14.29
N LYS C 390 -27.85 -22.08 13.97
CA LYS C 390 -27.27 -22.05 12.63
C LYS C 390 -25.75 -21.86 12.67
N ASP C 391 -25.05 -22.53 11.75
CA ASP C 391 -23.60 -22.41 11.70
C ASP C 391 -23.15 -21.21 10.86
N GLN C 392 -22.04 -20.59 11.27
CA GLN C 392 -21.49 -19.40 10.62
C GLN C 392 -19.97 -19.43 10.66
N CYS C 393 -19.32 -18.80 9.68
CA CYS C 393 -17.86 -18.89 9.56
C CYS C 393 -17.17 -17.59 9.16
N GLN C 394 -15.90 -17.46 9.54
CA GLN C 394 -15.08 -16.34 9.11
C GLN C 394 -13.59 -16.69 9.18
N ILE C 395 -12.78 -15.89 8.48
CA ILE C 395 -11.34 -16.13 8.42
C ILE C 395 -10.61 -15.43 9.56
N LEU C 396 -9.67 -16.14 10.17
CA LEU C 396 -8.77 -15.56 11.16
C LEU C 396 -7.34 -15.87 10.75
N HIS C 397 -6.37 -15.18 11.35
CA HIS C 397 -4.98 -15.42 11.02
C HIS C 397 -4.16 -15.75 12.26
N PHE C 398 -3.48 -16.89 12.21
CA PHE C 398 -2.69 -17.39 13.35
C PHE C 398 -1.23 -17.58 12.99
N THR C 399 -0.41 -17.85 14.00
CA THR C 399 1.02 -18.04 13.79
C THR C 399 1.56 -19.33 14.42
N VAL C 400 0.67 -20.20 14.90
CA VAL C 400 1.09 -21.47 15.50
C VAL C 400 0.32 -22.64 14.90
N PRO C 401 0.99 -23.81 14.80
CA PRO C 401 0.34 -25.04 14.32
C PRO C 401 -0.75 -25.54 15.26
N GLU C 402 -0.54 -25.39 16.57
CA GLU C 402 -1.52 -25.81 17.56
C GLU C 402 -2.17 -24.61 18.24
N VAL C 403 -3.40 -24.30 17.82
CA VAL C 403 -4.09 -23.09 18.30
C VAL C 403 -4.96 -23.35 19.53
N GLU C 404 -4.73 -22.55 20.56
CA GLU C 404 -5.56 -22.56 21.77
C GLU C 404 -5.97 -21.13 22.14
N GLU C 405 -7.23 -20.78 21.89
CA GLU C 405 -7.72 -19.44 22.16
C GLU C 405 -9.07 -19.45 22.86
N GLU C 406 -9.17 -18.72 23.96
CA GLU C 406 -10.46 -18.58 24.64
C GLU C 406 -11.13 -17.26 24.26
N PHE C 407 -12.33 -17.37 23.71
CA PHE C 407 -13.11 -16.21 23.32
C PHE C 407 -14.25 -15.93 24.30
N MET C 408 -14.50 -14.65 24.53
CA MET C 408 -15.72 -14.21 25.23
C MET C 408 -16.68 -13.66 24.19
N TYR C 409 -17.77 -14.38 23.94
CA TYR C 409 -18.73 -13.97 22.91
C TYR C 409 -19.97 -13.36 23.53
N SER C 410 -20.73 -12.62 22.73
CA SER C 410 -21.99 -12.03 23.16
C SER C 410 -22.82 -11.47 22.01
N CYS C 411 -24.13 -11.49 22.17
CA CYS C 411 -25.02 -10.83 21.22
C CYS C 411 -25.75 -9.64 21.84
N ASP C 412 -25.74 -9.59 23.17
CA ASP C 412 -26.46 -8.54 23.91
C ASP C 412 -25.53 -7.67 24.75
N GLY C 413 -24.46 -8.27 25.27
CA GLY C 413 -23.52 -7.51 26.09
C GLY C 413 -22.91 -8.28 27.25
N ASP C 414 -23.58 -9.32 27.72
CA ASP C 414 -23.02 -10.16 28.79
C ASP C 414 -22.29 -11.36 28.18
N GLU C 415 -20.97 -11.36 28.31
CA GLU C 415 -20.12 -12.33 27.64
C GLU C 415 -20.00 -13.64 28.39
N ARG C 416 -19.74 -14.71 27.64
CA ARG C 416 -19.51 -16.05 28.20
C ARG C 416 -18.32 -16.70 27.50
N PRO C 417 -17.65 -17.64 28.18
CA PRO C 417 -16.45 -18.28 27.61
C PRO C 417 -16.73 -19.09 26.34
N LEU C 418 -15.69 -19.24 25.52
CA LEU C 418 -15.75 -20.02 24.29
C LEU C 418 -14.33 -20.36 23.83
N LEU C 419 -14.02 -21.66 23.75
CA LEU C 419 -12.67 -22.07 23.44
C LEU C 419 -12.54 -22.49 21.97
N VAL C 420 -11.57 -21.89 21.28
CA VAL C 420 -11.25 -22.25 19.91
C VAL C 420 -9.96 -23.05 19.87
N LYS C 421 -10.02 -24.24 19.28
CA LYS C 421 -8.90 -25.18 19.32
C LYS C 421 -8.79 -25.94 18.00
N GLY C 422 -7.60 -25.91 17.38
CA GLY C 422 -7.41 -26.59 16.11
C GLY C 422 -5.96 -26.75 15.67
N THR C 423 -5.76 -27.52 14.60
CA THR C 423 -4.44 -27.76 14.04
C THR C 423 -4.33 -27.20 12.63
N LEU C 424 -3.40 -26.27 12.43
CA LEU C 424 -3.21 -25.64 11.13
C LEU C 424 -1.91 -26.11 10.46
N ILE C 425 -1.97 -26.31 9.15
CA ILE C 425 -0.81 -26.76 8.40
C ILE C 425 0.16 -25.63 8.12
N ALA C 426 1.42 -25.98 7.88
CA ALA C 426 2.42 -24.98 7.55
C ALA C 426 2.58 -24.86 6.05
N ILE C 427 3.00 -23.69 5.60
CA ILE C 427 3.31 -23.48 4.19
C ILE C 427 4.77 -23.11 4.03
N ASP C 428 5.55 -24.04 3.48
CA ASP C 428 6.98 -23.83 3.27
C ASP C 428 7.25 -22.67 2.31
N PRO C 429 8.38 -21.98 2.50
CA PRO C 429 8.79 -20.91 1.58
C PRO C 429 8.82 -21.44 0.15
N PHE C 430 8.40 -20.62 -0.80
CA PHE C 430 8.26 -21.09 -2.17
C PHE C 430 8.93 -20.15 -3.17
N ASP C 431 9.19 -20.69 -4.35
CA ASP C 431 9.76 -19.95 -5.46
C ASP C 431 8.91 -20.22 -6.69
N ASP C 432 8.34 -19.17 -7.27
CA ASP C 432 7.43 -19.34 -8.39
C ASP C 432 8.14 -19.60 -9.71
N ARG C 433 9.46 -19.39 -9.72
CA ARG C 433 10.26 -19.66 -10.92
C ARG C 433 10.22 -21.13 -11.32
N ARG C 434 10.11 -21.37 -12.63
CA ARG C 434 10.21 -22.72 -13.16
C ARG C 434 11.17 -22.75 -14.35
N GLU C 435 12.15 -23.63 -14.26
CA GLU C 435 13.10 -23.89 -15.35
C GLU C 435 12.39 -24.46 -16.57
N ALA C 436 12.73 -23.96 -17.75
CA ALA C 436 12.14 -24.46 -18.99
C ALA C 436 13.16 -24.46 -20.12
N GLY C 437 12.90 -25.27 -21.14
CA GLY C 437 13.76 -25.32 -22.30
C GLY C 437 14.78 -26.44 -22.20
N GLY C 438 15.85 -26.32 -22.97
CA GLY C 438 16.87 -27.34 -22.98
C GLY C 438 17.71 -27.30 -24.22
N GLU C 439 18.13 -28.48 -24.68
CA GLU C 439 19.08 -28.61 -25.78
C GLU C 439 18.55 -28.02 -27.09
N SER C 440 19.44 -27.38 -27.83
CA SER C 440 19.11 -26.82 -29.15
C SER C 440 18.94 -27.92 -30.18
N THR C 441 18.27 -27.58 -31.29
CA THR C 441 18.27 -28.43 -32.46
C THR C 441 19.50 -28.07 -33.29
N VAL C 442 20.41 -29.02 -33.47
CA VAL C 442 21.66 -28.74 -34.16
C VAL C 442 21.51 -28.81 -35.69
N VAL C 443 21.80 -27.68 -36.33
CA VAL C 443 21.70 -27.57 -37.78
C VAL C 443 22.99 -28.01 -38.46
N ASN C 444 22.88 -28.70 -39.60
CA ASN C 444 24.03 -29.05 -40.41
C ASN C 444 24.39 -27.92 -41.35
N PRO C 445 25.71 -27.64 -41.49
CA PRO C 445 26.19 -26.51 -42.29
C PRO C 445 25.93 -26.68 -43.79
N LYS C 446 25.66 -25.57 -44.47
CA LYS C 446 25.46 -25.57 -45.92
C LYS C 446 26.31 -24.48 -46.57
#